data_5M8M
#
_entry.id   5M8M
#
_cell.length_a   90.255
_cell.length_b   141.535
_cell.length_c   192.128
_cell.angle_alpha   90.000
_cell.angle_beta   90.000
_cell.angle_gamma   90.000
#
_symmetry.space_group_name_H-M   'P 21 21 21'
#
loop_
_entity.id
_entity.type
_entity.pdbx_description
1 polymer '5,6-dihydroxyindole-2-carboxylic acid oxidase'
2 branched 2-acetamido-2-deoxy-beta-D-glucopyranose-(1-4)-[alpha-L-fucopyranose-(1-6)]2-acetamido-2-deoxy-beta-D-glucopyranose
3 branched alpha-L-fucopyranose-(1-6)-2-acetamido-2-deoxy-beta-D-glucopyranose
4 branched 2-acetamido-2-deoxy-beta-D-glucopyranose-(1-4)-2-acetamido-2-deoxy-beta-D-glucopyranose
5 branched alpha-D-mannopyranose-(1-3)-alpha-D-mannopyranose-(1-4)-2-acetamido-2-deoxy-beta-D-glucopyranose-(1-4)-2-acetamido-2-deoxy-beta-D-glucopyranose
6 branched alpha-D-mannopyranose-(1-3)-alpha-D-mannopyranose-(1-4)-2-acetamido-2-deoxy-beta-D-glucopyranose-(1-4)-[alpha-L-fucopyranose-(1-6)]2-acetamido-2-deoxy-beta-D-glucopyranose
7 branched alpha-D-mannopyranose-(1-3)-[alpha-D-mannopyranose-(1-6)]alpha-D-mannopyranose-(1-4)-2-acetamido-2-deoxy-beta-D-glucopyranose-(1-4)-2-acetamido-2-deoxy-beta-D-glucopyranose
8 non-polymer 'ZINC ION'
9 non-polymer 5-HYDROXY-2-(HYDROXYMETHYL)-4H-PYRAN-4-ONE
10 non-polymer 2-acetamido-2-deoxy-beta-D-glucopyranose
11 water water
#
_entity_poly.entity_id   1
_entity_poly.type   'polypeptide(L)'
_entity_poly.pdbx_seq_one_letter_code
;QFPRQCATVEALRSGMCCPDLSPVSGPGTDRCGSSSGRGRCEAVTADSRPHSPQYPHDGRDDREVWPLRFFNRTCHCNGN
FSGHNCGTCRPGWRGAACDQRVLIVRRNLLDLSKEEKNHFVRALDMAKRTTHPLFVIATRRSEEILGPDGNTPQFENISI
YNYFVWTHYYSVKKTFLGVGQESFGEVDFSHEGPAFLTWHRYHLLRLEKDMQEMLQEPSFSLPYWNFATGKNVCDICTDD
LMGSRSNFDSTLISPNSVFSQWRVVCDSLEDYDTLGTLCNSTEDGPIRRNPAGNVARPMVQRLPEPQDVAQCLEVGLFDT
PPFYSNSTNSFRNTVEGYSDPTGKYDPAVRSLHNLAHLFLNGTGGQTHLSPNDPIFVLLHTFTDAVFDEWLRRYNADIST
FPLENAPIGHNRQYNMVPFWPPVTNTEMFVTAPDNLGYTYEIQWPS
;
_entity_poly.pdbx_strand_id   A,B,C,D
#
# COMPACT_ATOMS: atom_id res chain seq x y z
N GLN A 1 4.84 -29.45 -9.20
CA GLN A 1 3.68 -29.69 -10.05
C GLN A 1 2.64 -30.40 -9.23
N PHE A 2 1.76 -31.10 -9.81
CA PHE A 2 0.63 -31.21 -8.91
C PHE A 2 0.43 -32.64 -8.43
N PRO A 3 0.03 -32.82 -7.17
CA PRO A 3 -0.36 -34.15 -6.72
C PRO A 3 -1.30 -34.79 -7.72
N ARG A 4 -1.08 -36.08 -7.98
CA ARG A 4 -1.87 -36.73 -9.01
C ARG A 4 -3.36 -36.71 -8.67
N GLN A 5 -3.71 -36.55 -7.40
CA GLN A 5 -5.12 -36.46 -7.07
C GLN A 5 -5.68 -35.06 -7.22
N CYS A 6 -4.84 -34.06 -7.48
CA CYS A 6 -5.30 -32.73 -7.80
C CYS A 6 -5.36 -32.48 -9.30
N ALA A 7 -4.86 -33.41 -10.11
CA ALA A 7 -4.85 -33.28 -11.56
C ALA A 7 -6.06 -33.94 -12.18
N THR A 8 -7.23 -33.61 -11.65
CA THR A 8 -8.50 -34.09 -12.16
C THR A 8 -9.32 -32.91 -12.63
N VAL A 9 -10.44 -33.21 -13.28
CA VAL A 9 -11.35 -32.15 -13.66
C VAL A 9 -11.97 -31.53 -12.42
N GLU A 10 -12.39 -32.36 -11.46
CA GLU A 10 -13.03 -31.83 -10.28
C GLU A 10 -12.14 -30.84 -9.56
N ALA A 11 -10.89 -31.21 -9.34
CA ALA A 11 -10.02 -30.34 -8.55
C ALA A 11 -9.71 -29.06 -9.29
N LEU A 12 -9.45 -29.14 -10.59
CA LEU A 12 -9.01 -27.94 -11.30
C LEU A 12 -10.13 -26.92 -11.43
N ARG A 13 -11.37 -27.39 -11.58
CA ARG A 13 -12.48 -26.48 -11.73
C ARG A 13 -12.87 -25.84 -10.41
N SER A 14 -12.69 -26.55 -9.31
CA SER A 14 -12.96 -25.94 -8.01
C SER A 14 -11.83 -25.03 -7.58
N GLY A 15 -10.64 -25.16 -8.17
CA GLY A 15 -9.51 -24.36 -7.73
C GLY A 15 -8.96 -24.79 -6.40
N MET A 16 -9.30 -25.99 -5.97
CA MET A 16 -8.91 -26.52 -4.67
C MET A 16 -7.99 -27.70 -4.84
N CYS A 17 -6.81 -27.63 -4.24
CA CYS A 17 -5.92 -28.78 -4.19
C CYS A 17 -5.69 -29.10 -2.72
N CYS A 18 -6.64 -29.81 -2.14
CA CYS A 18 -6.65 -30.16 -0.73
C CYS A 18 -7.01 -31.62 -0.59
N PRO A 19 -6.10 -32.52 -0.96
CA PRO A 19 -6.45 -33.95 -0.99
C PRO A 19 -6.60 -34.57 0.39
N ASP A 20 -7.22 -35.74 0.42
CA ASP A 20 -7.43 -36.50 1.64
C ASP A 20 -6.11 -37.06 2.15
N LEU A 21 -6.10 -37.39 3.45
CA LEU A 21 -4.98 -38.14 4.00
C LEU A 21 -5.39 -39.59 4.20
N SER A 22 -6.19 -39.88 5.23
CA SER A 22 -6.81 -41.18 5.38
C SER A 22 -8.31 -40.95 5.50
N PRO A 23 -9.01 -40.94 4.40
CA PRO A 23 -10.44 -40.54 4.33
C PRO A 23 -11.40 -41.62 4.77
N VAL A 24 -11.47 -41.83 6.08
CA VAL A 24 -12.28 -42.93 6.60
C VAL A 24 -13.76 -42.70 6.29
N SER A 25 -14.29 -41.54 6.67
CA SER A 25 -15.73 -41.33 6.46
C SER A 25 -16.11 -41.12 4.98
N GLY A 26 -15.24 -41.33 4.02
CA GLY A 26 -15.55 -41.08 2.64
C GLY A 26 -14.69 -39.97 2.07
N PRO A 27 -14.77 -39.74 0.77
CA PRO A 27 -13.95 -38.70 0.16
C PRO A 27 -14.26 -37.33 0.75
N GLY A 28 -13.25 -36.48 0.81
CA GLY A 28 -13.41 -35.14 1.34
C GLY A 28 -13.55 -35.06 2.83
N THR A 29 -13.56 -36.18 3.54
CA THR A 29 -13.74 -36.15 4.98
C THR A 29 -12.43 -36.05 5.73
N ASP A 30 -11.31 -36.00 5.03
CA ASP A 30 -10.02 -35.91 5.68
C ASP A 30 -9.08 -35.05 4.84
N ARG A 31 -9.58 -33.93 4.36
CA ARG A 31 -8.74 -33.03 3.60
C ARG A 31 -7.64 -32.47 4.49
N CYS A 32 -6.43 -32.44 3.96
CA CYS A 32 -5.24 -31.95 4.65
C CYS A 32 -5.02 -32.63 5.99
N GLY A 33 -5.53 -33.84 6.17
CA GLY A 33 -5.37 -34.50 7.45
C GLY A 33 -6.00 -33.76 8.60
N SER A 34 -7.10 -33.06 8.33
CA SER A 34 -7.75 -32.28 9.38
C SER A 34 -8.38 -33.16 10.42
N SER A 35 -8.75 -34.39 10.08
CA SER A 35 -9.31 -35.27 11.08
C SER A 35 -8.29 -35.58 12.16
N SER A 36 -7.01 -35.49 11.83
CA SER A 36 -5.92 -35.84 12.72
C SER A 36 -5.24 -34.63 13.35
N GLY A 37 -5.70 -33.43 13.06
CA GLY A 37 -5.04 -32.25 13.56
C GLY A 37 -3.80 -31.85 12.80
N ARG A 38 -3.57 -32.43 11.63
CA ARG A 38 -2.34 -32.17 10.89
C ARG A 38 -2.42 -30.93 10.01
N GLY A 39 -3.58 -30.59 9.45
CA GLY A 39 -3.67 -29.38 8.67
C GLY A 39 -5.10 -29.02 8.37
N ARG A 40 -5.27 -27.99 7.55
CA ARG A 40 -6.60 -27.58 7.11
C ARG A 40 -6.50 -26.94 5.74
N CYS A 41 -7.57 -27.10 4.96
CA CYS A 41 -7.65 -26.52 3.62
C CYS A 41 -8.01 -25.05 3.73
N GLU A 42 -7.18 -24.18 3.17
CA GLU A 42 -7.45 -22.75 3.33
C GLU A 42 -6.89 -21.99 2.13
N ALA A 43 -7.00 -20.67 2.19
CA ALA A 43 -6.64 -19.87 1.04
C ALA A 43 -5.13 -19.88 0.80
N VAL A 44 -4.75 -19.72 -0.43
CA VAL A 44 -3.35 -19.61 -0.81
C VAL A 44 -2.88 -18.18 -0.58
N THR A 45 -1.70 -18.04 -0.02
CA THR A 45 -1.00 -16.77 -0.03
C THR A 45 -0.09 -16.72 -1.26
N ALA A 46 -0.19 -15.66 -2.03
CA ALA A 46 0.70 -15.46 -3.16
C ALA A 46 1.18 -14.02 -3.16
N ASP A 47 2.31 -13.79 -3.80
CA ASP A 47 2.92 -12.47 -3.77
C ASP A 47 2.13 -11.50 -4.63
N SER A 48 1.81 -10.34 -4.07
CA SER A 48 1.05 -9.32 -4.77
C SER A 48 1.92 -8.24 -5.40
N ARG A 49 3.14 -8.07 -4.91
CA ARG A 49 3.92 -6.88 -5.14
C ARG A 49 4.34 -6.73 -6.59
N PRO A 50 4.79 -5.54 -6.96
CA PRO A 50 5.26 -5.34 -8.33
C PRO A 50 6.61 -5.98 -8.58
N HIS A 51 6.79 -6.42 -9.81
CA HIS A 51 8.04 -6.96 -10.30
C HIS A 51 8.70 -5.94 -11.19
N SER A 52 9.92 -6.26 -11.62
CA SER A 52 10.67 -5.34 -12.45
C SER A 52 9.94 -5.10 -13.77
N PRO A 53 10.21 -3.97 -14.42
CA PRO A 53 9.51 -3.66 -15.68
C PRO A 53 9.95 -4.51 -16.86
N GLN A 54 10.84 -5.49 -16.65
CA GLN A 54 11.40 -6.26 -17.76
C GLN A 54 10.38 -7.22 -18.36
N TYR A 55 9.42 -7.66 -17.58
CA TYR A 55 8.39 -8.54 -18.10
C TYR A 55 7.14 -7.72 -18.37
N PRO A 56 6.74 -7.53 -19.61
CA PRO A 56 5.60 -6.68 -19.94
C PRO A 56 4.27 -7.38 -20.06
N HIS A 57 4.21 -8.70 -19.87
CA HIS A 57 3.03 -9.47 -20.26
C HIS A 57 2.23 -9.99 -19.08
N ASP A 58 2.10 -9.18 -18.03
CA ASP A 58 1.17 -9.54 -16.97
C ASP A 58 -0.14 -9.97 -17.59
N GLY A 59 -0.70 -11.05 -17.10
CA GLY A 59 -1.94 -11.58 -17.60
C GLY A 59 -1.80 -12.71 -18.60
N ARG A 60 -0.60 -12.96 -19.11
CA ARG A 60 -0.45 -13.93 -20.18
C ARG A 60 0.13 -15.27 -19.75
N ASP A 61 0.86 -15.35 -18.64
CA ASP A 61 1.70 -16.50 -18.33
C ASP A 61 1.23 -17.17 -17.04
N ASP A 62 1.17 -18.51 -17.07
CA ASP A 62 0.66 -19.28 -15.94
C ASP A 62 1.58 -19.31 -14.73
N ARG A 63 2.81 -18.85 -14.85
CA ARG A 63 3.73 -18.83 -13.73
C ARG A 63 3.64 -17.54 -12.93
N GLU A 64 2.76 -16.64 -13.31
CA GLU A 64 2.59 -15.38 -12.60
C GLU A 64 1.75 -15.64 -11.36
N VAL A 65 2.15 -15.02 -10.25
CA VAL A 65 1.42 -15.13 -8.99
C VAL A 65 1.21 -16.61 -8.65
N TRP A 66 2.29 -17.38 -8.71
CA TRP A 66 2.21 -18.84 -8.60
C TRP A 66 1.67 -19.25 -7.24
N PRO A 67 0.67 -20.14 -7.18
CA PRO A 67 -0.06 -20.96 -8.15
C PRO A 67 -1.48 -20.54 -8.48
N LEU A 68 -1.79 -19.25 -8.43
CA LEU A 68 -3.19 -18.86 -8.45
C LEU A 68 -3.88 -19.14 -9.78
N ARG A 69 -3.15 -19.27 -10.87
CA ARG A 69 -3.80 -19.64 -12.12
C ARG A 69 -4.28 -21.08 -12.12
N PHE A 70 -3.87 -21.88 -11.17
CA PHE A 70 -4.35 -23.26 -11.10
C PHE A 70 -5.17 -23.56 -9.87
N PHE A 71 -4.79 -23.07 -8.70
CA PHE A 71 -5.52 -23.39 -7.48
C PHE A 71 -5.49 -22.20 -6.54
N ASN A 72 -6.60 -21.97 -5.84
CA ASN A 72 -6.62 -20.90 -4.83
C ASN A 72 -6.89 -21.43 -3.43
N ARG A 73 -6.91 -22.74 -3.24
CA ARG A 73 -6.98 -23.36 -1.92
C ARG A 73 -5.92 -24.45 -1.84
N THR A 74 -5.15 -24.48 -0.77
CA THR A 74 -4.19 -25.56 -0.52
C THR A 74 -4.26 -25.98 0.92
N CYS A 75 -3.46 -26.98 1.25
CA CYS A 75 -3.30 -27.40 2.62
C CYS A 75 -2.24 -26.56 3.30
N HIS A 76 -2.58 -25.97 4.44
CA HIS A 76 -1.58 -25.50 5.38
C HIS A 76 -1.52 -26.51 6.51
N CYS A 77 -0.32 -26.91 6.87
CA CYS A 77 -0.10 -27.93 7.87
C CYS A 77 0.30 -27.26 9.17
N ASN A 78 -0.17 -27.82 10.27
CA ASN A 78 0.09 -27.27 11.57
C ASN A 78 1.46 -27.71 12.07
N GLY A 79 2.19 -26.79 12.65
CA GLY A 79 3.38 -27.18 13.41
C GLY A 79 4.51 -27.62 12.52
N ASN A 80 5.05 -28.80 12.77
CA ASN A 80 6.11 -29.33 11.94
C ASN A 80 5.60 -30.41 10.96
N PHE A 81 4.30 -30.50 10.75
CA PHE A 81 3.79 -31.33 9.66
C PHE A 81 3.98 -30.62 8.34
N SER A 82 3.94 -31.40 7.25
CA SER A 82 4.25 -30.85 5.93
C SER A 82 3.73 -31.79 4.86
N GLY A 83 3.75 -31.31 3.63
CA GLY A 83 3.41 -32.10 2.47
C GLY A 83 2.05 -31.75 1.90
N HIS A 84 1.82 -32.22 0.68
CA HIS A 84 0.64 -31.84 -0.08
C HIS A 84 -0.66 -32.16 0.66
N ASN A 85 -0.66 -33.20 1.49
CA ASN A 85 -1.81 -33.50 2.33
C ASN A 85 -1.43 -33.55 3.80
N CYS A 86 -0.35 -32.85 4.17
CA CYS A 86 0.13 -32.78 5.55
C CYS A 86 0.44 -34.15 6.14
N GLY A 87 0.78 -35.10 5.29
CA GLY A 87 1.04 -36.45 5.73
C GLY A 87 2.48 -36.78 5.98
N THR A 88 3.39 -35.83 5.86
CA THR A 88 4.78 -36.05 6.20
C THR A 88 5.23 -34.90 7.09
N CYS A 89 6.54 -34.67 7.17
CA CYS A 89 7.08 -33.72 8.13
C CYS A 89 7.88 -32.63 7.42
N ARG A 90 8.14 -31.55 8.15
CA ARG A 90 9.03 -30.50 7.67
C ARG A 90 10.44 -31.01 7.56
N PRO A 91 11.26 -30.42 6.68
CA PRO A 91 12.67 -30.80 6.59
C PRO A 91 13.34 -30.75 7.95
N GLY A 92 13.95 -31.88 8.34
CA GLY A 92 14.59 -31.99 9.62
C GLY A 92 13.80 -32.69 10.69
N TRP A 93 12.72 -33.38 10.34
CA TRP A 93 11.83 -33.95 11.33
C TRP A 93 11.24 -35.23 10.80
N ARG A 94 11.00 -36.17 11.70
CA ARG A 94 10.50 -37.50 11.35
C ARG A 94 9.54 -37.94 12.43
N GLY A 95 8.97 -39.12 12.22
CA GLY A 95 8.04 -39.68 13.19
C GLY A 95 6.61 -39.29 12.90
N ALA A 96 5.68 -40.13 13.36
CA ALA A 96 4.29 -39.88 13.07
C ALA A 96 3.81 -38.56 13.65
N ALA A 97 4.44 -38.08 14.71
CA ALA A 97 4.13 -36.79 15.29
C ALA A 97 5.11 -35.72 14.87
N CYS A 98 6.03 -36.04 13.98
CA CYS A 98 7.01 -35.09 13.47
C CYS A 98 7.74 -34.41 14.61
N ASP A 99 8.14 -35.20 15.60
CA ASP A 99 8.79 -34.72 16.80
C ASP A 99 10.17 -35.33 17.04
N GLN A 100 10.76 -36.00 16.06
CA GLN A 100 12.11 -36.54 16.18
C GLN A 100 13.01 -35.84 15.19
N ARG A 101 14.12 -35.29 15.68
CA ARG A 101 15.04 -34.57 14.83
C ARG A 101 15.93 -35.53 14.06
N VAL A 102 16.33 -35.11 12.87
CA VAL A 102 17.34 -35.82 12.09
C VAL A 102 18.30 -34.78 11.56
N LEU A 103 19.52 -35.24 11.29
CA LEU A 103 20.53 -34.41 10.64
C LEU A 103 21.37 -35.31 9.78
N ILE A 104 21.31 -35.13 8.47
CA ILE A 104 22.09 -35.92 7.55
C ILE A 104 23.20 -35.05 6.99
N VAL A 105 24.25 -35.72 6.51
CA VAL A 105 25.50 -35.06 6.15
C VAL A 105 25.71 -35.24 4.66
N ARG A 106 25.93 -34.14 3.97
CA ARG A 106 26.25 -34.14 2.55
C ARG A 106 27.76 -34.05 2.43
N ARG A 107 28.36 -35.05 1.78
CA ARG A 107 29.81 -35.22 1.76
C ARG A 107 30.33 -35.09 0.35
N ASN A 108 31.64 -34.84 0.24
CA ASN A 108 32.33 -34.83 -1.04
C ASN A 108 32.31 -36.22 -1.64
N LEU A 109 31.89 -36.31 -2.91
CA LEU A 109 31.73 -37.59 -3.58
C LEU A 109 33.04 -38.37 -3.63
N LEU A 110 34.16 -37.67 -3.80
CA LEU A 110 35.44 -38.35 -3.89
C LEU A 110 35.87 -38.98 -2.57
N ASP A 111 35.24 -38.64 -1.47
CA ASP A 111 35.56 -39.18 -0.16
C ASP A 111 34.65 -40.31 0.26
N LEU A 112 33.73 -40.73 -0.59
CA LEU A 112 32.88 -41.83 -0.20
C LEU A 112 33.61 -43.15 -0.40
N SER A 113 33.06 -44.21 0.19
CA SER A 113 33.67 -45.51 0.03
C SER A 113 33.29 -46.08 -1.32
N LYS A 114 34.06 -47.07 -1.76
CA LYS A 114 33.71 -47.78 -2.98
C LYS A 114 32.26 -48.20 -2.97
N GLU A 115 31.77 -48.68 -1.82
CA GLU A 115 30.38 -49.11 -1.72
C GLU A 115 29.43 -47.93 -1.72
N GLU A 116 29.82 -46.83 -1.08
CA GLU A 116 28.95 -45.66 -1.06
C GLU A 116 28.88 -45.02 -2.43
N LYS A 117 29.99 -44.98 -3.17
CA LYS A 117 29.96 -44.49 -4.53
C LYS A 117 29.04 -45.32 -5.40
N ASN A 118 29.12 -46.65 -5.28
CA ASN A 118 28.29 -47.51 -6.10
C ASN A 118 26.84 -47.37 -5.75
N HIS A 119 26.54 -47.15 -4.47
CA HIS A 119 25.16 -47.03 -4.03
C HIS A 119 24.55 -45.73 -4.54
N PHE A 120 25.33 -44.66 -4.58
CA PHE A 120 24.83 -43.39 -5.07
C PHE A 120 24.48 -43.50 -6.55
N VAL A 121 25.40 -44.00 -7.36
CA VAL A 121 25.20 -44.13 -8.79
C VAL A 121 24.01 -45.02 -9.09
N ARG A 122 23.91 -46.17 -8.43
CA ARG A 122 22.77 -47.03 -8.68
C ARG A 122 21.46 -46.41 -8.20
N ALA A 123 21.52 -45.42 -7.31
CA ALA A 123 20.30 -44.81 -6.81
C ALA A 123 19.78 -43.75 -7.76
N LEU A 124 20.69 -42.95 -8.31
CA LEU A 124 20.32 -42.04 -9.38
C LEU A 124 19.67 -42.79 -10.52
N ASP A 125 20.29 -43.88 -10.94
CA ASP A 125 19.78 -44.67 -12.05
C ASP A 125 18.39 -45.19 -11.74
N MET A 126 18.13 -45.56 -10.50
CA MET A 126 16.81 -46.05 -10.15
C MET A 126 15.80 -44.93 -10.21
N ALA A 127 16.22 -43.74 -9.78
CA ALA A 127 15.34 -42.58 -9.84
C ALA A 127 15.02 -42.22 -11.27
N LYS A 128 15.97 -42.44 -12.19
CA LYS A 128 15.70 -42.14 -13.59
C LYS A 128 14.65 -43.05 -14.19
N ARG A 129 14.48 -44.25 -13.66
CA ARG A 129 13.55 -45.23 -14.20
C ARG A 129 12.28 -45.41 -13.39
N THR A 130 12.17 -44.79 -12.23
CA THR A 130 11.06 -45.04 -11.29
C THR A 130 10.04 -43.91 -11.36
N THR A 131 8.78 -44.27 -11.60
CA THR A 131 7.73 -43.27 -11.70
C THR A 131 7.53 -42.56 -10.36
N HIS A 132 7.41 -41.23 -10.41
CA HIS A 132 7.23 -40.45 -9.21
C HIS A 132 5.89 -40.77 -8.59
N PRO A 133 5.84 -41.10 -7.30
CA PRO A 133 4.59 -41.59 -6.73
C PRO A 133 3.55 -40.51 -6.50
N LEU A 134 3.91 -39.24 -6.54
CA LEU A 134 2.98 -38.18 -6.17
C LEU A 134 2.69 -37.22 -7.32
N PHE A 135 3.71 -36.71 -7.99
CA PHE A 135 3.55 -35.62 -8.93
C PHE A 135 3.44 -36.10 -10.36
N VAL A 136 2.52 -35.49 -11.10
CA VAL A 136 2.42 -35.63 -12.55
C VAL A 136 2.68 -34.28 -13.17
N ILE A 137 3.22 -34.25 -14.38
CA ILE A 137 3.54 -32.99 -15.04
C ILE A 137 2.48 -32.68 -16.10
N ALA A 138 2.36 -31.40 -16.41
CA ALA A 138 1.41 -30.93 -17.41
C ALA A 138 2.10 -30.82 -18.75
N THR A 139 1.39 -31.21 -19.80
CA THR A 139 1.88 -31.09 -21.15
C THR A 139 1.26 -29.94 -21.91
N ARG A 140 0.28 -29.26 -21.32
CA ARG A 140 -0.37 -28.11 -21.93
C ARG A 140 -0.45 -27.00 -20.91
N ARG A 141 -0.47 -25.77 -21.42
CA ARG A 141 -0.70 -24.61 -20.58
C ARG A 141 -2.12 -24.65 -20.03
N SER A 142 -2.44 -23.71 -19.15
CA SER A 142 -3.70 -23.83 -18.40
C SER A 142 -4.91 -23.71 -19.30
N GLU A 143 -4.79 -23.00 -20.42
CA GLU A 143 -5.96 -22.80 -21.28
C GLU A 143 -6.44 -24.11 -21.87
N GLU A 144 -5.54 -25.03 -22.17
CA GLU A 144 -5.88 -26.32 -22.73
C GLU A 144 -5.72 -27.45 -21.74
N ILE A 145 -5.67 -27.15 -20.44
CA ILE A 145 -5.24 -28.19 -19.50
C ILE A 145 -6.26 -29.31 -19.42
N LEU A 146 -7.52 -29.04 -19.71
CA LEU A 146 -8.51 -30.09 -19.59
C LEU A 146 -8.71 -30.87 -20.89
N GLY A 147 -7.83 -30.70 -21.85
CA GLY A 147 -7.83 -31.52 -23.03
C GLY A 147 -8.84 -31.10 -24.08
N PRO A 148 -8.81 -31.75 -25.23
CA PRO A 148 -9.71 -31.34 -26.31
C PRO A 148 -11.18 -31.46 -25.94
N ASP A 149 -11.59 -32.61 -25.41
CA ASP A 149 -12.99 -32.79 -25.06
C ASP A 149 -13.35 -32.09 -23.76
N GLY A 150 -12.46 -31.28 -23.22
CA GLY A 150 -12.72 -30.57 -21.98
C GLY A 150 -12.82 -31.44 -20.73
N ASN A 151 -12.67 -32.75 -20.84
CA ASN A 151 -12.76 -33.62 -19.68
C ASN A 151 -11.62 -34.64 -19.65
N THR A 152 -10.45 -34.27 -20.17
CA THR A 152 -9.29 -35.14 -20.16
C THR A 152 -8.07 -34.35 -19.69
N PRO A 153 -7.76 -34.39 -18.39
CA PRO A 153 -6.62 -33.62 -17.88
C PRO A 153 -5.31 -34.02 -18.53
N GLN A 154 -4.56 -33.03 -18.97
CA GLN A 154 -3.38 -33.23 -19.81
C GLN A 154 -2.12 -33.41 -18.96
N PHE A 155 -2.10 -34.47 -18.18
CA PHE A 155 -0.99 -34.73 -17.29
C PHE A 155 -0.36 -36.07 -17.63
N GLU A 156 0.89 -36.22 -17.27
CA GLU A 156 1.60 -37.46 -17.51
C GLU A 156 2.37 -37.85 -16.28
N ASN A 157 2.43 -39.14 -16.02
CA ASN A 157 3.41 -39.68 -15.10
C ASN A 157 4.81 -39.37 -15.59
N ILE A 158 5.75 -39.31 -14.65
CA ILE A 158 7.13 -39.01 -14.96
C ILE A 158 8.02 -39.64 -13.90
N SER A 159 9.28 -39.89 -14.25
CA SER A 159 10.13 -40.53 -13.28
C SER A 159 10.62 -39.51 -12.26
N ILE A 160 11.08 -40.01 -11.11
CA ILE A 160 11.57 -39.13 -10.04
C ILE A 160 12.63 -38.18 -10.57
N TYR A 161 13.57 -38.68 -11.36
CA TYR A 161 14.62 -37.80 -11.82
C TYR A 161 14.19 -36.93 -12.99
N ASN A 162 13.23 -37.38 -13.79
CA ASN A 162 12.77 -36.50 -14.87
C ASN A 162 11.91 -35.36 -14.31
N TYR A 163 11.16 -35.60 -13.24
CA TYR A 163 10.52 -34.51 -12.51
C TYR A 163 11.53 -33.43 -12.15
N PHE A 164 12.64 -33.83 -11.55
CA PHE A 164 13.74 -32.92 -11.27
C PHE A 164 14.16 -32.13 -12.52
N VAL A 165 14.15 -32.76 -13.68
CA VAL A 165 14.53 -32.06 -14.89
C VAL A 165 13.41 -31.13 -15.35
N TRP A 166 12.18 -31.59 -15.23
CA TRP A 166 11.04 -30.85 -15.73
C TRP A 166 10.86 -29.52 -15.02
N THR A 167 10.84 -29.53 -13.68
CA THR A 167 10.60 -28.30 -12.94
C THR A 167 11.63 -27.23 -13.26
N HIS A 168 12.88 -27.62 -13.45
CA HIS A 168 13.91 -26.66 -13.84
C HIS A 168 13.62 -26.07 -15.22
N TYR A 169 13.14 -26.91 -16.14
CA TYR A 169 12.73 -26.44 -17.46
C TYR A 169 11.53 -25.49 -17.35
N TYR A 170 10.50 -25.90 -16.63
CA TYR A 170 9.31 -25.07 -16.53
C TYR A 170 9.65 -23.69 -16.01
N SER A 171 10.62 -23.59 -15.11
CA SER A 171 10.94 -22.29 -14.55
C SER A 171 11.80 -21.44 -15.47
N VAL A 172 12.27 -21.98 -16.59
CA VAL A 172 13.10 -21.22 -17.52
C VAL A 172 12.47 -21.05 -18.89
N LYS A 173 11.36 -21.73 -19.17
CA LYS A 173 10.75 -21.71 -20.48
C LYS A 173 10.29 -20.30 -20.84
N LYS A 174 10.08 -20.08 -22.13
CA LYS A 174 9.65 -18.79 -22.64
C LYS A 174 8.15 -18.61 -22.45
N THR A 175 7.73 -17.35 -22.45
CA THR A 175 6.30 -17.08 -22.38
C THR A 175 5.71 -17.31 -23.76
N PHE A 176 4.76 -18.21 -23.86
CA PHE A 176 4.10 -18.41 -25.14
C PHE A 176 3.15 -17.26 -25.38
N LEU A 177 3.23 -16.67 -26.57
CA LEU A 177 2.42 -15.50 -26.85
C LEU A 177 1.29 -15.76 -27.84
N GLY A 178 1.33 -16.86 -28.57
CA GLY A 178 0.25 -17.23 -29.48
C GLY A 178 0.91 -17.64 -30.78
N VAL A 179 0.24 -18.54 -31.50
CA VAL A 179 0.84 -19.12 -32.71
C VAL A 179 1.08 -18.03 -33.73
N GLY A 180 2.21 -18.08 -34.40
CA GLY A 180 2.60 -17.02 -35.29
C GLY A 180 3.51 -15.98 -34.69
N GLN A 181 3.65 -15.93 -33.36
CA GLN A 181 4.40 -14.88 -32.71
C GLN A 181 5.60 -15.44 -31.97
N GLU A 182 6.62 -14.61 -31.81
CA GLU A 182 7.84 -15.02 -31.13
C GLU A 182 7.59 -15.07 -29.63
N SER A 183 7.82 -16.24 -29.05
CA SER A 183 7.70 -16.38 -27.61
C SER A 183 8.68 -15.46 -26.90
N PHE A 184 8.33 -15.07 -25.69
CA PHE A 184 9.07 -14.07 -24.95
C PHE A 184 10.06 -14.75 -24.01
N GLY A 185 11.31 -14.30 -24.04
CA GLY A 185 12.36 -14.96 -23.30
C GLY A 185 13.07 -14.15 -22.25
N GLU A 186 12.70 -12.89 -22.04
CA GLU A 186 13.32 -12.09 -20.98
C GLU A 186 12.64 -12.35 -19.64
N VAL A 187 12.76 -13.58 -19.20
CA VAL A 187 12.08 -14.06 -18.01
C VAL A 187 12.70 -15.39 -17.64
N ASP A 188 12.88 -15.63 -16.35
CA ASP A 188 13.58 -16.79 -15.83
C ASP A 188 13.25 -16.87 -14.35
N PHE A 189 12.37 -17.78 -13.98
CA PHE A 189 11.85 -17.82 -12.62
C PHE A 189 12.81 -18.47 -11.63
N SER A 190 14.02 -18.82 -12.05
CA SER A 190 14.96 -19.47 -11.17
C SER A 190 16.40 -19.05 -11.42
N HIS A 191 16.65 -18.17 -12.38
CA HIS A 191 17.99 -17.71 -12.67
C HIS A 191 17.98 -16.20 -12.87
N GLU A 192 19.16 -15.59 -12.73
CA GLU A 192 19.37 -14.17 -12.93
C GLU A 192 18.45 -13.35 -12.03
N GLY A 193 18.63 -13.53 -10.74
CA GLY A 193 17.81 -12.85 -9.76
C GLY A 193 17.99 -13.45 -8.39
N PRO A 194 17.55 -12.74 -7.37
CA PRO A 194 17.83 -13.17 -5.99
C PRO A 194 17.36 -14.58 -5.68
N ALA A 195 16.38 -15.10 -6.40
CA ALA A 195 15.82 -16.41 -6.07
C ALA A 195 16.68 -17.55 -6.60
N PHE A 196 17.82 -17.24 -7.23
CA PHE A 196 18.67 -18.28 -7.75
C PHE A 196 19.04 -19.30 -6.70
N LEU A 197 19.63 -18.87 -5.59
CA LEU A 197 20.14 -19.83 -4.61
C LEU A 197 19.02 -20.56 -3.89
N THR A 198 17.94 -19.87 -3.55
CA THR A 198 16.87 -20.54 -2.82
C THR A 198 16.01 -21.42 -3.71
N TRP A 199 15.84 -21.07 -4.98
CA TRP A 199 15.15 -21.96 -5.89
C TRP A 199 15.89 -23.29 -5.99
N HIS A 200 17.19 -23.23 -6.23
CA HIS A 200 17.93 -24.46 -6.44
C HIS A 200 18.13 -25.24 -5.15
N ARG A 201 18.08 -24.58 -3.99
CA ARG A 201 18.16 -25.29 -2.72
C ARG A 201 16.92 -26.15 -2.49
N TYR A 202 15.73 -25.66 -2.84
CA TYR A 202 14.54 -26.48 -2.69
C TYR A 202 14.52 -27.58 -3.74
N HIS A 203 15.01 -27.28 -4.94
CA HIS A 203 15.14 -28.26 -6.00
C HIS A 203 15.94 -29.48 -5.53
N LEU A 204 17.08 -29.26 -4.88
CA LEU A 204 17.86 -30.37 -4.34
C LEU A 204 17.14 -31.05 -3.20
N LEU A 205 16.50 -30.30 -2.33
CA LEU A 205 15.86 -30.88 -1.15
C LEU A 205 14.71 -31.79 -1.54
N ARG A 206 13.95 -31.41 -2.56
CA ARG A 206 12.87 -32.27 -3.02
C ARG A 206 13.38 -33.55 -3.68
N LEU A 207 14.54 -33.51 -4.32
CA LEU A 207 15.10 -34.73 -4.89
C LEU A 207 15.63 -35.66 -3.80
N GLU A 208 16.42 -35.12 -2.87
CA GLU A 208 16.89 -35.89 -1.72
C GLU A 208 15.74 -36.61 -1.04
N LYS A 209 14.65 -35.92 -0.80
CA LYS A 209 13.53 -36.53 -0.10
C LYS A 209 12.91 -37.63 -0.94
N ASP A 210 12.73 -37.37 -2.23
CA ASP A 210 12.16 -38.37 -3.11
C ASP A 210 13.00 -39.64 -3.14
N MET A 211 14.32 -39.49 -3.19
CA MET A 211 15.19 -40.66 -3.21
C MET A 211 15.18 -41.38 -1.86
N GLN A 212 15.13 -40.65 -0.76
CA GLN A 212 15.01 -41.32 0.53
C GLN A 212 13.81 -42.25 0.56
N GLU A 213 12.66 -41.80 0.06
CA GLU A 213 11.46 -42.64 0.09
C GLU A 213 11.55 -43.77 -0.92
N MET A 214 12.27 -43.55 -2.02
CA MET A 214 12.38 -44.60 -3.03
C MET A 214 13.25 -45.74 -2.53
N LEU A 215 14.34 -45.42 -1.83
CA LEU A 215 15.22 -46.40 -1.26
C LEU A 215 14.78 -46.89 0.11
N GLN A 216 13.78 -46.27 0.71
CA GLN A 216 13.52 -46.45 2.14
C GLN A 216 14.81 -46.35 2.95
N GLU A 217 15.45 -45.19 2.87
CA GLU A 217 16.68 -44.93 3.60
C GLU A 217 16.63 -43.52 4.16
N PRO A 218 16.04 -43.36 5.33
CA PRO A 218 15.92 -42.02 5.93
C PRO A 218 17.16 -41.18 5.88
N SER A 219 18.34 -41.78 5.80
CA SER A 219 19.58 -41.05 5.99
C SER A 219 20.38 -40.91 4.70
N PHE A 220 19.82 -41.34 3.58
CA PHE A 220 20.47 -41.14 2.29
C PHE A 220 20.63 -39.65 2.02
N SER A 221 21.77 -39.27 1.48
CA SER A 221 22.05 -37.86 1.26
C SER A 221 22.78 -37.66 -0.06
N LEU A 222 22.71 -36.49 -0.57
CA LEU A 222 23.27 -36.14 -1.87
C LEU A 222 24.69 -35.64 -1.73
N PRO A 223 25.65 -36.18 -2.43
CA PRO A 223 27.01 -35.68 -2.28
C PRO A 223 27.23 -34.38 -3.00
N TYR A 224 28.46 -33.91 -3.06
CA TYR A 224 28.78 -32.73 -3.83
C TYR A 224 30.07 -32.96 -4.59
N TRP A 225 30.28 -32.13 -5.59
CA TRP A 225 31.48 -32.13 -6.39
C TRP A 225 32.16 -30.80 -6.14
N ASN A 226 33.36 -30.83 -5.59
CA ASN A 226 34.13 -29.61 -5.43
C ASN A 226 34.71 -29.27 -6.79
N PHE A 227 34.02 -28.41 -7.54
CA PHE A 227 34.49 -28.03 -8.86
C PHE A 227 35.39 -26.83 -8.84
N ALA A 228 35.78 -26.35 -7.67
CA ALA A 228 36.65 -25.17 -7.59
C ALA A 228 38.08 -25.60 -7.36
N THR A 229 38.55 -26.42 -8.28
CA THR A 229 39.88 -27.00 -8.24
C THR A 229 40.81 -26.45 -9.31
N GLY A 230 40.32 -25.61 -10.21
CA GLY A 230 41.16 -25.11 -11.26
C GLY A 230 41.63 -26.16 -12.23
N LYS A 231 40.97 -27.30 -12.28
CA LYS A 231 41.46 -28.39 -13.09
C LYS A 231 41.01 -28.24 -14.54
N ASN A 232 41.83 -28.82 -15.42
CA ASN A 232 41.59 -28.96 -16.85
C ASN A 232 40.57 -30.01 -17.17
N VAL A 233 40.17 -30.82 -16.18
CA VAL A 233 39.42 -32.04 -16.39
C VAL A 233 38.36 -32.17 -15.32
N CYS A 234 37.41 -33.05 -15.59
CA CYS A 234 36.33 -33.31 -14.65
C CYS A 234 36.77 -34.50 -13.81
N ASP A 235 37.16 -34.23 -12.56
CA ASP A 235 37.71 -35.31 -11.75
C ASP A 235 36.68 -36.32 -11.29
N ILE A 236 35.38 -36.08 -11.53
CA ILE A 236 34.36 -37.07 -11.19
C ILE A 236 33.81 -37.76 -12.42
N CYS A 237 34.40 -37.54 -13.59
CA CYS A 237 33.91 -38.16 -14.81
C CYS A 237 34.66 -39.48 -15.04
N THR A 238 34.37 -40.44 -14.17
CA THR A 238 34.97 -41.76 -14.28
C THR A 238 33.87 -42.81 -14.24
N ASP A 239 34.20 -44.03 -14.59
CA ASP A 239 33.13 -44.99 -14.81
C ASP A 239 32.59 -45.57 -13.52
N ASP A 240 33.27 -45.37 -12.40
CA ASP A 240 32.68 -45.72 -11.12
C ASP A 240 31.77 -44.63 -10.59
N LEU A 241 31.83 -43.43 -11.15
CA LEU A 241 30.87 -42.39 -10.77
C LEU A 241 30.72 -41.38 -11.90
N MET A 242 29.53 -41.25 -12.46
CA MET A 242 29.16 -40.15 -13.38
C MET A 242 29.60 -40.36 -14.82
N GLY A 243 30.57 -41.22 -15.06
CA GLY A 243 30.88 -41.59 -16.44
C GLY A 243 32.02 -40.84 -17.09
N SER A 244 32.93 -41.58 -17.69
CA SER A 244 34.04 -40.99 -18.42
C SER A 244 33.69 -40.84 -19.90
N ARG A 245 34.62 -40.28 -20.66
CA ARG A 245 34.38 -40.05 -22.07
C ARG A 245 34.34 -41.36 -22.85
N SER A 246 33.38 -41.48 -23.74
CA SER A 246 33.32 -42.62 -24.63
C SER A 246 34.46 -42.58 -25.64
N ASN A 247 35.07 -43.74 -25.90
CA ASN A 247 36.16 -43.83 -26.85
C ASN A 247 35.68 -43.84 -28.28
N PHE A 248 34.41 -44.11 -28.53
CA PHE A 248 33.84 -44.12 -29.86
C PHE A 248 33.22 -42.80 -30.28
N ASP A 249 32.98 -41.88 -29.34
CA ASP A 249 32.39 -40.58 -29.63
C ASP A 249 32.79 -39.66 -28.48
N SER A 250 33.61 -38.66 -28.77
CA SER A 250 34.18 -37.84 -27.71
C SER A 250 33.18 -36.92 -27.03
N THR A 251 31.93 -36.87 -27.48
CA THR A 251 30.90 -36.07 -26.83
C THR A 251 29.84 -36.93 -26.17
N LEU A 252 30.03 -38.24 -26.10
CA LEU A 252 29.12 -39.13 -25.40
C LEU A 252 29.77 -39.67 -24.14
N ILE A 253 28.98 -40.30 -23.34
CA ILE A 253 29.43 -40.91 -22.10
C ILE A 253 29.77 -42.36 -22.38
N SER A 254 30.92 -42.80 -21.87
CA SER A 254 31.41 -44.16 -21.89
C SER A 254 30.31 -45.21 -21.77
N PRO A 255 30.33 -46.25 -22.60
CA PRO A 255 29.33 -47.33 -22.46
C PRO A 255 29.49 -48.16 -21.23
N ASN A 256 30.57 -48.00 -20.48
CA ASN A 256 30.75 -48.73 -19.23
C ASN A 256 30.06 -48.03 -18.07
N SER A 257 29.40 -46.91 -18.31
CA SER A 257 28.64 -46.18 -17.31
C SER A 257 27.17 -46.27 -17.61
N VAL A 258 26.34 -46.42 -16.57
CA VAL A 258 24.89 -46.45 -16.78
C VAL A 258 24.41 -45.16 -17.40
N PHE A 259 25.12 -44.06 -17.20
CA PHE A 259 24.59 -42.79 -17.65
C PHE A 259 24.65 -42.66 -19.15
N SER A 260 25.41 -43.52 -19.83
CA SER A 260 25.36 -43.59 -21.28
C SER A 260 24.04 -44.16 -21.75
N GLN A 261 23.30 -44.81 -20.87
CA GLN A 261 21.98 -45.33 -21.21
C GLN A 261 20.87 -44.30 -21.03
N TRP A 262 21.12 -43.18 -20.36
CA TRP A 262 20.06 -42.23 -20.10
C TRP A 262 19.63 -41.54 -21.38
N ARG A 263 18.34 -41.22 -21.49
CA ARG A 263 17.81 -40.41 -22.57
C ARG A 263 17.05 -39.20 -22.02
N VAL A 264 17.28 -38.04 -22.63
CA VAL A 264 16.90 -36.75 -22.06
C VAL A 264 15.46 -36.39 -22.34
N VAL A 265 14.85 -35.60 -21.44
CA VAL A 265 13.55 -34.99 -21.67
C VAL A 265 13.72 -33.50 -21.92
N CYS A 266 12.69 -32.90 -22.52
CA CYS A 266 12.52 -31.46 -22.68
C CYS A 266 13.40 -30.86 -23.78
N ASP A 267 13.78 -31.64 -24.78
CA ASP A 267 14.72 -31.16 -25.77
C ASP A 267 14.07 -30.73 -27.07
N SER A 268 12.76 -30.54 -27.09
CA SER A 268 12.11 -30.11 -28.31
C SER A 268 11.61 -28.68 -28.21
N LEU A 269 12.51 -27.73 -28.01
CA LEU A 269 12.07 -26.36 -27.79
C LEU A 269 11.41 -25.77 -29.02
N GLU A 270 11.79 -26.23 -30.20
CA GLU A 270 11.12 -25.77 -31.42
C GLU A 270 9.63 -25.99 -31.33
N ASP A 271 9.20 -27.13 -30.80
CA ASP A 271 7.77 -27.41 -30.73
C ASP A 271 7.10 -26.56 -29.66
N TYR A 272 7.68 -26.54 -28.46
CA TYR A 272 7.05 -25.90 -27.32
C TYR A 272 6.81 -24.42 -27.58
N ASP A 273 7.78 -23.74 -28.16
CA ASP A 273 7.71 -22.29 -28.33
C ASP A 273 6.92 -21.87 -29.56
N THR A 274 6.57 -22.80 -30.45
CA THR A 274 5.72 -22.49 -31.59
C THR A 274 4.33 -23.08 -31.47
N LEU A 275 4.21 -24.28 -30.92
CA LEU A 275 2.87 -24.85 -30.74
C LEU A 275 2.25 -24.49 -29.39
N GLY A 276 3.01 -23.95 -28.45
CA GLY A 276 2.46 -23.61 -27.15
C GLY A 276 2.22 -24.77 -26.21
N THR A 277 2.94 -25.87 -26.39
CA THR A 277 2.86 -27.02 -25.51
C THR A 277 3.99 -26.96 -24.47
N LEU A 278 4.05 -27.99 -23.64
CA LEU A 278 5.07 -28.10 -22.61
C LEU A 278 5.85 -29.38 -22.78
N CYS A 279 7.06 -29.40 -22.22
CA CYS A 279 7.85 -30.62 -22.15
C CYS A 279 7.03 -31.74 -21.53
N ASN A 280 7.09 -32.91 -22.13
CA ASN A 280 6.43 -34.08 -21.58
C ASN A 280 7.45 -35.16 -21.25
N SER A 281 6.95 -36.33 -20.93
CA SER A 281 7.73 -37.41 -20.34
C SER A 281 8.36 -38.35 -21.36
N THR A 282 8.26 -38.05 -22.65
CA THR A 282 8.88 -38.87 -23.67
C THR A 282 10.34 -38.47 -23.81
N GLU A 283 11.24 -39.44 -23.74
CA GLU A 283 12.66 -39.19 -23.78
C GLU A 283 13.19 -39.29 -25.22
N ASP A 284 14.34 -38.66 -25.45
CA ASP A 284 14.83 -38.49 -26.80
C ASP A 284 16.27 -38.92 -26.94
N GLY A 285 17.17 -38.00 -27.24
CA GLY A 285 18.54 -38.39 -27.48
C GLY A 285 19.32 -38.71 -26.22
N PRO A 286 20.63 -38.87 -26.35
CA PRO A 286 21.47 -39.16 -25.20
C PRO A 286 22.05 -37.89 -24.57
N ILE A 287 22.69 -38.08 -23.43
CA ILE A 287 23.44 -37.00 -22.82
C ILE A 287 24.67 -36.72 -23.66
N ARG A 288 24.95 -35.46 -23.89
CA ARG A 288 26.20 -35.05 -24.51
C ARG A 288 27.06 -34.40 -23.45
N ARG A 289 28.35 -34.73 -23.45
CA ARG A 289 29.27 -34.15 -22.48
C ARG A 289 30.66 -34.16 -23.08
N ASN A 290 31.39 -33.06 -22.89
CA ASN A 290 32.72 -32.94 -23.48
C ASN A 290 33.57 -32.00 -22.61
N PRO A 291 34.01 -32.46 -21.45
CA PRO A 291 34.75 -31.57 -20.54
C PRO A 291 35.96 -30.92 -21.19
N ALA A 292 36.09 -29.62 -20.93
CA ALA A 292 37.07 -28.74 -21.53
C ALA A 292 36.95 -28.66 -23.04
N GLY A 293 35.85 -29.15 -23.61
CA GLY A 293 35.76 -29.27 -25.06
C GLY A 293 35.52 -27.99 -25.85
N ASN A 294 35.24 -26.86 -25.24
CA ASN A 294 34.76 -25.71 -26.01
C ASN A 294 35.94 -24.87 -26.52
N VAL A 295 36.62 -25.41 -27.55
CA VAL A 295 37.78 -24.74 -28.11
C VAL A 295 37.43 -23.35 -28.60
N ALA A 296 36.21 -23.15 -29.06
CA ALA A 296 35.80 -21.86 -29.59
C ALA A 296 35.73 -20.78 -28.52
N ARG A 297 35.76 -21.17 -27.25
CA ARG A 297 35.50 -20.25 -26.15
C ARG A 297 36.46 -20.57 -25.01
N PRO A 298 37.74 -20.22 -25.18
CA PRO A 298 38.79 -20.66 -24.23
C PRO A 298 38.53 -20.35 -22.77
N MET A 299 37.66 -19.40 -22.47
CA MET A 299 37.44 -19.02 -21.07
C MET A 299 36.75 -20.12 -20.28
N VAL A 300 35.92 -20.92 -20.94
CA VAL A 300 35.17 -21.97 -20.26
C VAL A 300 35.83 -23.33 -20.46
N GLN A 301 37.16 -23.36 -20.50
CA GLN A 301 37.91 -24.61 -20.66
C GLN A 301 38.71 -24.98 -19.43
N ARG A 302 38.58 -24.22 -18.35
CA ARG A 302 39.19 -24.52 -17.07
C ARG A 302 38.17 -24.20 -16.00
N LEU A 303 38.21 -24.92 -14.90
CA LEU A 303 37.23 -24.78 -13.83
C LEU A 303 37.60 -23.63 -12.93
N PRO A 304 36.66 -23.17 -12.10
CA PRO A 304 36.98 -22.11 -11.13
C PRO A 304 38.15 -22.49 -10.25
N GLU A 305 38.85 -21.50 -9.83
CA GLU A 305 40.01 -21.59 -8.97
C GLU A 305 39.61 -21.60 -7.51
N PRO A 306 40.34 -22.32 -6.66
CA PRO A 306 40.01 -22.32 -5.22
C PRO A 306 39.91 -20.92 -4.61
N GLN A 307 40.64 -19.96 -5.14
CA GLN A 307 40.58 -18.61 -4.60
C GLN A 307 39.24 -17.96 -4.90
N ASP A 308 38.57 -18.39 -5.96
CA ASP A 308 37.30 -17.77 -6.33
C ASP A 308 36.24 -18.04 -5.28
N VAL A 309 36.28 -19.22 -4.68
CA VAL A 309 35.34 -19.50 -3.60
C VAL A 309 35.66 -18.69 -2.37
N ALA A 310 36.94 -18.51 -2.06
CA ALA A 310 37.30 -17.65 -0.95
C ALA A 310 36.83 -16.23 -1.20
N GLN A 311 37.01 -15.75 -2.42
CA GLN A 311 36.72 -14.35 -2.71
C GLN A 311 35.23 -14.07 -2.66
N CYS A 312 34.40 -14.95 -3.21
CA CYS A 312 32.98 -14.67 -3.26
C CYS A 312 32.33 -14.80 -1.89
N LEU A 313 32.94 -15.50 -0.96
CA LEU A 313 32.44 -15.53 0.40
C LEU A 313 32.80 -14.28 1.20
N GLU A 314 33.57 -13.35 0.63
CA GLU A 314 33.79 -12.05 1.24
C GLU A 314 32.77 -11.02 0.81
N VAL A 315 32.00 -11.29 -0.24
CA VAL A 315 30.96 -10.36 -0.65
C VAL A 315 29.85 -10.43 0.38
N GLY A 316 29.54 -9.30 1.01
CA GLY A 316 28.72 -9.29 2.19
C GLY A 316 27.23 -9.10 1.99
N LEU A 317 26.82 -8.48 0.90
CA LEU A 317 25.39 -8.29 0.66
C LEU A 317 24.85 -9.43 -0.17
N PHE A 318 23.71 -9.99 0.24
CA PHE A 318 23.19 -11.13 -0.51
C PHE A 318 22.90 -10.76 -1.95
N ASP A 319 22.23 -9.63 -2.17
CA ASP A 319 22.02 -9.15 -3.53
C ASP A 319 22.02 -7.63 -3.52
N THR A 320 22.11 -7.04 -4.71
CA THR A 320 22.11 -5.60 -4.89
C THR A 320 21.24 -5.25 -6.08
N PRO A 321 20.80 -3.99 -6.19
CA PRO A 321 20.03 -3.61 -7.38
C PRO A 321 20.89 -3.60 -8.61
N PRO A 322 20.30 -3.83 -9.80
CA PRO A 322 18.89 -4.13 -10.07
C PRO A 322 18.42 -5.57 -9.85
N PHE A 323 19.14 -6.36 -9.06
CA PHE A 323 18.77 -7.74 -8.75
C PHE A 323 18.65 -8.57 -10.02
N TYR A 324 19.75 -8.66 -10.75
CA TYR A 324 19.74 -9.22 -12.08
C TYR A 324 21.15 -9.69 -12.40
N SER A 325 21.34 -10.23 -13.60
CA SER A 325 22.66 -10.74 -13.93
C SER A 325 23.70 -9.65 -14.10
N ASN A 326 23.32 -8.38 -14.06
CA ASN A 326 24.29 -7.30 -14.05
C ASN A 326 24.39 -6.61 -12.68
N SER A 327 23.90 -7.25 -11.63
CA SER A 327 24.18 -6.75 -10.29
C SER A 327 25.67 -6.78 -9.99
N THR A 328 26.14 -5.76 -9.28
CA THR A 328 27.52 -5.69 -8.87
C THR A 328 27.59 -5.81 -7.36
N ASN A 329 28.68 -6.41 -6.87
CA ASN A 329 28.84 -6.70 -5.43
C ASN A 329 27.66 -7.46 -4.87
N SER A 330 27.10 -8.36 -5.65
CA SER A 330 26.00 -9.20 -5.21
C SER A 330 26.51 -10.61 -5.00
N PHE A 331 26.37 -11.13 -3.78
CA PHE A 331 26.86 -12.48 -3.53
C PHE A 331 26.09 -13.49 -4.36
N ARG A 332 24.77 -13.30 -4.47
CA ARG A 332 23.98 -14.14 -5.34
C ARG A 332 24.54 -14.11 -6.77
N ASN A 333 24.76 -12.91 -7.31
CA ASN A 333 25.25 -12.79 -8.66
C ASN A 333 26.71 -13.20 -8.79
N THR A 334 27.47 -13.17 -7.72
CA THR A 334 28.86 -13.60 -7.81
C THR A 334 28.95 -15.11 -7.82
N VAL A 335 28.22 -15.77 -6.94
CA VAL A 335 28.29 -17.21 -6.88
C VAL A 335 27.52 -17.83 -8.03
N GLU A 336 26.47 -17.16 -8.51
CA GLU A 336 25.81 -17.66 -9.72
C GLU A 336 26.76 -17.60 -10.90
N GLY A 337 27.56 -16.54 -10.99
CA GLY A 337 28.65 -16.58 -11.93
C GLY A 337 28.62 -15.53 -13.02
N TYR A 338 27.85 -14.47 -12.83
CA TYR A 338 27.85 -13.37 -13.76
C TYR A 338 28.74 -12.22 -13.32
N SER A 339 29.18 -12.20 -12.07
CA SER A 339 30.23 -11.31 -11.62
C SER A 339 31.52 -12.11 -11.53
N ASP A 340 32.62 -11.40 -11.40
CA ASP A 340 33.84 -12.11 -11.05
C ASP A 340 33.80 -12.37 -9.54
N PRO A 341 34.70 -13.20 -9.02
CA PRO A 341 34.60 -13.56 -7.61
C PRO A 341 34.65 -12.37 -6.66
N THR A 342 35.18 -11.24 -7.09
CA THR A 342 35.20 -10.03 -6.26
C THR A 342 33.88 -9.27 -6.31
N GLY A 343 33.04 -9.54 -7.30
CA GLY A 343 31.78 -8.84 -7.43
C GLY A 343 31.74 -7.86 -8.57
N LYS A 344 32.76 -7.84 -9.42
CA LYS A 344 32.85 -6.91 -10.54
C LYS A 344 32.09 -7.47 -11.73
N TYR A 345 31.09 -6.74 -12.20
CA TYR A 345 30.28 -7.21 -13.31
C TYR A 345 30.94 -6.86 -14.63
N ASP A 346 30.92 -7.80 -15.54
CA ASP A 346 31.50 -7.67 -16.86
C ASP A 346 30.73 -8.60 -17.77
N PRO A 347 30.11 -8.10 -18.84
CA PRO A 347 29.26 -8.97 -19.66
C PRO A 347 29.97 -10.18 -20.20
N ALA A 348 31.29 -10.20 -20.20
CA ALA A 348 32.03 -11.33 -20.72
C ALA A 348 32.35 -12.38 -19.67
N VAL A 349 32.38 -12.01 -18.39
CA VAL A 349 32.90 -12.93 -17.38
C VAL A 349 31.93 -14.09 -17.19
N ARG A 350 32.51 -15.25 -16.92
CA ARG A 350 31.75 -16.43 -16.51
C ARG A 350 32.56 -17.09 -15.41
N SER A 351 32.07 -17.03 -14.18
CA SER A 351 32.79 -17.63 -13.07
C SER A 351 31.88 -18.60 -12.34
N LEU A 352 32.47 -19.34 -11.40
CA LEU A 352 31.81 -20.25 -10.47
C LEU A 352 30.69 -21.08 -11.11
N HIS A 353 29.47 -21.00 -10.58
CA HIS A 353 28.40 -21.91 -11.00
C HIS A 353 28.16 -21.88 -12.50
N ASN A 354 28.21 -20.72 -13.13
CA ASN A 354 28.02 -20.69 -14.57
C ASN A 354 29.16 -21.40 -15.28
N LEU A 355 30.40 -21.03 -14.92
CA LEU A 355 31.58 -21.66 -15.48
C LEU A 355 31.52 -23.17 -15.39
N ALA A 356 31.15 -23.70 -14.23
CA ALA A 356 31.05 -25.13 -14.08
C ALA A 356 30.07 -25.74 -15.07
N HIS A 357 28.99 -25.01 -15.37
CA HIS A 357 28.01 -25.50 -16.34
C HIS A 357 28.58 -25.49 -17.73
N LEU A 358 29.29 -24.43 -18.09
CA LEU A 358 29.86 -24.30 -19.41
C LEU A 358 31.08 -25.18 -19.62
N PHE A 359 31.76 -25.56 -18.53
CA PHE A 359 32.89 -26.47 -18.63
C PHE A 359 32.51 -27.76 -19.32
N LEU A 360 31.30 -28.25 -19.08
CA LEU A 360 30.87 -29.53 -19.62
C LEU A 360 30.65 -29.49 -21.12
N ASN A 361 30.54 -28.30 -21.71
CA ASN A 361 30.39 -28.13 -23.15
C ASN A 361 29.46 -29.17 -23.73
N GLY A 362 28.19 -29.13 -23.35
CA GLY A 362 27.28 -30.19 -23.71
C GLY A 362 25.93 -29.97 -23.08
N THR A 363 25.20 -31.06 -22.95
CA THR A 363 23.88 -31.03 -22.34
C THR A 363 23.85 -30.22 -21.05
N GLY A 364 24.89 -30.34 -20.24
CA GLY A 364 24.91 -29.60 -18.99
C GLY A 364 25.02 -28.10 -19.15
N GLY A 365 25.46 -27.64 -20.31
CA GLY A 365 25.56 -26.20 -20.44
C GLY A 365 24.37 -25.51 -21.06
N GLN A 366 23.29 -26.22 -21.33
CA GLN A 366 22.12 -25.63 -21.97
C GLN A 366 21.00 -25.51 -20.96
N THR A 367 20.55 -24.28 -20.71
CA THR A 367 19.73 -23.98 -19.55
C THR A 367 18.46 -24.80 -19.49
N HIS A 368 17.86 -25.11 -20.63
CA HIS A 368 16.61 -25.85 -20.58
C HIS A 368 16.81 -27.34 -20.38
N LEU A 369 18.05 -27.82 -20.42
CA LEU A 369 18.29 -29.25 -20.36
C LEU A 369 19.21 -29.70 -19.26
N SER A 370 20.02 -28.82 -18.70
CA SER A 370 21.19 -29.19 -17.91
C SER A 370 20.99 -30.18 -16.78
N PRO A 371 19.82 -30.30 -16.14
CA PRO A 371 19.65 -31.38 -15.17
C PRO A 371 19.64 -32.76 -15.76
N ASN A 372 19.57 -32.90 -17.09
CA ASN A 372 19.58 -34.22 -17.71
C ASN A 372 20.93 -34.90 -17.51
N ASP A 373 22.00 -34.13 -17.57
CA ASP A 373 23.31 -34.60 -17.15
C ASP A 373 23.34 -34.65 -15.63
N PRO A 374 23.54 -35.82 -15.01
CA PRO A 374 23.40 -35.89 -13.55
C PRO A 374 24.51 -35.20 -12.79
N ILE A 375 25.58 -34.72 -13.43
CA ILE A 375 26.53 -33.87 -12.76
C ILE A 375 25.84 -32.64 -12.17
N PHE A 376 24.69 -32.27 -12.72
CA PHE A 376 23.88 -31.18 -12.20
C PHE A 376 23.68 -31.29 -10.71
N VAL A 377 23.34 -32.49 -10.23
CA VAL A 377 23.10 -32.65 -8.80
C VAL A 377 24.32 -32.25 -8.02
N LEU A 378 25.49 -32.74 -8.42
CA LEU A 378 26.69 -32.51 -7.63
C LEU A 378 27.20 -31.09 -7.77
N LEU A 379 26.99 -30.49 -8.92
CA LEU A 379 27.37 -29.10 -9.13
C LEU A 379 26.52 -28.17 -8.26
N HIS A 380 25.26 -28.49 -8.08
CA HIS A 380 24.43 -27.58 -7.32
C HIS A 380 24.47 -27.84 -5.82
N THR A 381 24.68 -29.06 -5.35
CA THR A 381 24.90 -29.23 -3.92
C THR A 381 26.17 -28.49 -3.45
N PHE A 382 27.19 -28.43 -4.28
CA PHE A 382 28.36 -27.64 -3.90
C PHE A 382 28.01 -26.15 -3.84
N THR A 383 27.27 -25.66 -4.83
CA THR A 383 26.78 -24.29 -4.81
C THR A 383 25.91 -24.04 -3.60
N ASP A 384 25.13 -25.02 -3.20
CA ASP A 384 24.34 -24.89 -1.99
C ASP A 384 25.21 -24.87 -0.75
N ALA A 385 26.34 -25.58 -0.77
CA ALA A 385 27.27 -25.52 0.35
C ALA A 385 27.81 -24.10 0.51
N VAL A 386 28.22 -23.48 -0.60
CA VAL A 386 28.70 -22.11 -0.55
C VAL A 386 27.61 -21.18 -0.04
N PHE A 387 26.38 -21.41 -0.49
CA PHE A 387 25.26 -20.65 0.03
C PHE A 387 25.16 -20.82 1.53
N ASP A 388 25.20 -22.06 2.01
CA ASP A 388 25.06 -22.33 3.43
C ASP A 388 26.18 -21.68 4.23
N GLU A 389 27.40 -21.74 3.75
CA GLU A 389 28.49 -21.09 4.47
C GLU A 389 28.28 -19.60 4.57
N TRP A 390 27.78 -18.98 3.51
CA TRP A 390 27.45 -17.56 3.56
C TRP A 390 26.37 -17.29 4.60
N LEU A 391 25.31 -18.09 4.59
CA LEU A 391 24.24 -17.90 5.56
C LEU A 391 24.76 -17.98 6.97
N ARG A 392 25.69 -18.89 7.23
CA ARG A 392 26.29 -18.94 8.55
C ARG A 392 27.16 -17.72 8.79
N ARG A 393 27.95 -17.33 7.80
CA ARG A 393 28.98 -16.34 8.01
C ARG A 393 28.42 -14.94 8.17
N TYR A 394 27.22 -14.69 7.68
CA TYR A 394 26.58 -13.37 7.76
C TYR A 394 25.22 -13.44 8.41
N ASN A 395 25.00 -14.49 9.21
CA ASN A 395 23.84 -14.60 10.08
C ASN A 395 22.54 -14.44 9.31
N ALA A 396 22.50 -15.00 8.10
CA ALA A 396 21.26 -15.15 7.33
C ALA A 396 20.58 -13.81 7.12
N ASP A 397 21.35 -12.80 6.75
CA ASP A 397 20.82 -11.45 6.60
C ASP A 397 20.01 -11.35 5.33
N ILE A 398 18.70 -11.48 5.47
CA ILE A 398 17.76 -11.50 4.37
C ILE A 398 17.38 -10.10 3.95
N SER A 399 18.02 -9.09 4.54
CA SER A 399 17.56 -7.72 4.34
C SER A 399 17.75 -7.22 2.92
N THR A 400 18.81 -7.66 2.23
CA THR A 400 19.06 -7.26 0.85
C THR A 400 18.28 -8.07 -0.17
N PHE A 401 17.50 -9.04 0.26
CA PHE A 401 16.65 -9.81 -0.62
C PHE A 401 15.38 -9.02 -0.84
N PRO A 402 15.21 -8.41 -2.01
CA PRO A 402 14.15 -7.42 -2.17
C PRO A 402 12.78 -8.02 -1.99
N LEU A 403 11.86 -7.20 -1.48
CA LEU A 403 10.47 -7.61 -1.39
C LEU A 403 9.67 -7.25 -2.62
N GLU A 404 10.23 -6.40 -3.48
CA GLU A 404 9.54 -5.94 -4.68
C GLU A 404 10.59 -5.37 -5.63
N ASN A 405 10.16 -5.20 -6.88
CA ASN A 405 10.93 -4.66 -8.00
C ASN A 405 12.02 -5.61 -8.50
N ALA A 406 12.00 -6.86 -8.07
CA ALA A 406 12.89 -7.86 -8.60
C ALA A 406 12.32 -8.40 -9.91
N PRO A 407 13.11 -9.11 -10.71
CA PRO A 407 12.54 -9.76 -11.90
C PRO A 407 11.45 -10.72 -11.48
N ILE A 408 10.42 -10.84 -12.31
CA ILE A 408 9.24 -11.59 -11.90
C ILE A 408 9.67 -13.00 -11.50
N GLY A 409 9.05 -13.52 -10.45
CA GLY A 409 9.44 -14.78 -9.86
C GLY A 409 10.42 -14.68 -8.74
N HIS A 410 11.05 -13.52 -8.53
CA HIS A 410 12.19 -13.40 -7.63
C HIS A 410 11.95 -12.49 -6.43
N ASN A 411 10.73 -12.00 -6.22
CA ASN A 411 10.46 -11.25 -5.01
C ASN A 411 10.54 -12.17 -3.81
N ARG A 412 10.95 -11.61 -2.67
CA ARG A 412 11.28 -12.47 -1.55
C ARG A 412 10.16 -13.42 -1.19
N GLN A 413 8.91 -12.97 -1.30
CA GLN A 413 7.77 -13.77 -0.89
C GLN A 413 7.05 -14.40 -2.07
N TYR A 414 7.71 -14.49 -3.21
CA TYR A 414 7.18 -15.25 -4.34
C TYR A 414 7.26 -16.75 -4.05
N ASN A 415 6.16 -17.46 -4.27
CA ASN A 415 6.22 -18.91 -4.29
C ASN A 415 7.09 -19.40 -5.44
N MET A 416 8.11 -20.19 -5.13
CA MET A 416 9.07 -20.60 -6.16
C MET A 416 8.41 -21.52 -7.18
N VAL A 417 8.65 -21.28 -8.46
CA VAL A 417 7.90 -21.93 -9.54
C VAL A 417 8.60 -23.15 -10.12
N PRO A 418 7.92 -24.28 -10.23
CA PRO A 418 6.56 -24.64 -9.87
C PRO A 418 6.45 -25.61 -8.71
N PHE A 419 6.99 -25.27 -7.56
CA PHE A 419 7.10 -26.26 -6.51
C PHE A 419 5.78 -26.41 -5.76
N TRP A 420 5.59 -27.59 -5.20
CA TRP A 420 4.36 -27.87 -4.49
C TRP A 420 4.60 -28.67 -3.22
N PRO A 421 3.91 -28.30 -2.13
CA PRO A 421 3.04 -27.15 -1.99
C PRO A 421 3.80 -25.83 -2.12
N PRO A 422 3.10 -24.72 -2.33
CA PRO A 422 3.77 -23.43 -2.47
C PRO A 422 4.79 -23.19 -1.37
N VAL A 423 5.95 -22.71 -1.76
CA VAL A 423 7.05 -22.46 -0.84
C VAL A 423 7.74 -21.19 -1.29
N THR A 424 8.03 -20.31 -0.35
CA THR A 424 8.59 -19.02 -0.67
C THR A 424 10.11 -19.05 -0.55
N ASN A 425 10.74 -18.04 -1.12
CA ASN A 425 12.18 -17.92 -0.99
C ASN A 425 12.58 -17.77 0.46
N THR A 426 11.76 -17.07 1.24
CA THR A 426 12.05 -16.86 2.65
C THR A 426 12.15 -18.18 3.40
N GLU A 427 11.36 -19.16 3.01
CA GLU A 427 11.38 -20.43 3.72
C GLU A 427 12.66 -21.21 3.50
N MET A 428 13.43 -20.90 2.46
CA MET A 428 14.71 -21.56 2.27
C MET A 428 15.90 -20.73 2.72
N PHE A 429 15.67 -19.48 3.13
CA PHE A 429 16.75 -18.57 3.50
C PHE A 429 17.13 -18.74 4.98
N VAL A 430 17.57 -19.95 5.33
CA VAL A 430 17.95 -20.28 6.69
C VAL A 430 19.19 -21.17 6.65
N THR A 431 19.96 -21.17 7.73
CA THR A 431 21.10 -22.07 7.80
C THR A 431 20.58 -23.49 7.83
N ALA A 432 21.20 -24.35 7.08
CA ALA A 432 20.62 -25.65 6.83
C ALA A 432 20.70 -26.61 8.03
N PRO A 433 21.78 -26.62 8.82
CA PRO A 433 21.82 -27.56 9.95
C PRO A 433 20.75 -27.37 11.00
N ASP A 434 20.49 -26.13 11.44
CA ASP A 434 19.47 -25.94 12.46
C ASP A 434 18.05 -25.99 11.94
N ASN A 435 17.83 -25.82 10.64
CA ASN A 435 16.48 -25.59 10.14
C ASN A 435 16.01 -26.55 9.08
N LEU A 436 16.89 -27.21 8.33
CA LEU A 436 16.49 -28.04 7.22
C LEU A 436 16.94 -29.48 7.34
N GLY A 437 17.71 -29.82 8.36
CA GLY A 437 18.05 -31.20 8.63
C GLY A 437 19.21 -31.77 7.87
N TYR A 438 20.08 -30.93 7.33
CA TYR A 438 21.25 -31.42 6.62
C TYR A 438 22.40 -30.44 6.83
N THR A 439 23.61 -30.93 6.68
CA THR A 439 24.81 -30.12 6.80
C THR A 439 25.83 -30.62 5.79
N TYR A 440 26.82 -29.80 5.49
CA TYR A 440 27.91 -30.18 4.61
C TYR A 440 29.16 -30.49 5.39
N GLU A 441 29.76 -31.65 5.13
CA GLU A 441 31.11 -31.92 5.60
C GLU A 441 32.04 -31.26 4.61
N ILE A 442 32.60 -30.11 4.96
CA ILE A 442 33.38 -29.34 3.99
C ILE A 442 34.32 -28.41 4.74
N GLN A 443 35.43 -28.07 4.10
CA GLN A 443 36.38 -27.07 4.62
C GLN A 443 36.73 -26.10 3.50
N TRP A 444 36.71 -24.83 3.81
CA TRP A 444 36.87 -23.74 2.86
C TRP A 444 38.29 -23.18 2.90
N PRO A 445 38.80 -22.65 1.79
CA PRO A 445 40.17 -22.14 1.76
C PRO A 445 40.26 -20.68 2.18
N SER A 446 41.46 -20.31 2.64
CA SER A 446 41.87 -18.92 2.82
C SER A 446 43.33 -18.86 3.28
N GLN B 1 -14.02 -6.96 16.49
CA GLN B 1 -13.43 -5.80 15.83
C GLN B 1 -11.93 -5.93 15.90
N PHE B 2 -11.21 -4.86 15.75
CA PHE B 2 -9.85 -5.16 15.41
C PHE B 2 -8.90 -4.90 16.56
N PRO B 3 -7.81 -5.65 16.64
CA PRO B 3 -6.76 -5.34 17.60
C PRO B 3 -6.26 -3.92 17.41
N ARG B 4 -5.99 -3.24 18.52
CA ARG B 4 -5.68 -1.81 18.43
C ARG B 4 -4.45 -1.56 17.59
N GLN B 5 -3.55 -2.54 17.48
CA GLN B 5 -2.36 -2.30 16.68
C GLN B 5 -2.60 -2.58 15.21
N CYS B 6 -3.76 -3.09 14.83
CA CYS B 6 -4.19 -3.11 13.44
C CYS B 6 -5.07 -1.93 13.07
N ALA B 7 -5.47 -1.10 14.03
CA ALA B 7 -6.34 0.04 13.77
C ALA B 7 -5.52 1.25 13.35
N THR B 8 -4.74 1.06 12.28
CA THR B 8 -3.78 2.05 11.83
C THR B 8 -3.87 2.21 10.33
N VAL B 9 -3.37 3.34 9.86
CA VAL B 9 -3.22 3.55 8.42
C VAL B 9 -2.34 2.46 7.82
N GLU B 10 -1.19 2.21 8.44
CA GLU B 10 -0.26 1.20 7.95
C GLU B 10 -0.97 -0.13 7.72
N ALA B 11 -1.61 -0.65 8.77
CA ALA B 11 -2.20 -1.97 8.68
C ALA B 11 -3.31 -2.02 7.63
N LEU B 12 -4.21 -1.04 7.67
CA LEU B 12 -5.42 -1.11 6.85
C LEU B 12 -5.09 -1.12 5.36
N ARG B 13 -4.05 -0.43 4.97
CA ARG B 13 -3.71 -0.35 3.55
C ARG B 13 -2.82 -1.49 3.09
N SER B 14 -2.06 -2.09 4.01
CA SER B 14 -1.45 -3.36 3.68
C SER B 14 -2.47 -4.48 3.62
N GLY B 15 -3.63 -4.28 4.24
CA GLY B 15 -4.61 -5.34 4.31
C GLY B 15 -4.19 -6.47 5.22
N MET B 16 -3.24 -6.23 6.10
CA MET B 16 -2.66 -7.24 6.95
C MET B 16 -2.90 -6.89 8.41
N CYS B 17 -3.48 -7.82 9.16
CA CYS B 17 -3.64 -7.65 10.61
C CYS B 17 -2.96 -8.82 11.28
N CYS B 18 -1.64 -8.77 11.34
CA CYS B 18 -0.83 -9.84 11.91
C CYS B 18 0.11 -9.20 12.92
N PRO B 19 -0.36 -8.91 14.12
CA PRO B 19 0.47 -8.18 15.08
C PRO B 19 1.51 -9.09 15.72
N ASP B 20 2.56 -8.45 16.23
CA ASP B 20 3.65 -9.13 16.91
C ASP B 20 3.17 -9.79 18.18
N LEU B 21 3.99 -10.68 18.71
CA LEU B 21 3.79 -11.21 20.05
C LEU B 21 4.88 -10.70 20.99
N SER B 22 6.14 -11.00 20.72
CA SER B 22 7.26 -10.57 21.55
C SER B 22 8.30 -10.02 20.60
N PRO B 23 8.24 -8.76 20.28
CA PRO B 23 9.05 -8.24 19.16
C PRO B 23 10.35 -7.60 19.57
N VAL B 24 11.35 -8.40 19.94
CA VAL B 24 12.58 -7.83 20.46
C VAL B 24 13.58 -7.47 19.35
N SER B 25 13.60 -8.21 18.25
CA SER B 25 14.41 -7.74 17.15
C SER B 25 13.83 -6.50 16.49
N GLY B 26 12.69 -6.02 16.96
CA GLY B 26 12.05 -4.86 16.39
C GLY B 26 10.65 -5.16 15.90
N PRO B 27 10.00 -4.16 15.33
CA PRO B 27 8.65 -4.37 14.80
C PRO B 27 8.65 -5.34 13.63
N GLY B 28 7.57 -6.11 13.53
CA GLY B 28 7.39 -7.04 12.44
C GLY B 28 8.23 -8.30 12.51
N THR B 29 8.99 -8.51 13.58
CA THR B 29 9.88 -9.65 13.66
C THR B 29 9.26 -10.85 14.35
N ASP B 30 8.04 -10.73 14.88
CA ASP B 30 7.43 -11.85 15.59
C ASP B 30 5.93 -11.88 15.34
N ARG B 31 5.53 -11.57 14.13
CA ARG B 31 4.12 -11.59 13.77
C ARG B 31 3.52 -12.97 14.04
N CYS B 32 2.40 -12.98 14.75
CA CYS B 32 1.68 -14.19 15.13
C CYS B 32 2.52 -15.13 15.98
N GLY B 33 3.58 -14.62 16.60
CA GLY B 33 4.39 -15.49 17.44
C GLY B 33 5.20 -16.50 16.67
N SER B 34 5.65 -16.12 15.47
CA SER B 34 6.42 -17.03 14.64
C SER B 34 7.80 -17.34 15.20
N SER B 35 8.32 -16.51 16.11
CA SER B 35 9.65 -16.75 16.66
C SER B 35 9.67 -17.98 17.56
N SER B 36 8.65 -18.16 18.37
CA SER B 36 8.37 -19.48 18.90
C SER B 36 7.50 -20.20 17.88
N GLY B 37 6.95 -21.35 18.22
CA GLY B 37 6.24 -22.08 17.19
C GLY B 37 4.76 -21.79 17.14
N ARG B 38 4.35 -20.59 17.53
CA ARG B 38 2.96 -20.40 17.90
C ARG B 38 2.07 -20.14 16.70
N GLY B 39 2.54 -19.41 15.70
CA GLY B 39 1.67 -19.20 14.57
C GLY B 39 2.38 -18.56 13.40
N ARG B 40 1.59 -18.36 12.35
CA ARG B 40 2.04 -17.88 11.07
C ARG B 40 1.05 -16.83 10.58
N CYS B 41 1.53 -15.73 10.04
CA CYS B 41 0.66 -14.84 9.31
C CYS B 41 0.33 -15.49 7.98
N GLU B 42 -0.95 -15.57 7.65
CA GLU B 42 -1.38 -16.26 6.44
C GLU B 42 -2.55 -15.51 5.84
N ALA B 43 -3.10 -16.08 4.77
CA ALA B 43 -4.22 -15.47 4.07
C ALA B 43 -5.52 -15.78 4.79
N VAL B 44 -6.49 -14.90 4.60
CA VAL B 44 -7.81 -15.08 5.18
C VAL B 44 -8.65 -15.95 4.26
N THR B 45 -9.37 -16.89 4.86
CA THR B 45 -10.40 -17.64 4.17
C THR B 45 -11.77 -17.07 4.52
N ALA B 46 -12.59 -16.81 3.51
CA ALA B 46 -13.92 -16.29 3.77
C ALA B 46 -14.91 -17.02 2.87
N ASP B 47 -16.15 -17.09 3.30
CA ASP B 47 -17.15 -17.88 2.58
C ASP B 47 -17.43 -17.25 1.23
N SER B 48 -17.42 -18.07 0.20
CA SER B 48 -17.72 -17.60 -1.15
C SER B 48 -19.05 -18.12 -1.68
N ARG B 49 -19.67 -19.07 -0.99
CA ARG B 49 -20.88 -19.68 -1.50
C ARG B 49 -22.07 -18.71 -1.43
N PRO B 50 -23.12 -18.96 -2.19
CA PRO B 50 -24.20 -17.98 -2.29
C PRO B 50 -25.10 -17.96 -1.07
N HIS B 51 -25.78 -16.83 -0.90
CA HIS B 51 -26.75 -16.66 0.17
C HIS B 51 -28.14 -16.41 -0.42
N SER B 52 -29.12 -16.28 0.48
CA SER B 52 -30.51 -16.12 0.08
C SER B 52 -30.70 -14.82 -0.71
N PRO B 53 -31.71 -14.78 -1.58
CA PRO B 53 -31.95 -13.57 -2.37
C PRO B 53 -32.54 -12.43 -1.57
N GLN B 54 -32.71 -12.60 -0.26
CA GLN B 54 -33.29 -11.55 0.56
C GLN B 54 -32.43 -10.31 0.61
N TYR B 55 -31.14 -10.45 0.38
CA TYR B 55 -30.23 -9.31 0.45
C TYR B 55 -29.77 -8.97 -0.96
N PRO B 56 -30.19 -7.86 -1.52
CA PRO B 56 -29.84 -7.55 -2.91
C PRO B 56 -28.56 -6.75 -3.08
N HIS B 57 -28.07 -6.16 -2.00
CA HIS B 57 -27.06 -5.10 -2.11
C HIS B 57 -25.63 -5.59 -2.00
N ASP B 58 -25.27 -6.69 -2.66
CA ASP B 58 -23.88 -7.08 -2.74
C ASP B 58 -23.03 -5.94 -3.25
N GLY B 59 -22.00 -5.60 -2.51
CA GLY B 59 -21.09 -4.54 -2.87
C GLY B 59 -21.22 -3.30 -2.04
N ARG B 60 -22.24 -3.24 -1.18
CA ARG B 60 -22.51 -2.03 -0.43
C ARG B 60 -22.13 -2.11 1.03
N ASP B 61 -22.00 -3.30 1.61
CA ASP B 61 -21.88 -3.45 3.04
C ASP B 61 -20.54 -4.07 3.42
N ASP B 62 -19.85 -3.45 4.36
CA ASP B 62 -18.57 -3.95 4.82
C ASP B 62 -18.65 -5.30 5.53
N ARG B 63 -19.84 -5.77 5.86
CA ARG B 63 -19.98 -7.04 6.53
C ARG B 63 -20.03 -8.21 5.57
N GLU B 64 -20.09 -7.94 4.28
CA GLU B 64 -20.09 -9.00 3.28
C GLU B 64 -18.70 -9.61 3.22
N VAL B 65 -18.66 -10.92 2.99
CA VAL B 65 -17.44 -11.72 2.89
C VAL B 65 -16.47 -11.33 4.00
N TRP B 66 -17.00 -11.24 5.22
CA TRP B 66 -16.22 -10.86 6.37
C TRP B 66 -15.03 -11.81 6.53
N PRO B 67 -13.85 -11.26 6.83
CA PRO B 67 -13.49 -9.86 7.07
C PRO B 67 -12.77 -9.18 5.93
N LEU B 68 -13.12 -9.52 4.68
CA LEU B 68 -12.22 -9.19 3.59
C LEU B 68 -12.22 -7.71 3.24
N ARG B 69 -13.31 -6.98 3.50
CA ARG B 69 -13.29 -5.55 3.24
C ARG B 69 -12.25 -4.80 4.06
N PHE B 70 -11.71 -5.41 5.10
CA PHE B 70 -10.73 -4.74 5.94
C PHE B 70 -9.35 -5.38 5.89
N PHE B 71 -9.27 -6.70 5.86
CA PHE B 71 -7.99 -7.39 5.90
C PHE B 71 -8.10 -8.68 5.10
N ASN B 72 -7.00 -9.05 4.42
CA ASN B 72 -6.91 -10.34 3.76
C ASN B 72 -5.82 -11.23 4.32
N ARG B 73 -5.06 -10.78 5.32
CA ARG B 73 -4.11 -11.63 6.02
C ARG B 73 -4.36 -11.54 7.51
N THR B 74 -4.24 -12.68 8.20
CA THR B 74 -4.49 -12.76 9.63
C THR B 74 -3.53 -13.77 10.24
N CYS B 75 -3.64 -13.96 11.55
CA CYS B 75 -2.83 -14.94 12.27
C CYS B 75 -3.58 -16.26 12.36
N HIS B 76 -2.93 -17.35 11.99
CA HIS B 76 -3.41 -18.67 12.32
C HIS B 76 -2.43 -19.33 13.25
N CYS B 77 -2.94 -19.83 14.37
CA CYS B 77 -2.10 -20.39 15.42
C CYS B 77 -1.99 -21.90 15.26
N ASN B 78 -0.87 -22.45 15.70
CA ASN B 78 -0.65 -23.88 15.66
C ASN B 78 -1.14 -24.53 16.94
N GLY B 79 -1.44 -25.82 16.85
CA GLY B 79 -1.78 -26.59 18.03
C GLY B 79 -2.98 -26.02 18.76
N ASN B 80 -2.86 -25.93 20.07
CA ASN B 80 -3.90 -25.37 20.91
C ASN B 80 -3.59 -23.93 21.32
N PHE B 81 -2.89 -23.20 20.49
CA PHE B 81 -2.72 -21.77 20.74
C PHE B 81 -3.82 -20.99 20.04
N SER B 82 -3.98 -19.74 20.47
CA SER B 82 -5.11 -18.93 20.04
C SER B 82 -4.79 -17.47 20.30
N GLY B 83 -5.68 -16.61 19.84
CA GLY B 83 -5.53 -15.19 20.07
C GLY B 83 -5.21 -14.44 18.80
N HIS B 84 -5.43 -13.13 18.83
CA HIS B 84 -5.23 -12.32 17.64
C HIS B 84 -3.78 -12.36 17.19
N ASN B 85 -2.85 -12.57 18.10
CA ASN B 85 -1.44 -12.74 17.76
C ASN B 85 -0.91 -14.08 18.25
N CYS B 86 -1.82 -15.00 18.58
CA CYS B 86 -1.50 -16.32 19.08
C CYS B 86 -0.84 -16.28 20.45
N GLY B 87 -1.06 -15.20 21.21
CA GLY B 87 -0.49 -15.06 22.53
C GLY B 87 -1.28 -15.65 23.68
N THR B 88 -2.31 -16.44 23.41
CA THR B 88 -3.10 -17.06 24.46
C THR B 88 -3.44 -18.48 24.01
N CYS B 89 -4.43 -19.11 24.63
CA CYS B 89 -4.76 -20.51 24.33
C CYS B 89 -6.19 -20.63 23.83
N ARG B 90 -6.46 -21.73 23.12
CA ARG B 90 -7.80 -22.09 22.73
C ARG B 90 -8.66 -22.37 23.95
N PRO B 91 -9.98 -22.24 23.83
CA PRO B 91 -10.87 -22.53 24.97
C PRO B 91 -10.68 -23.96 25.47
N GLY B 92 -10.37 -24.07 26.77
CA GLY B 92 -10.13 -25.36 27.38
C GLY B 92 -8.69 -25.70 27.65
N TRP B 93 -7.78 -24.73 27.57
CA TRP B 93 -6.35 -24.98 27.73
C TRP B 93 -5.70 -23.78 28.40
N ARG B 94 -4.73 -24.05 29.28
CA ARG B 94 -3.94 -23.00 29.94
C ARG B 94 -2.45 -23.32 29.83
N GLY B 95 -1.65 -22.38 30.32
CA GLY B 95 -0.23 -22.59 30.49
C GLY B 95 0.58 -21.95 29.36
N ALA B 96 1.85 -21.71 29.65
CA ALA B 96 2.76 -21.21 28.62
C ALA B 96 2.79 -22.14 27.41
N ALA B 97 2.52 -23.42 27.61
CA ALA B 97 2.51 -24.38 26.53
C ALA B 97 1.09 -24.71 26.06
N CYS B 98 0.08 -24.16 26.72
CA CYS B 98 -1.31 -24.47 26.40
C CYS B 98 -1.52 -25.98 26.35
N ASP B 99 -0.97 -26.67 27.35
CA ASP B 99 -0.94 -28.13 27.37
C ASP B 99 -1.64 -28.72 28.58
N GLN B 100 -2.34 -27.92 29.37
CA GLN B 100 -3.09 -28.45 30.50
C GLN B 100 -4.56 -28.11 30.32
N ARG B 101 -5.43 -29.07 30.62
CA ARG B 101 -6.84 -29.03 30.29
C ARG B 101 -7.71 -28.36 31.36
N VAL B 102 -9.00 -28.22 31.04
CA VAL B 102 -9.87 -27.17 31.59
C VAL B 102 -11.34 -27.59 31.44
N LEU B 103 -12.09 -27.58 32.53
CA LEU B 103 -13.54 -27.62 32.40
C LEU B 103 -14.09 -26.66 33.43
N ILE B 104 -14.68 -25.55 32.98
CA ILE B 104 -15.31 -24.61 33.90
C ILE B 104 -16.81 -24.84 33.82
N VAL B 105 -17.51 -24.46 34.88
CA VAL B 105 -18.93 -24.77 35.01
C VAL B 105 -19.71 -23.46 35.04
N ARG B 106 -20.70 -23.38 34.18
CA ARG B 106 -21.64 -22.27 34.18
C ARG B 106 -22.85 -22.72 34.98
N ARG B 107 -23.13 -22.01 36.06
CA ARG B 107 -24.14 -22.44 37.02
C ARG B 107 -25.33 -21.50 37.02
N ASN B 108 -26.42 -21.95 37.64
CA ASN B 108 -27.59 -21.12 37.82
C ASN B 108 -27.26 -19.98 38.74
N LEU B 109 -27.60 -18.75 38.34
CA LEU B 109 -27.25 -17.59 39.16
C LEU B 109 -27.88 -17.70 40.53
N LEU B 110 -29.10 -18.20 40.60
CA LEU B 110 -29.80 -18.30 41.87
C LEU B 110 -29.09 -19.23 42.86
N ASP B 111 -28.29 -20.17 42.39
CA ASP B 111 -27.67 -21.17 43.24
C ASP B 111 -26.32 -20.75 43.79
N LEU B 112 -25.81 -19.59 43.41
CA LEU B 112 -24.51 -19.19 43.91
C LEU B 112 -24.61 -18.79 45.38
N SER B 113 -23.46 -18.65 46.01
CA SER B 113 -23.42 -18.22 47.39
C SER B 113 -23.53 -16.70 47.45
N LYS B 114 -23.76 -16.17 48.65
CA LYS B 114 -23.79 -14.72 48.83
C LYS B 114 -22.51 -14.07 48.30
N GLU B 115 -21.38 -14.75 48.43
CA GLU B 115 -20.13 -14.15 48.00
C GLU B 115 -19.96 -14.27 46.49
N GLU B 116 -20.45 -15.36 45.90
CA GLU B 116 -20.34 -15.54 44.45
C GLU B 116 -21.28 -14.61 43.69
N LYS B 117 -22.50 -14.41 44.19
CA LYS B 117 -23.38 -13.42 43.60
C LYS B 117 -22.74 -12.03 43.61
N ASN B 118 -22.22 -11.62 44.76
CA ASN B 118 -21.62 -10.30 44.84
C ASN B 118 -20.41 -10.19 43.92
N HIS B 119 -19.67 -11.28 43.76
CA HIS B 119 -18.46 -11.22 42.96
C HIS B 119 -18.78 -11.10 41.48
N PHE B 120 -19.77 -11.84 41.01
CA PHE B 120 -20.20 -11.73 39.62
C PHE B 120 -20.68 -10.31 39.32
N VAL B 121 -21.51 -9.75 40.20
CA VAL B 121 -22.11 -8.43 39.96
C VAL B 121 -21.04 -7.34 39.95
N ARG B 122 -20.09 -7.41 40.87
CA ARG B 122 -19.04 -6.40 40.86
C ARG B 122 -18.11 -6.59 39.67
N ALA B 123 -17.98 -7.83 39.18
CA ALA B 123 -17.20 -8.08 37.97
C ALA B 123 -17.88 -7.51 36.74
N LEU B 124 -19.20 -7.72 36.60
CA LEU B 124 -19.92 -7.08 35.51
C LEU B 124 -19.71 -5.58 35.52
N ASP B 125 -19.78 -4.96 36.71
CA ASP B 125 -19.62 -3.52 36.78
C ASP B 125 -18.20 -3.12 36.42
N MET B 126 -17.23 -3.90 36.85
CA MET B 126 -15.85 -3.58 36.48
C MET B 126 -15.66 -3.65 34.97
N ALA B 127 -16.35 -4.60 34.32
CA ALA B 127 -16.25 -4.77 32.88
C ALA B 127 -16.87 -3.60 32.13
N LYS B 128 -17.88 -2.96 32.72
CA LYS B 128 -18.49 -1.79 32.09
C LYS B 128 -17.58 -0.57 32.19
N ARG B 129 -16.73 -0.49 33.21
CA ARG B 129 -15.88 0.68 33.40
C ARG B 129 -14.46 0.52 32.87
N THR B 130 -13.99 -0.69 32.63
CA THR B 130 -12.60 -0.92 32.27
C THR B 130 -12.40 -0.97 30.75
N THR B 131 -11.44 -0.19 30.25
CA THR B 131 -11.12 -0.20 28.84
C THR B 131 -10.70 -1.59 28.38
N HIS B 132 -11.23 -2.04 27.24
CA HIS B 132 -10.83 -3.31 26.66
C HIS B 132 -9.37 -3.23 26.23
N PRO B 133 -8.50 -4.11 26.71
CA PRO B 133 -7.09 -3.94 26.45
C PRO B 133 -6.70 -4.19 25.01
N LEU B 134 -7.53 -4.86 24.24
CA LEU B 134 -7.10 -5.31 22.94
C LEU B 134 -7.91 -4.75 21.78
N PHE B 135 -9.22 -4.78 21.85
CA PHE B 135 -10.04 -4.34 20.73
C PHE B 135 -10.42 -2.86 20.84
N VAL B 136 -10.54 -2.21 19.68
CA VAL B 136 -11.11 -0.88 19.56
C VAL B 136 -12.15 -0.97 18.47
N ILE B 137 -13.06 -0.01 18.42
CA ILE B 137 -14.22 -0.11 17.56
C ILE B 137 -14.19 1.01 16.53
N ALA B 138 -14.69 0.71 15.35
CA ALA B 138 -14.75 1.67 14.27
C ALA B 138 -16.03 2.47 14.37
N THR B 139 -15.93 3.78 14.17
CA THR B 139 -17.08 4.67 14.23
C THR B 139 -17.57 5.09 12.85
N ARG B 140 -16.84 4.79 11.80
CA ARG B 140 -17.29 5.09 10.44
C ARG B 140 -17.27 3.80 9.63
N ARG B 141 -17.99 3.81 8.53
CA ARG B 141 -17.89 2.72 7.58
C ARG B 141 -16.53 2.79 6.89
N SER B 142 -16.21 1.75 6.10
CA SER B 142 -14.83 1.62 5.62
C SER B 142 -14.41 2.81 4.78
N GLU B 143 -15.32 3.34 3.97
CA GLU B 143 -15.00 4.41 3.03
C GLU B 143 -14.54 5.69 3.71
N GLU B 144 -14.77 5.83 5.00
CA GLU B 144 -14.31 6.99 5.75
C GLU B 144 -13.42 6.59 6.91
N ILE B 145 -12.93 5.34 6.92
CA ILE B 145 -12.30 4.79 8.11
C ILE B 145 -11.04 5.53 8.50
N LEU B 146 -10.41 6.24 7.57
CA LEU B 146 -9.17 6.92 7.89
C LEU B 146 -9.34 8.42 8.07
N GLY B 147 -10.57 8.88 8.17
CA GLY B 147 -10.84 10.24 8.58
C GLY B 147 -10.92 11.22 7.43
N PRO B 148 -11.19 12.49 7.77
CA PRO B 148 -11.30 13.51 6.73
C PRO B 148 -10.00 13.71 5.97
N ASP B 149 -8.89 13.81 6.69
CA ASP B 149 -7.59 14.07 6.10
C ASP B 149 -6.88 12.81 5.58
N GLY B 150 -7.56 11.67 5.55
CA GLY B 150 -6.94 10.45 5.09
C GLY B 150 -5.79 9.94 5.94
N ASN B 151 -5.65 10.42 7.17
CA ASN B 151 -4.52 10.03 8.00
C ASN B 151 -4.95 9.87 9.46
N THR B 152 -6.23 9.67 9.72
CA THR B 152 -6.73 9.57 11.09
C THR B 152 -7.62 8.34 11.21
N PRO B 153 -7.12 7.26 11.79
CA PRO B 153 -7.97 6.07 11.96
C PRO B 153 -9.18 6.41 12.82
N GLN B 154 -10.36 6.09 12.30
CA GLN B 154 -11.60 6.46 12.96
C GLN B 154 -12.06 5.38 13.94
N PHE B 155 -11.23 5.16 14.95
CA PHE B 155 -11.47 4.13 15.93
C PHE B 155 -11.48 4.72 17.34
N GLU B 156 -12.28 4.13 18.20
CA GLU B 156 -12.36 4.56 19.59
C GLU B 156 -12.10 3.40 20.55
N ASN B 157 -11.51 3.73 21.69
CA ASN B 157 -11.45 2.81 22.80
C ASN B 157 -12.85 2.58 23.38
N ILE B 158 -13.01 1.44 24.03
CA ILE B 158 -14.33 1.00 24.46
C ILE B 158 -14.15 0.05 25.62
N SER B 159 -15.14 0.01 26.50
CA SER B 159 -15.01 -0.83 27.67
C SER B 159 -15.25 -2.29 27.30
N ILE B 160 -14.83 -3.19 28.19
CA ILE B 160 -14.98 -4.62 27.92
C ILE B 160 -16.44 -4.94 27.65
N TYR B 161 -17.33 -4.47 28.52
CA TYR B 161 -18.74 -4.79 28.33
C TYR B 161 -19.38 -3.96 27.22
N ASN B 162 -18.85 -2.79 26.91
CA ASN B 162 -19.46 -2.07 25.80
C ASN B 162 -19.06 -2.67 24.46
N TYR B 163 -17.90 -3.32 24.39
CA TYR B 163 -17.54 -4.12 23.23
C TYR B 163 -18.54 -5.24 23.02
N PHE B 164 -18.90 -5.94 24.08
CA PHE B 164 -19.98 -6.92 24.04
C PHE B 164 -21.24 -6.33 23.42
N VAL B 165 -21.51 -5.05 23.68
CA VAL B 165 -22.72 -4.41 23.16
C VAL B 165 -22.53 -4.02 21.70
N TRP B 166 -21.35 -3.56 21.35
CA TRP B 166 -21.11 -3.02 20.03
C TRP B 166 -21.11 -4.09 18.95
N THR B 167 -20.53 -5.26 19.26
CA THR B 167 -20.47 -6.33 18.29
C THR B 167 -21.85 -6.85 17.96
N HIS B 168 -22.71 -6.97 18.97
CA HIS B 168 -24.10 -7.34 18.72
C HIS B 168 -24.79 -6.31 17.84
N TYR B 169 -24.56 -5.02 18.12
CA TYR B 169 -25.20 -3.96 17.33
C TYR B 169 -24.74 -4.01 15.87
N TYR B 170 -23.43 -4.14 15.66
CA TYR B 170 -22.88 -4.17 14.31
C TYR B 170 -23.50 -5.29 13.51
N SER B 171 -23.76 -6.42 14.16
CA SER B 171 -24.28 -7.59 13.48
C SER B 171 -25.75 -7.46 13.12
N VAL B 172 -26.47 -6.51 13.69
CA VAL B 172 -27.90 -6.36 13.43
C VAL B 172 -28.27 -5.07 12.73
N LYS B 173 -27.38 -4.10 12.67
CA LYS B 173 -27.73 -2.81 12.12
C LYS B 173 -28.10 -2.93 10.64
N LYS B 174 -28.63 -1.85 10.10
CA LYS B 174 -29.06 -1.79 8.72
C LYS B 174 -27.91 -1.43 7.78
N THR B 175 -28.06 -1.83 6.52
CA THR B 175 -27.11 -1.48 5.48
C THR B 175 -27.38 -0.04 5.03
N PHE B 176 -26.38 0.82 5.17
CA PHE B 176 -26.48 2.19 4.69
C PHE B 176 -26.33 2.19 3.19
N LEU B 177 -27.32 2.74 2.49
CA LEU B 177 -27.26 2.82 1.04
C LEU B 177 -26.91 4.22 0.56
N GLY B 178 -26.80 5.17 1.47
CA GLY B 178 -26.41 6.52 1.11
C GLY B 178 -27.29 7.60 1.68
N VAL B 179 -26.69 8.77 1.91
CA VAL B 179 -27.45 9.95 2.30
C VAL B 179 -28.64 10.12 1.37
N GLY B 180 -29.82 10.28 1.96
CA GLY B 180 -31.01 10.45 1.19
C GLY B 180 -31.70 9.18 0.77
N GLN B 181 -31.19 8.02 1.15
CA GLN B 181 -31.80 6.75 0.82
C GLN B 181 -32.28 6.07 2.09
N GLU B 182 -33.22 5.17 1.94
CA GLU B 182 -33.69 4.41 3.09
C GLU B 182 -32.74 3.25 3.34
N SER B 183 -32.15 3.20 4.53
CA SER B 183 -31.26 2.10 4.85
C SER B 183 -32.04 0.81 4.84
N PHE B 184 -31.34 -0.28 4.54
CA PHE B 184 -31.97 -1.55 4.24
C PHE B 184 -31.95 -2.42 5.48
N GLY B 185 -33.09 -3.01 5.80
CA GLY B 185 -33.21 -3.71 7.07
C GLY B 185 -33.59 -5.17 7.02
N GLU B 186 -33.73 -5.77 5.86
CA GLU B 186 -33.99 -7.21 5.83
C GLU B 186 -32.67 -7.98 5.86
N VAL B 187 -31.85 -7.66 6.84
CA VAL B 187 -30.54 -8.27 6.99
C VAL B 187 -30.24 -8.36 8.47
N ASP B 188 -29.60 -9.45 8.88
CA ASP B 188 -29.28 -9.69 10.29
C ASP B 188 -28.29 -10.84 10.40
N PHE B 189 -27.04 -10.52 10.71
CA PHE B 189 -25.96 -11.49 10.67
C PHE B 189 -25.90 -12.38 11.90
N SER B 190 -26.76 -12.16 12.88
CA SER B 190 -26.76 -12.97 14.08
C SER B 190 -28.14 -13.43 14.50
N HIS B 191 -29.20 -13.10 13.77
CA HIS B 191 -30.53 -13.54 14.13
C HIS B 191 -31.29 -14.01 12.90
N GLU B 192 -32.42 -14.63 13.14
CA GLU B 192 -33.35 -15.09 12.10
C GLU B 192 -32.64 -15.91 11.04
N GLY B 193 -32.04 -17.01 11.48
CA GLY B 193 -31.21 -17.83 10.64
C GLY B 193 -30.35 -18.78 11.47
N PRO B 194 -29.84 -19.84 10.85
CA PRO B 194 -29.15 -20.87 11.63
C PRO B 194 -27.96 -20.37 12.41
N ALA B 195 -27.34 -19.31 12.00
CA ALA B 195 -26.18 -18.86 12.78
C ALA B 195 -26.56 -18.17 14.06
N PHE B 196 -27.83 -18.18 14.43
CA PHE B 196 -28.25 -17.55 15.67
C PHE B 196 -27.52 -18.12 16.86
N LEU B 197 -27.49 -19.44 16.98
CA LEU B 197 -26.95 -20.08 18.19
C LEU B 197 -25.43 -20.07 18.22
N THR B 198 -24.78 -20.18 17.07
CA THR B 198 -23.33 -20.19 17.07
C THR B 198 -22.76 -18.79 17.26
N TRP B 199 -23.41 -17.80 16.67
CA TRP B 199 -23.00 -16.42 16.89
C TRP B 199 -23.02 -16.07 18.36
N HIS B 200 -24.14 -16.34 19.03
CA HIS B 200 -24.29 -15.95 20.41
C HIS B 200 -23.46 -16.80 21.36
N ARG B 201 -23.10 -18.02 20.95
CA ARG B 201 -22.19 -18.82 21.76
C ARG B 201 -20.78 -18.24 21.73
N TYR B 202 -20.30 -17.85 20.57
CA TYR B 202 -18.99 -17.23 20.53
C TYR B 202 -18.99 -15.90 21.27
N HIS B 203 -20.02 -15.09 21.06
CA HIS B 203 -20.27 -13.87 21.81
C HIS B 203 -19.98 -14.04 23.30
N LEU B 204 -20.63 -15.02 23.92
CA LEU B 204 -20.46 -15.29 25.34
C LEU B 204 -19.02 -15.71 25.64
N LEU B 205 -18.45 -16.56 24.80
CA LEU B 205 -17.08 -17.00 25.03
C LEU B 205 -16.11 -15.84 25.02
N ARG B 206 -16.38 -14.84 24.19
CA ARG B 206 -15.50 -13.68 24.12
C ARG B 206 -15.62 -12.84 25.39
N LEU B 207 -16.82 -12.70 25.91
CA LEU B 207 -16.99 -11.96 27.15
C LEU B 207 -16.36 -12.72 28.30
N GLU B 208 -16.68 -14.01 28.41
CA GLU B 208 -16.15 -14.85 29.48
C GLU B 208 -14.63 -14.83 29.50
N LYS B 209 -13.99 -14.89 28.34
CA LYS B 209 -12.54 -14.80 28.29
C LYS B 209 -12.07 -13.42 28.71
N ASP B 210 -12.73 -12.38 28.24
CA ASP B 210 -12.29 -11.02 28.52
C ASP B 210 -12.32 -10.72 30.00
N MET B 211 -13.32 -11.25 30.70
CA MET B 211 -13.47 -10.98 32.11
C MET B 211 -12.49 -11.79 32.93
N GLN B 212 -12.34 -13.08 32.60
CA GLN B 212 -11.27 -13.92 33.16
C GLN B 212 -9.94 -13.19 33.22
N GLU B 213 -9.49 -12.68 32.09
CA GLU B 213 -8.22 -11.95 32.06
C GLU B 213 -8.29 -10.66 32.84
N MET B 214 -9.45 -9.99 32.88
CA MET B 214 -9.61 -8.78 33.66
C MET B 214 -9.46 -9.05 35.15
N LEU B 215 -10.09 -10.13 35.62
CA LEU B 215 -10.04 -10.52 37.01
C LEU B 215 -8.82 -11.34 37.35
N GLN B 216 -8.00 -11.69 36.37
CA GLN B 216 -6.93 -12.66 36.52
C GLN B 216 -7.44 -13.87 37.31
N GLU B 217 -8.59 -14.37 36.87
CA GLU B 217 -9.17 -15.60 37.42
C GLU B 217 -9.42 -16.52 36.24
N PRO B 218 -8.53 -17.49 36.00
CA PRO B 218 -8.74 -18.38 34.86
C PRO B 218 -10.05 -19.14 34.90
N SER B 219 -10.69 -19.28 36.06
CA SER B 219 -11.81 -20.18 36.19
C SER B 219 -13.13 -19.46 36.36
N PHE B 220 -13.14 -18.14 36.24
CA PHE B 220 -14.37 -17.38 36.30
C PHE B 220 -15.28 -17.79 35.15
N SER B 221 -16.55 -17.98 35.45
CA SER B 221 -17.50 -18.42 34.45
C SER B 221 -18.77 -17.59 34.49
N LEU B 222 -19.49 -17.60 33.38
CA LEU B 222 -20.72 -16.84 33.25
C LEU B 222 -21.88 -17.67 33.76
N PRO B 223 -22.65 -17.19 34.71
CA PRO B 223 -23.81 -17.93 35.19
C PRO B 223 -24.96 -17.74 34.21
N TYR B 224 -26.04 -18.46 34.46
CA TYR B 224 -27.19 -18.39 33.58
C TYR B 224 -28.42 -18.08 34.40
N TRP B 225 -29.50 -17.73 33.69
CA TRP B 225 -30.80 -17.42 34.26
C TRP B 225 -31.79 -18.41 33.66
N ASN B 226 -32.32 -19.30 34.47
CA ASN B 226 -33.38 -20.15 33.99
C ASN B 226 -34.64 -19.32 33.89
N PHE B 227 -35.00 -18.91 32.68
CA PHE B 227 -36.18 -18.11 32.48
C PHE B 227 -37.39 -18.94 32.10
N ALA B 228 -37.24 -20.26 31.98
CA ALA B 228 -38.35 -21.13 31.62
C ALA B 228 -39.09 -21.60 32.88
N THR B 229 -39.53 -20.62 33.66
CA THR B 229 -40.24 -20.87 34.90
C THR B 229 -41.72 -20.55 34.81
N GLY B 230 -42.19 -20.04 33.69
CA GLY B 230 -43.58 -19.65 33.62
C GLY B 230 -43.99 -18.55 34.56
N LYS B 231 -43.03 -17.85 35.15
CA LYS B 231 -43.36 -16.93 36.22
C LYS B 231 -43.91 -15.62 35.67
N ASN B 232 -44.64 -14.94 36.54
CA ASN B 232 -45.18 -13.61 36.33
C ASN B 232 -44.14 -12.53 36.53
N VAL B 233 -42.95 -12.87 37.03
CA VAL B 233 -41.97 -11.90 37.54
C VAL B 233 -40.57 -12.30 37.12
N CYS B 234 -39.66 -11.35 37.28
CA CYS B 234 -38.24 -11.56 36.94
C CYS B 234 -37.53 -11.93 38.23
N ASP B 235 -37.29 -13.23 38.43
CA ASP B 235 -36.81 -13.66 39.74
C ASP B 235 -35.35 -13.34 39.99
N ILE B 236 -34.61 -12.86 38.99
CA ILE B 236 -33.26 -12.39 39.21
C ILE B 236 -33.21 -10.87 39.30
N CYS B 237 -34.35 -10.22 39.42
CA CYS B 237 -34.40 -8.77 39.42
C CYS B 237 -34.47 -8.26 40.85
N THR B 238 -33.35 -8.44 41.56
CA THR B 238 -33.23 -8.06 42.95
C THR B 238 -31.89 -7.37 43.17
N ASP B 239 -31.81 -6.56 44.21
CA ASP B 239 -30.66 -5.68 44.33
C ASP B 239 -29.38 -6.44 44.62
N ASP B 240 -29.46 -7.67 45.13
CA ASP B 240 -28.24 -8.43 45.30
C ASP B 240 -27.78 -9.09 44.00
N LEU B 241 -28.52 -8.95 42.92
CA LEU B 241 -28.12 -9.46 41.61
C LEU B 241 -29.01 -8.94 40.50
N MET B 242 -28.48 -8.09 39.62
CA MET B 242 -29.18 -7.60 38.42
C MET B 242 -30.16 -6.46 38.69
N GLY B 243 -30.73 -6.37 39.89
CA GLY B 243 -31.46 -5.18 40.31
C GLY B 243 -32.97 -5.25 40.27
N SER B 244 -33.63 -4.63 41.23
CA SER B 244 -35.09 -4.57 41.25
C SER B 244 -35.57 -3.22 40.74
N ARG B 245 -36.87 -3.03 40.82
CA ARG B 245 -37.53 -1.88 40.22
C ARG B 245 -37.37 -0.64 41.09
N SER B 246 -36.99 0.48 40.47
CA SER B 246 -36.93 1.75 41.19
C SER B 246 -38.30 2.15 41.72
N ASN B 247 -38.34 2.58 42.98
CA ASN B 247 -39.57 3.06 43.58
C ASN B 247 -39.90 4.49 43.17
N PHE B 248 -39.02 5.17 42.45
CA PHE B 248 -39.28 6.51 41.95
C PHE B 248 -39.60 6.54 40.46
N ASP B 249 -39.47 5.42 39.76
CA ASP B 249 -39.77 5.34 38.33
C ASP B 249 -39.92 3.87 38.02
N SER B 250 -41.11 3.45 37.60
CA SER B 250 -41.37 2.03 37.39
C SER B 250 -40.53 1.40 36.28
N THR B 251 -39.87 2.18 35.45
CA THR B 251 -39.16 1.63 34.32
C THR B 251 -37.65 1.75 34.44
N LEU B 252 -37.15 2.23 35.57
CA LEU B 252 -35.73 2.32 35.83
C LEU B 252 -35.32 1.27 36.86
N ILE B 253 -34.03 1.05 36.97
CA ILE B 253 -33.49 0.07 37.89
C ILE B 253 -33.27 0.73 39.25
N SER B 254 -33.51 -0.03 40.30
CA SER B 254 -33.37 0.47 41.66
C SER B 254 -32.06 1.22 41.84
N PRO B 255 -32.06 2.38 42.51
CA PRO B 255 -30.80 3.08 42.77
C PRO B 255 -29.89 2.33 43.72
N ASN B 256 -30.33 1.22 44.30
CA ASN B 256 -29.50 0.42 45.16
C ASN B 256 -28.80 -0.71 44.42
N SER B 257 -28.86 -0.70 43.10
CA SER B 257 -28.15 -1.63 42.25
C SER B 257 -27.16 -0.84 41.42
N VAL B 258 -25.97 -1.40 41.19
CA VAL B 258 -25.00 -0.68 40.38
C VAL B 258 -25.53 -0.48 38.98
N PHE B 259 -26.42 -1.35 38.53
CA PHE B 259 -26.84 -1.27 37.14
C PHE B 259 -27.71 -0.05 36.89
N SER B 260 -28.25 0.58 37.93
CA SER B 260 -28.95 1.83 37.78
C SER B 260 -28.03 2.95 37.37
N GLN B 261 -26.73 2.77 37.49
CA GLN B 261 -25.78 3.80 37.09
C GLN B 261 -25.29 3.65 35.68
N TRP B 262 -25.47 2.49 35.06
CA TRP B 262 -24.97 2.27 33.71
C TRP B 262 -25.67 3.19 32.72
N ARG B 263 -24.94 3.61 31.71
CA ARG B 263 -25.48 4.38 30.60
C ARG B 263 -25.26 3.62 29.30
N VAL B 264 -26.25 3.60 28.44
CA VAL B 264 -26.27 2.68 27.32
C VAL B 264 -25.47 3.26 26.15
N VAL B 265 -25.03 2.37 25.27
CA VAL B 265 -24.37 2.75 24.03
C VAL B 265 -25.24 2.30 22.87
N CYS B 266 -24.99 2.92 21.70
CA CYS B 266 -25.59 2.54 20.44
C CYS B 266 -27.07 2.85 20.35
N ASP B 267 -27.54 3.93 20.97
CA ASP B 267 -28.96 4.25 20.98
C ASP B 267 -29.32 5.40 20.05
N SER B 268 -28.50 5.70 19.05
CA SER B 268 -28.86 6.77 18.14
C SER B 268 -29.07 6.24 16.73
N LEU B 269 -30.03 5.32 16.54
CA LEU B 269 -30.23 4.72 15.23
C LEU B 269 -30.52 5.78 14.18
N GLU B 270 -31.23 6.84 14.55
CA GLU B 270 -31.57 7.89 13.59
C GLU B 270 -30.34 8.56 13.03
N ASP B 271 -29.28 8.69 13.81
CA ASP B 271 -28.03 9.22 13.26
C ASP B 271 -27.35 8.20 12.36
N TYR B 272 -27.10 7.00 12.89
CA TYR B 272 -26.39 5.99 12.11
C TYR B 272 -27.06 5.77 10.78
N ASP B 273 -28.38 5.61 10.77
CA ASP B 273 -29.08 5.19 9.58
C ASP B 273 -29.32 6.31 8.57
N THR B 274 -28.99 7.55 8.91
CA THR B 274 -29.13 8.64 7.95
C THR B 274 -27.82 9.35 7.65
N LEU B 275 -26.91 9.42 8.61
CA LEU B 275 -25.58 9.94 8.32
C LEU B 275 -24.60 8.88 7.87
N GLY B 276 -24.90 7.60 8.07
CA GLY B 276 -23.96 6.56 7.70
C GLY B 276 -22.85 6.35 8.71
N THR B 277 -23.06 6.74 9.95
CA THR B 277 -22.07 6.49 10.97
C THR B 277 -22.34 5.15 11.66
N LEU B 278 -21.53 4.85 12.65
CA LEU B 278 -21.72 3.67 13.46
C LEU B 278 -21.69 4.08 14.91
N CYS B 279 -22.36 3.26 15.73
CA CYS B 279 -22.30 3.41 17.18
C CYS B 279 -20.87 3.67 17.63
N ASN B 280 -20.70 4.58 18.58
CA ASN B 280 -19.41 4.93 19.13
C ASN B 280 -19.47 4.75 20.64
N SER B 281 -18.42 5.20 21.32
CA SER B 281 -18.21 4.84 22.71
C SER B 281 -18.87 5.80 23.69
N THR B 282 -19.65 6.75 23.20
CA THR B 282 -20.28 7.76 24.04
C THR B 282 -21.60 7.23 24.57
N GLU B 283 -21.72 7.16 25.88
CA GLU B 283 -22.91 6.63 26.53
C GLU B 283 -24.00 7.69 26.61
N ASP B 284 -25.25 7.24 26.68
CA ASP B 284 -26.40 8.15 26.69
C ASP B 284 -27.35 7.87 27.83
N GLY B 285 -28.51 7.30 27.54
CA GLY B 285 -29.54 7.15 28.55
C GLY B 285 -29.28 5.99 29.49
N PRO B 286 -30.17 5.83 30.46
CA PRO B 286 -30.09 4.70 31.38
C PRO B 286 -30.76 3.46 30.80
N ILE B 287 -30.54 2.35 31.49
CA ILE B 287 -31.25 1.11 31.16
C ILE B 287 -32.71 1.27 31.54
N ARG B 288 -33.60 0.98 30.61
CA ARG B 288 -35.02 0.90 30.88
C ARG B 288 -35.43 -0.55 31.00
N ARG B 289 -36.12 -0.88 32.08
CA ARG B 289 -36.59 -2.23 32.33
C ARG B 289 -37.89 -2.16 33.11
N ASN B 290 -38.80 -3.04 32.79
CA ASN B 290 -40.13 -3.07 33.36
C ASN B 290 -40.70 -4.47 33.17
N PRO B 291 -40.19 -5.47 33.88
CA PRO B 291 -40.62 -6.84 33.61
C PRO B 291 -42.13 -6.98 33.70
N ALA B 292 -42.70 -7.65 32.72
CA ALA B 292 -44.14 -7.86 32.58
C ALA B 292 -44.92 -6.58 32.33
N GLY B 293 -44.27 -5.46 32.07
CA GLY B 293 -44.96 -4.20 31.93
C GLY B 293 -45.71 -3.97 30.63
N ASN B 294 -45.59 -4.85 29.64
CA ASN B 294 -46.19 -4.60 28.32
C ASN B 294 -47.67 -4.92 28.39
N VAL B 295 -48.43 -3.97 28.95
CA VAL B 295 -49.88 -4.16 29.09
C VAL B 295 -50.57 -4.24 27.74
N ALA B 296 -49.96 -3.66 26.70
CA ALA B 296 -50.58 -3.67 25.39
C ALA B 296 -50.53 -5.04 24.74
N ARG B 297 -49.58 -5.89 25.14
CA ARG B 297 -49.29 -7.15 24.47
C ARG B 297 -49.30 -8.24 25.53
N PRO B 298 -50.48 -8.79 25.85
CA PRO B 298 -50.57 -9.73 26.96
C PRO B 298 -49.71 -10.97 26.81
N MET B 299 -49.37 -11.36 25.59
CA MET B 299 -48.62 -12.60 25.41
C MET B 299 -47.19 -12.48 25.93
N VAL B 300 -46.68 -11.27 26.10
CA VAL B 300 -45.30 -11.09 26.51
C VAL B 300 -45.23 -10.65 27.97
N GLN B 301 -46.18 -11.10 28.78
CA GLN B 301 -46.21 -10.76 30.20
C GLN B 301 -46.06 -11.98 31.11
N ARG B 302 -45.67 -13.12 30.57
CA ARG B 302 -45.39 -14.30 31.34
C ARG B 302 -44.29 -15.06 30.62
N LEU B 303 -43.37 -15.63 31.37
CA LEU B 303 -42.17 -16.25 30.81
C LEU B 303 -42.49 -17.65 30.29
N PRO B 304 -41.58 -18.26 29.53
CA PRO B 304 -41.84 -19.60 29.02
C PRO B 304 -42.11 -20.59 30.14
N GLU B 305 -42.96 -21.56 29.85
CA GLU B 305 -43.24 -22.65 30.77
C GLU B 305 -42.14 -23.70 30.69
N PRO B 306 -41.98 -24.52 31.73
CA PRO B 306 -40.91 -25.53 31.71
C PRO B 306 -41.04 -26.57 30.60
N GLN B 307 -42.24 -26.94 30.20
CA GLN B 307 -42.39 -27.91 29.13
C GLN B 307 -42.08 -27.31 27.76
N ASP B 308 -42.08 -25.99 27.64
CA ASP B 308 -41.61 -25.40 26.40
C ASP B 308 -40.17 -25.80 26.11
N VAL B 309 -39.35 -25.93 27.13
CA VAL B 309 -37.98 -26.38 26.92
C VAL B 309 -37.94 -27.86 26.59
N ALA B 310 -38.70 -28.67 27.33
CA ALA B 310 -38.73 -30.10 27.03
C ALA B 310 -39.21 -30.34 25.62
N GLN B 311 -40.24 -29.60 25.19
CA GLN B 311 -40.81 -29.85 23.87
C GLN B 311 -39.85 -29.48 22.76
N CYS B 312 -39.08 -28.42 22.94
CA CYS B 312 -38.22 -27.97 21.85
C CYS B 312 -37.01 -28.88 21.68
N LEU B 313 -36.57 -29.53 22.75
CA LEU B 313 -35.51 -30.50 22.57
C LEU B 313 -35.99 -31.78 21.88
N GLU B 314 -37.29 -31.92 21.64
CA GLU B 314 -37.81 -33.01 20.84
C GLU B 314 -37.69 -32.76 19.34
N VAL B 315 -37.32 -31.56 18.92
CA VAL B 315 -37.28 -31.24 17.50
C VAL B 315 -35.94 -31.67 16.94
N GLY B 316 -35.96 -32.55 15.95
CA GLY B 316 -34.78 -33.28 15.56
C GLY B 316 -33.92 -32.66 14.49
N LEU B 317 -34.44 -31.72 13.73
CA LEU B 317 -33.63 -31.05 12.72
C LEU B 317 -33.10 -29.75 13.30
N PHE B 318 -31.80 -29.52 13.15
CA PHE B 318 -31.24 -28.30 13.68
C PHE B 318 -31.82 -27.09 13.00
N ASP B 319 -31.92 -27.11 11.67
CA ASP B 319 -32.64 -26.07 10.94
C ASP B 319 -33.25 -26.67 9.68
N THR B 320 -34.14 -25.91 9.07
CA THR B 320 -34.83 -26.30 7.85
C THR B 320 -34.88 -25.10 6.92
N PRO B 321 -35.07 -25.33 5.62
CA PRO B 321 -35.27 -24.22 4.68
C PRO B 321 -36.56 -23.49 4.97
N PRO B 322 -36.60 -22.19 4.71
CA PRO B 322 -35.54 -21.41 4.09
C PRO B 322 -34.48 -20.89 5.06
N PHE B 323 -34.38 -21.48 6.26
CA PHE B 323 -33.34 -21.12 7.22
C PHE B 323 -33.51 -19.69 7.73
N TYR B 324 -34.71 -19.38 8.21
CA TYR B 324 -35.12 -18.03 8.48
C TYR B 324 -36.13 -18.08 9.60
N SER B 325 -36.63 -16.91 10.01
CA SER B 325 -37.56 -16.86 11.12
C SER B 325 -38.92 -17.44 10.81
N ASN B 326 -39.21 -17.81 9.56
CA ASN B 326 -40.43 -18.54 9.25
C ASN B 326 -40.17 -20.00 8.90
N SER B 327 -39.02 -20.53 9.28
CA SER B 327 -38.81 -21.96 9.16
C SER B 327 -39.78 -22.71 10.06
N THR B 328 -40.08 -23.95 9.70
CA THR B 328 -40.93 -24.77 10.52
C THR B 328 -40.22 -26.08 10.79
N ASN B 329 -40.50 -26.66 11.96
CA ASN B 329 -39.83 -27.87 12.44
C ASN B 329 -38.32 -27.67 12.54
N SER B 330 -37.89 -26.47 12.88
CA SER B 330 -36.48 -26.15 13.03
C SER B 330 -36.16 -25.94 14.50
N PHE B 331 -35.16 -26.65 15.02
CA PHE B 331 -34.77 -26.45 16.40
C PHE B 331 -34.26 -25.03 16.60
N ARG B 332 -33.34 -24.60 15.74
CA ARG B 332 -32.81 -23.24 15.83
C ARG B 332 -33.94 -22.22 15.94
N ASN B 333 -34.93 -22.33 15.07
CA ASN B 333 -36.00 -21.35 15.06
C ASN B 333 -36.93 -21.52 16.24
N THR B 334 -37.09 -22.74 16.74
CA THR B 334 -37.92 -22.94 17.91
C THR B 334 -37.29 -22.29 19.13
N VAL B 335 -36.01 -22.58 19.38
CA VAL B 335 -35.39 -22.06 20.58
C VAL B 335 -35.12 -20.57 20.45
N GLU B 336 -34.94 -20.07 19.24
CA GLU B 336 -34.84 -18.63 19.07
C GLU B 336 -36.15 -17.96 19.45
N GLY B 337 -37.25 -18.62 19.19
CA GLY B 337 -38.54 -18.17 19.64
C GLY B 337 -39.50 -17.67 18.59
N TYR B 338 -39.38 -18.10 17.34
CA TYR B 338 -40.33 -17.75 16.29
C TYR B 338 -41.30 -18.88 15.97
N SER B 339 -40.92 -20.14 16.20
CA SER B 339 -41.88 -21.22 16.24
C SER B 339 -42.41 -21.38 17.65
N ASP B 340 -43.52 -22.09 17.79
CA ASP B 340 -43.97 -22.47 19.11
C ASP B 340 -43.13 -23.65 19.59
N PRO B 341 -43.21 -24.02 20.87
CA PRO B 341 -42.25 -24.98 21.42
C PRO B 341 -42.25 -26.34 20.75
N THR B 342 -43.31 -26.73 20.06
CA THR B 342 -43.34 -28.01 19.36
C THR B 342 -42.75 -27.93 17.97
N GLY B 343 -42.29 -26.77 17.52
CA GLY B 343 -41.68 -26.63 16.21
C GLY B 343 -42.57 -26.06 15.13
N LYS B 344 -43.82 -25.76 15.44
CA LYS B 344 -44.73 -25.19 14.47
C LYS B 344 -44.49 -23.69 14.35
N TYR B 345 -44.28 -23.21 13.13
CA TYR B 345 -44.19 -21.77 12.94
C TYR B 345 -45.59 -21.17 12.97
N ASP B 346 -45.66 -19.92 13.42
CA ASP B 346 -46.90 -19.16 13.47
C ASP B 346 -46.50 -17.70 13.61
N PRO B 347 -46.95 -16.82 12.71
CA PRO B 347 -46.47 -15.43 12.76
C PRO B 347 -46.77 -14.72 14.05
N ALA B 348 -47.72 -15.19 14.85
CA ALA B 348 -48.07 -14.50 16.08
C ALA B 348 -47.25 -14.95 17.29
N VAL B 349 -46.81 -16.20 17.35
CA VAL B 349 -46.18 -16.73 18.54
C VAL B 349 -44.86 -16.02 18.80
N ARG B 350 -44.58 -15.77 20.07
CA ARG B 350 -43.26 -15.35 20.52
C ARG B 350 -42.93 -16.19 21.75
N SER B 351 -42.00 -17.13 21.61
CA SER B 351 -41.69 -18.07 22.69
C SER B 351 -40.22 -18.01 23.03
N LEU B 352 -39.85 -18.82 24.02
CA LEU B 352 -38.49 -19.03 24.51
C LEU B 352 -37.57 -17.81 24.46
N HIS B 353 -36.47 -17.86 23.71
CA HIS B 353 -35.49 -16.77 23.78
C HIS B 353 -36.11 -15.44 23.42
N ASN B 354 -37.01 -15.41 22.45
CA ASN B 354 -37.63 -14.14 22.08
C ASN B 354 -38.54 -13.63 23.19
N LEU B 355 -39.31 -14.53 23.81
CA LEU B 355 -40.21 -14.13 24.88
C LEU B 355 -39.44 -13.60 26.08
N ALA B 356 -38.36 -14.25 26.45
CA ALA B 356 -37.56 -13.75 27.55
C ALA B 356 -37.09 -12.33 27.31
N HIS B 357 -36.85 -11.96 26.06
CA HIS B 357 -36.43 -10.61 25.72
C HIS B 357 -37.60 -9.67 25.83
N LEU B 358 -38.74 -10.04 25.30
CA LEU B 358 -39.89 -9.15 25.25
C LEU B 358 -40.54 -8.98 26.61
N PHE B 359 -40.42 -10.00 27.46
CA PHE B 359 -40.89 -9.90 28.84
C PHE B 359 -40.30 -8.71 29.58
N LEU B 360 -39.08 -8.32 29.26
CA LEU B 360 -38.45 -7.23 29.98
C LEU B 360 -39.07 -5.86 29.66
N ASN B 361 -39.75 -5.71 28.53
CA ASN B 361 -40.44 -4.47 28.16
C ASN B 361 -39.56 -3.26 28.42
N GLY B 362 -38.43 -3.24 27.73
CA GLY B 362 -37.48 -2.18 27.93
C GLY B 362 -36.30 -2.36 27.03
N THR B 363 -35.17 -1.81 27.46
CA THR B 363 -33.94 -1.89 26.69
C THR B 363 -33.61 -3.33 26.29
N GLY B 364 -33.85 -4.29 27.18
CA GLY B 364 -33.55 -5.67 26.85
C GLY B 364 -34.35 -6.24 25.70
N GLY B 365 -35.42 -5.59 25.28
CA GLY B 365 -36.25 -6.10 24.22
C GLY B 365 -36.08 -5.44 22.86
N GLN B 366 -35.06 -4.61 22.69
CA GLN B 366 -34.79 -3.95 21.43
C GLN B 366 -33.50 -4.51 20.84
N THR B 367 -33.58 -5.01 19.61
CA THR B 367 -32.48 -5.84 19.12
C THR B 367 -31.19 -5.07 19.00
N HIS B 368 -31.27 -3.81 18.60
CA HIS B 368 -30.02 -3.08 18.46
C HIS B 368 -29.41 -2.71 19.80
N LEU B 369 -30.16 -2.83 20.89
CA LEU B 369 -29.77 -2.32 22.18
C LEU B 369 -29.67 -3.37 23.28
N SER B 370 -30.20 -4.57 23.06
CA SER B 370 -30.47 -5.46 24.18
C SER B 370 -29.26 -5.84 25.04
N PRO B 371 -28.03 -5.90 24.56
CA PRO B 371 -26.94 -6.23 25.47
C PRO B 371 -26.67 -5.18 26.52
N ASN B 372 -27.24 -3.99 26.43
CA ASN B 372 -26.99 -2.97 27.43
C ASN B 372 -27.54 -3.35 28.80
N ASP B 373 -28.62 -4.12 28.82
CA ASP B 373 -29.16 -4.69 30.03
C ASP B 373 -28.44 -5.98 30.32
N PRO B 374 -27.72 -6.09 31.44
CA PRO B 374 -26.87 -7.26 31.66
C PRO B 374 -27.64 -8.55 31.89
N ILE B 375 -28.96 -8.56 31.94
CA ILE B 375 -29.68 -9.82 31.95
C ILE B 375 -29.43 -10.57 30.65
N PHE B 376 -29.09 -9.84 29.59
CA PHE B 376 -28.72 -10.46 28.32
C PHE B 376 -27.71 -11.59 28.51
N VAL B 377 -26.61 -11.32 29.21
CA VAL B 377 -25.63 -12.36 29.50
C VAL B 377 -26.30 -13.61 30.05
N LEU B 378 -27.16 -13.45 31.03
CA LEU B 378 -27.76 -14.63 31.64
C LEU B 378 -28.85 -15.24 30.78
N LEU B 379 -29.51 -14.43 29.96
CA LEU B 379 -30.46 -14.98 29.03
C LEU B 379 -29.77 -15.83 27.98
N HIS B 380 -28.57 -15.45 27.59
CA HIS B 380 -27.97 -16.18 26.49
C HIS B 380 -27.13 -17.38 26.92
N THR B 381 -26.54 -17.35 28.12
CA THR B 381 -25.91 -18.57 28.62
C THR B 381 -26.94 -19.64 28.89
N PHE B 382 -28.17 -19.27 29.22
CA PHE B 382 -29.18 -20.31 29.34
C PHE B 382 -29.62 -20.79 27.98
N THR B 383 -29.76 -19.87 27.02
CA THR B 383 -30.06 -20.26 25.65
C THR B 383 -28.96 -21.15 25.09
N ASP B 384 -27.71 -20.80 25.37
CA ASP B 384 -26.61 -21.66 24.97
C ASP B 384 -26.66 -23.03 25.63
N ALA B 385 -27.20 -23.13 26.84
CA ALA B 385 -27.30 -24.43 27.49
C ALA B 385 -28.30 -25.34 26.80
N VAL B 386 -29.43 -24.79 26.36
CA VAL B 386 -30.38 -25.56 25.55
C VAL B 386 -29.73 -25.98 24.23
N PHE B 387 -28.92 -25.10 23.65
CA PHE B 387 -28.16 -25.44 22.46
C PHE B 387 -27.25 -26.64 22.73
N ASP B 388 -26.41 -26.56 23.77
CA ASP B 388 -25.49 -27.64 24.07
C ASP B 388 -26.20 -28.93 24.42
N GLU B 389 -27.36 -28.87 25.06
CA GLU B 389 -28.08 -30.11 25.34
C GLU B 389 -28.55 -30.75 24.05
N TRP B 390 -29.03 -29.94 23.11
CA TRP B 390 -29.37 -30.48 21.79
C TRP B 390 -28.15 -31.08 21.11
N LEU B 391 -27.00 -30.43 21.25
CA LEU B 391 -25.81 -30.95 20.58
C LEU B 391 -25.47 -32.35 21.08
N ARG B 392 -25.57 -32.56 22.38
CA ARG B 392 -25.32 -33.90 22.93
C ARG B 392 -26.44 -34.85 22.55
N ARG B 393 -27.68 -34.39 22.65
CA ARG B 393 -28.83 -35.27 22.43
C ARG B 393 -28.91 -35.78 21.00
N TYR B 394 -28.39 -35.05 20.03
CA TYR B 394 -28.46 -35.47 18.63
C TYR B 394 -27.07 -35.56 18.00
N ASN B 395 -26.05 -35.83 18.80
CA ASN B 395 -24.71 -36.18 18.33
C ASN B 395 -24.09 -35.10 17.47
N ALA B 396 -24.50 -33.85 17.65
CA ALA B 396 -23.90 -32.71 16.95
C ALA B 396 -24.09 -32.83 15.43
N ASP B 397 -25.32 -33.12 15.03
CA ASP B 397 -25.63 -33.39 13.63
C ASP B 397 -25.69 -32.07 12.86
N ILE B 398 -24.59 -31.73 12.18
CA ILE B 398 -24.50 -30.46 11.47
C ILE B 398 -25.07 -30.54 10.07
N SER B 399 -25.64 -31.68 9.68
CA SER B 399 -26.00 -31.88 8.28
C SER B 399 -27.06 -30.89 7.80
N THR B 400 -28.00 -30.48 8.67
CA THR B 400 -29.03 -29.51 8.29
C THR B 400 -28.57 -28.06 8.39
N PHE B 401 -27.39 -27.78 8.90
CA PHE B 401 -26.89 -26.42 8.91
C PHE B 401 -26.42 -26.11 7.50
N PRO B 402 -27.10 -25.25 6.75
CA PRO B 402 -26.80 -25.14 5.32
C PRO B 402 -25.41 -24.62 5.04
N LEU B 403 -24.85 -25.09 3.93
CA LEU B 403 -23.60 -24.56 3.42
C LEU B 403 -23.81 -23.41 2.47
N GLU B 404 -25.00 -23.30 1.89
CA GLU B 404 -25.33 -22.22 0.98
C GLU B 404 -26.84 -22.01 0.99
N ASN B 405 -27.23 -20.82 0.53
CA ASN B 405 -28.61 -20.35 0.37
C ASN B 405 -29.26 -19.99 1.70
N ALA B 406 -28.50 -19.90 2.77
CA ALA B 406 -28.97 -19.31 4.01
C ALA B 406 -28.88 -17.79 3.93
N PRO B 407 -29.55 -17.06 4.80
CA PRO B 407 -29.44 -15.60 4.76
C PRO B 407 -27.99 -15.18 4.93
N ILE B 408 -27.66 -14.00 4.41
CA ILE B 408 -26.27 -13.57 4.42
C ILE B 408 -25.78 -13.49 5.86
N GLY B 409 -24.64 -14.10 6.12
CA GLY B 409 -24.12 -14.28 7.45
C GLY B 409 -24.27 -15.68 8.01
N HIS B 410 -25.21 -16.47 7.50
CA HIS B 410 -25.63 -17.69 8.18
C HIS B 410 -25.23 -18.96 7.47
N ASN B 411 -24.46 -18.88 6.40
CA ASN B 411 -23.92 -20.09 5.81
C ASN B 411 -22.87 -20.69 6.72
N ARG B 412 -22.75 -22.02 6.66
CA ARG B 412 -21.98 -22.76 7.66
C ARG B 412 -20.54 -22.26 7.78
N GLN B 413 -19.92 -21.85 6.68
CA GLN B 413 -18.52 -21.46 6.68
C GLN B 413 -18.32 -19.95 6.67
N TYR B 414 -19.40 -19.19 6.82
CA TYR B 414 -19.28 -17.75 6.96
C TYR B 414 -18.56 -17.41 8.25
N ASN B 415 -17.69 -16.41 8.21
CA ASN B 415 -17.01 -15.95 9.42
C ASN B 415 -17.94 -15.03 10.20
N MET B 416 -18.20 -15.37 11.46
CA MET B 416 -19.25 -14.69 12.21
C MET B 416 -18.86 -13.25 12.47
N VAL B 417 -19.77 -12.33 12.15
CA VAL B 417 -19.47 -10.91 12.08
C VAL B 417 -19.83 -10.17 13.36
N PRO B 418 -18.92 -9.34 13.87
CA PRO B 418 -17.60 -9.01 13.35
C PRO B 418 -16.45 -9.53 14.19
N PHE B 419 -16.46 -10.81 14.56
CA PHE B 419 -15.48 -11.31 15.50
C PHE B 419 -14.11 -11.45 14.85
N TRP B 420 -13.08 -11.24 15.66
CA TRP B 420 -11.71 -11.33 15.18
C TRP B 420 -10.85 -12.12 16.17
N PRO B 421 -9.92 -12.93 15.65
CA PRO B 421 -9.71 -13.30 14.25
C PRO B 421 -10.84 -14.18 13.71
N PRO B 422 -10.93 -14.34 12.40
CA PRO B 422 -12.10 -14.98 11.81
C PRO B 422 -12.40 -16.34 12.43
N VAL B 423 -13.67 -16.61 12.63
CA VAL B 423 -14.13 -17.87 13.21
C VAL B 423 -15.45 -18.23 12.56
N THR B 424 -15.58 -19.47 12.12
CA THR B 424 -16.77 -19.87 11.38
C THR B 424 -17.83 -20.42 12.32
N ASN B 425 -19.04 -20.54 11.79
CA ASN B 425 -20.11 -21.14 12.56
C ASN B 425 -19.82 -22.59 12.88
N THR B 426 -19.01 -23.23 12.04
CA THR B 426 -18.65 -24.62 12.29
C THR B 426 -17.84 -24.76 13.56
N GLU B 427 -16.85 -23.89 13.74
CA GLU B 427 -15.99 -23.95 14.91
C GLU B 427 -16.77 -23.94 16.22
N MET B 428 -18.00 -23.44 16.23
CA MET B 428 -18.83 -23.42 17.42
C MET B 428 -19.83 -24.56 17.48
N PHE B 429 -20.03 -25.28 16.38
CA PHE B 429 -21.04 -26.34 16.35
C PHE B 429 -20.47 -27.64 16.92
N VAL B 430 -20.01 -27.55 18.16
CA VAL B 430 -19.36 -28.63 18.87
C VAL B 430 -19.93 -28.73 20.27
N THR B 431 -19.95 -29.94 20.82
CA THR B 431 -20.35 -30.11 22.20
C THR B 431 -19.37 -29.38 23.10
N ALA B 432 -19.87 -28.74 24.13
CA ALA B 432 -19.02 -27.76 24.80
C ALA B 432 -17.99 -28.36 25.77
N PRO B 433 -18.37 -29.30 26.64
CA PRO B 433 -17.39 -29.82 27.59
C PRO B 433 -16.13 -30.34 26.93
N ASP B 434 -16.28 -31.20 25.92
CA ASP B 434 -15.14 -31.86 25.30
C ASP B 434 -14.33 -30.92 24.42
N ASN B 435 -14.96 -29.91 23.83
CA ASN B 435 -14.30 -29.12 22.81
C ASN B 435 -14.06 -27.67 23.19
N LEU B 436 -14.85 -27.09 24.09
CA LEU B 436 -14.72 -25.67 24.42
C LEU B 436 -14.34 -25.37 25.86
N GLY B 437 -14.31 -26.36 26.74
CA GLY B 437 -13.80 -26.10 28.06
C GLY B 437 -14.80 -25.58 29.05
N TYR B 438 -16.09 -25.70 28.76
CA TYR B 438 -17.09 -25.28 29.71
C TYR B 438 -18.26 -26.23 29.62
N THR B 439 -19.00 -26.33 30.72
CA THR B 439 -20.17 -27.18 30.78
C THR B 439 -21.20 -26.48 31.66
N TYR B 440 -22.41 -27.01 31.70
CA TYR B 440 -23.48 -26.42 32.49
C TYR B 440 -23.93 -27.38 33.58
N GLU B 441 -23.97 -26.88 34.81
CA GLU B 441 -24.67 -27.58 35.89
C GLU B 441 -26.15 -27.32 35.72
N ILE B 442 -26.90 -28.33 35.27
CA ILE B 442 -28.29 -28.11 34.95
C ILE B 442 -29.00 -29.45 34.79
N GLN B 443 -30.30 -29.48 35.03
CA GLN B 443 -31.10 -30.65 34.73
C GLN B 443 -32.35 -30.25 33.96
N TRP B 444 -32.76 -31.09 33.04
CA TRP B 444 -33.82 -30.78 32.11
C TRP B 444 -35.10 -31.54 32.46
N PRO B 445 -36.27 -30.99 32.16
CA PRO B 445 -37.52 -31.58 32.64
C PRO B 445 -37.95 -32.77 31.79
N SER B 446 -38.86 -33.56 32.36
CA SER B 446 -39.66 -34.54 31.62
C SER B 446 -40.68 -35.19 32.54
N GLN C 1 -10.40 13.09 -19.65
CA GLN C 1 -8.99 12.69 -19.59
C GLN C 1 -8.86 11.29 -19.06
N PHE C 2 -7.71 10.91 -18.63
CA PHE C 2 -7.47 9.49 -18.64
C PHE C 2 -7.48 8.91 -17.25
N PRO C 3 -7.96 7.69 -17.10
CA PRO C 3 -7.84 7.01 -15.81
C PRO C 3 -6.39 6.98 -15.39
N ARG C 4 -6.14 7.10 -14.09
CA ARG C 4 -4.75 7.13 -13.63
C ARG C 4 -4.02 5.85 -13.99
N GLN C 5 -4.72 4.71 -14.02
CA GLN C 5 -4.08 3.45 -14.37
C GLN C 5 -3.59 3.43 -15.81
N CYS C 6 -4.05 4.35 -16.64
CA CYS C 6 -3.61 4.43 -18.02
C CYS C 6 -2.60 5.53 -18.24
N ALA C 7 -2.38 6.39 -17.26
CA ALA C 7 -1.44 7.51 -17.40
C ALA C 7 -0.02 7.06 -17.10
N THR C 8 0.45 6.08 -17.86
CA THR C 8 1.68 5.41 -17.53
C THR C 8 2.50 5.17 -18.78
N VAL C 9 3.80 4.95 -18.59
CA VAL C 9 4.67 4.61 -19.70
C VAL C 9 4.22 3.32 -20.35
N GLU C 10 3.87 2.32 -19.54
CA GLU C 10 3.39 1.06 -20.07
C GLU C 10 2.19 1.25 -20.97
N ALA C 11 1.15 1.89 -20.45
CA ALA C 11 -0.11 1.95 -21.18
C ALA C 11 -0.04 2.88 -22.37
N LEU C 12 0.77 3.94 -22.30
CA LEU C 12 0.82 4.89 -23.40
C LEU C 12 1.56 4.34 -24.62
N ARG C 13 2.46 3.39 -24.41
CA ARG C 13 3.17 2.79 -25.52
C ARG C 13 2.44 1.59 -26.10
N SER C 14 1.73 0.82 -25.28
CA SER C 14 0.88 -0.21 -25.84
C SER C 14 -0.30 0.36 -26.59
N GLY C 15 -0.62 1.63 -26.38
CA GLY C 15 -1.81 2.19 -26.97
C GLY C 15 -3.11 1.64 -26.44
N MET C 16 -3.08 0.97 -25.29
CA MET C 16 -4.25 0.32 -24.72
C MET C 16 -4.54 0.95 -23.37
N CYS C 17 -5.80 1.31 -23.16
CA CYS C 17 -6.31 1.74 -21.87
C CYS C 17 -7.45 0.80 -21.51
N CYS C 18 -7.11 -0.34 -20.96
CA CYS C 18 -8.08 -1.37 -20.61
C CYS C 18 -7.81 -1.83 -19.18
N PRO C 19 -8.05 -0.98 -18.20
CA PRO C 19 -7.62 -1.31 -16.84
C PRO C 19 -8.41 -2.45 -16.23
N ASP C 20 -7.85 -2.98 -15.15
CA ASP C 20 -8.49 -4.04 -14.39
C ASP C 20 -9.66 -3.51 -13.57
N LEU C 21 -10.57 -4.42 -13.22
CA LEU C 21 -11.65 -4.13 -12.29
C LEU C 21 -11.40 -4.83 -10.96
N SER C 22 -11.48 -6.15 -10.91
CA SER C 22 -11.19 -6.93 -9.70
C SER C 22 -10.20 -8.03 -10.06
N PRO C 23 -8.92 -7.71 -10.15
CA PRO C 23 -7.94 -8.69 -10.61
C PRO C 23 -7.50 -9.64 -9.51
N VAL C 24 -8.19 -10.75 -9.34
CA VAL C 24 -7.82 -11.68 -8.27
C VAL C 24 -6.58 -12.50 -8.65
N SER C 25 -6.51 -13.00 -9.90
CA SER C 25 -5.38 -13.80 -10.34
C SER C 25 -4.18 -12.96 -10.75
N GLY C 26 -4.08 -11.72 -10.33
CA GLY C 26 -2.94 -10.89 -10.67
C GLY C 26 -3.27 -9.84 -11.70
N PRO C 27 -2.41 -8.83 -11.80
CA PRO C 27 -2.62 -7.79 -12.80
C PRO C 27 -2.78 -8.40 -14.19
N GLY C 28 -3.75 -7.90 -14.93
CA GLY C 28 -3.98 -8.33 -16.27
C GLY C 28 -5.10 -9.32 -16.43
N THR C 29 -5.68 -9.80 -15.34
CA THR C 29 -6.59 -10.93 -15.39
C THR C 29 -8.06 -10.53 -15.33
N ASP C 30 -8.36 -9.23 -15.17
CA ASP C 30 -9.76 -8.79 -15.23
C ASP C 30 -9.90 -7.48 -16.00
N ARG C 31 -9.18 -7.34 -17.10
CA ARG C 31 -9.32 -6.14 -17.89
C ARG C 31 -10.77 -5.98 -18.33
N CYS C 32 -11.31 -4.79 -18.12
CA CYS C 32 -12.67 -4.42 -18.47
C CYS C 32 -13.72 -5.30 -17.80
N GLY C 33 -13.40 -5.90 -16.66
CA GLY C 33 -14.37 -6.76 -16.00
C GLY C 33 -14.77 -7.97 -16.81
N SER C 34 -13.86 -8.52 -17.60
CA SER C 34 -14.19 -9.70 -18.39
C SER C 34 -14.32 -10.96 -17.54
N SER C 35 -13.73 -10.99 -16.34
CA SER C 35 -13.94 -12.14 -15.47
C SER C 35 -15.40 -12.31 -15.14
N SER C 36 -16.10 -11.21 -14.88
CA SER C 36 -17.55 -11.24 -14.81
C SER C 36 -18.10 -11.03 -16.22
N GLY C 37 -19.38 -10.74 -16.35
CA GLY C 37 -19.90 -10.56 -17.68
C GLY C 37 -19.82 -9.13 -18.18
N ARG C 38 -18.92 -8.33 -17.61
CA ARG C 38 -19.15 -6.88 -17.63
C ARG C 38 -18.64 -6.20 -18.91
N GLY C 39 -17.49 -6.58 -19.44
CA GLY C 39 -17.04 -5.91 -20.65
C GLY C 39 -15.83 -6.58 -21.25
N ARG C 40 -15.34 -5.99 -22.34
CA ARG C 40 -14.18 -6.52 -23.04
C ARG C 40 -13.28 -5.39 -23.49
N CYS C 41 -12.01 -5.72 -23.69
CA CYS C 41 -11.05 -4.80 -24.25
C CYS C 41 -11.10 -4.95 -25.76
N GLU C 42 -11.47 -3.89 -26.46
CA GLU C 42 -11.67 -3.93 -27.90
C GLU C 42 -10.92 -2.77 -28.53
N ALA C 43 -10.96 -2.71 -29.85
CA ALA C 43 -10.40 -1.59 -30.58
C ALA C 43 -11.37 -0.41 -30.54
N VAL C 44 -10.83 0.78 -30.62
CA VAL C 44 -11.64 1.98 -30.50
C VAL C 44 -12.17 2.43 -31.84
N THR C 45 -13.49 2.61 -31.91
CA THR C 45 -14.11 3.32 -33.02
C THR C 45 -13.93 4.81 -32.87
N ALA C 46 -13.62 5.47 -33.98
CA ALA C 46 -13.51 6.92 -34.04
C ALA C 46 -14.04 7.38 -35.38
N ASP C 47 -14.63 8.57 -35.39
CA ASP C 47 -15.22 9.07 -36.62
C ASP C 47 -14.13 9.35 -37.64
N SER C 48 -14.32 8.86 -38.85
CA SER C 48 -13.39 9.09 -39.95
C SER C 48 -13.85 10.17 -40.90
N ARG C 49 -15.11 10.56 -40.84
CA ARG C 49 -15.72 11.43 -41.82
C ARG C 49 -15.08 12.81 -41.83
N PRO C 50 -15.25 13.55 -42.92
CA PRO C 50 -14.53 14.83 -43.06
C PRO C 50 -15.21 15.97 -42.33
N HIS C 51 -14.43 17.01 -42.09
CA HIS C 51 -14.89 18.17 -41.35
C HIS C 51 -14.69 19.41 -42.21
N SER C 52 -15.38 20.49 -41.82
CA SER C 52 -15.36 21.71 -42.59
C SER C 52 -13.94 22.18 -42.84
N PRO C 53 -13.69 22.88 -43.93
CA PRO C 53 -12.33 23.34 -44.24
C PRO C 53 -11.78 24.37 -43.27
N GLN C 54 -12.57 24.81 -42.30
CA GLN C 54 -12.14 25.89 -41.42
C GLN C 54 -10.88 25.52 -40.65
N TYR C 55 -10.66 24.25 -40.44
CA TYR C 55 -9.47 23.76 -39.77
C TYR C 55 -8.58 23.08 -40.78
N PRO C 56 -7.43 23.64 -41.10
CA PRO C 56 -6.59 23.05 -42.14
C PRO C 56 -5.63 21.99 -41.63
N HIS C 57 -5.34 21.99 -40.33
CA HIS C 57 -4.11 21.43 -39.79
C HIS C 57 -4.20 19.97 -39.38
N ASP C 58 -4.99 19.15 -40.08
CA ASP C 58 -4.98 17.71 -39.82
C ASP C 58 -3.55 17.21 -39.65
N GLY C 59 -3.33 16.44 -38.60
CA GLY C 59 -1.99 15.97 -38.27
C GLY C 59 -1.28 16.74 -37.19
N ARG C 60 -1.82 17.88 -36.72
CA ARG C 60 -1.07 18.72 -35.80
C ARG C 60 -1.54 18.69 -34.35
N ASP C 61 -2.76 18.25 -34.08
CA ASP C 61 -3.37 18.47 -32.78
C ASP C 61 -3.82 17.14 -32.18
N ASP C 62 -3.58 16.96 -30.88
CA ASP C 62 -3.91 15.70 -30.22
C ASP C 62 -5.39 15.43 -30.16
N ARG C 63 -6.23 16.42 -30.41
CA ARG C 63 -7.66 16.22 -30.25
C ARG C 63 -8.33 15.67 -31.48
N GLU C 64 -7.62 15.63 -32.61
CA GLU C 64 -8.17 15.07 -33.81
C GLU C 64 -8.43 13.58 -33.63
N VAL C 65 -9.58 13.12 -34.11
CA VAL C 65 -9.92 11.71 -34.12
C VAL C 65 -9.81 11.15 -32.71
N TRP C 66 -10.33 11.89 -31.74
CA TRP C 66 -10.30 11.51 -30.34
C TRP C 66 -10.85 10.10 -30.17
N PRO C 67 -10.13 9.23 -29.44
CA PRO C 67 -8.89 9.37 -28.69
C PRO C 67 -7.66 8.79 -29.34
N LEU C 68 -7.64 8.67 -30.66
CA LEU C 68 -6.69 7.78 -31.29
C LEU C 68 -5.25 8.25 -31.22
N ARG C 69 -5.00 9.53 -30.96
CA ARG C 69 -3.61 9.94 -30.77
C ARG C 69 -3.03 9.46 -29.45
N PHE C 70 -3.84 8.87 -28.56
CA PHE C 70 -3.34 8.34 -27.32
C PHE C 70 -3.62 6.86 -27.14
N PHE C 71 -4.77 6.37 -27.55
CA PHE C 71 -5.09 4.98 -27.28
C PHE C 71 -5.94 4.45 -28.42
N ASN C 72 -5.69 3.20 -28.83
CA ASN C 72 -6.55 2.59 -29.84
C ASN C 72 -7.30 1.37 -29.32
N ARG C 73 -7.08 0.95 -28.09
CA ARG C 73 -7.90 -0.08 -27.46
C ARG C 73 -8.45 0.45 -26.15
N THR C 74 -9.77 0.33 -25.96
CA THR C 74 -10.42 0.69 -24.70
C THR C 74 -11.46 -0.36 -24.35
N CYS C 75 -12.07 -0.19 -23.18
CA CYS C 75 -13.09 -1.10 -22.69
C CYS C 75 -14.44 -0.79 -23.34
N HIS C 76 -15.10 -1.83 -23.84
CA HIS C 76 -16.49 -1.73 -24.26
C HIS C 76 -17.31 -2.54 -23.28
N CYS C 77 -18.29 -1.91 -22.66
CA CYS C 77 -19.05 -2.57 -21.62
C CYS C 77 -20.36 -3.12 -22.17
N ASN C 78 -20.88 -4.13 -21.50
CA ASN C 78 -22.12 -4.78 -21.92
C ASN C 78 -23.31 -4.18 -21.20
N GLY C 79 -24.42 -4.13 -21.91
CA GLY C 79 -25.67 -3.82 -21.27
C GLY C 79 -25.58 -2.48 -20.59
N ASN C 80 -26.05 -2.45 -19.36
CA ASN C 80 -26.12 -1.22 -18.58
C ASN C 80 -24.95 -1.08 -17.61
N PHE C 81 -23.81 -1.68 -17.95
CA PHE C 81 -22.56 -1.40 -17.28
C PHE C 81 -21.84 -0.29 -18.02
N SER C 82 -20.87 0.31 -17.35
CA SER C 82 -20.21 1.47 -17.92
C SER C 82 -18.96 1.75 -17.12
N GLY C 83 -18.11 2.62 -17.64
CA GLY C 83 -16.98 3.13 -16.91
C GLY C 83 -15.67 2.79 -17.59
N HIS C 84 -14.61 3.50 -17.26
CA HIS C 84 -13.31 3.21 -17.87
C HIS C 84 -12.93 1.74 -17.77
N ASN C 85 -13.41 1.03 -16.75
CA ASN C 85 -13.16 -0.39 -16.62
C ASN C 85 -14.44 -1.18 -16.46
N CYS C 86 -15.58 -0.60 -16.82
CA CYS C 86 -16.87 -1.27 -16.83
C CYS C 86 -17.36 -1.59 -15.43
N GLY C 87 -16.89 -0.85 -14.45
CA GLY C 87 -17.26 -1.07 -13.06
C GLY C 87 -18.36 -0.20 -12.49
N THR C 88 -19.07 0.57 -13.30
CA THR C 88 -20.23 1.30 -12.82
C THR C 88 -21.34 1.16 -13.86
N CYS C 89 -22.43 1.89 -13.68
CA CYS C 89 -23.61 1.74 -14.52
C CYS C 89 -23.76 2.93 -15.45
N ARG C 90 -24.56 2.72 -16.49
CA ARG C 90 -24.93 3.79 -17.39
C ARG C 90 -25.85 4.78 -16.69
N PRO C 91 -25.92 5.99 -17.19
CA PRO C 91 -26.89 6.95 -16.67
C PRO C 91 -28.30 6.39 -16.59
N GLY C 92 -28.84 6.36 -15.38
CA GLY C 92 -30.16 5.88 -15.14
C GLY C 92 -30.24 4.56 -14.43
N TRP C 93 -29.16 4.12 -13.79
CA TRP C 93 -29.06 2.74 -13.35
C TRP C 93 -28.30 2.61 -12.05
N ARG C 94 -28.65 1.59 -11.28
CA ARG C 94 -27.97 1.28 -10.03
C ARG C 94 -27.85 -0.22 -9.86
N GLY C 95 -27.13 -0.61 -8.83
CA GLY C 95 -27.06 -2.00 -8.46
C GLY C 95 -25.80 -2.66 -8.97
N ALA C 96 -25.35 -3.66 -8.23
CA ALA C 96 -24.20 -4.45 -8.68
C ALA C 96 -24.44 -4.97 -10.08
N ALA C 97 -25.68 -5.32 -10.39
CA ALA C 97 -26.04 -5.81 -11.71
C ALA C 97 -26.49 -4.71 -12.64
N CYS C 98 -26.58 -3.47 -12.17
CA CYS C 98 -27.11 -2.35 -12.94
C CYS C 98 -28.52 -2.66 -13.44
N ASP C 99 -29.40 -3.06 -12.52
CA ASP C 99 -30.75 -3.50 -12.86
C ASP C 99 -31.82 -2.81 -12.01
N GLN C 100 -31.47 -1.71 -11.35
CA GLN C 100 -32.45 -0.91 -10.61
C GLN C 100 -32.45 0.48 -11.20
N ARG C 101 -33.58 0.89 -11.78
CA ARG C 101 -33.71 2.18 -12.45
C ARG C 101 -33.73 3.34 -11.47
N VAL C 102 -33.38 4.54 -11.95
CA VAL C 102 -33.61 5.76 -11.19
C VAL C 102 -33.85 6.94 -12.09
N LEU C 103 -34.46 7.95 -11.48
CA LEU C 103 -34.76 9.24 -12.07
C LEU C 103 -34.51 10.26 -10.99
N ILE C 104 -33.64 11.23 -11.24
CA ILE C 104 -33.46 12.32 -10.30
C ILE C 104 -34.04 13.57 -10.91
N VAL C 105 -34.29 14.55 -10.07
CA VAL C 105 -34.98 15.77 -10.46
C VAL C 105 -34.05 16.96 -10.23
N ARG C 106 -33.77 17.70 -11.31
CA ARG C 106 -33.02 18.94 -11.22
C ARG C 106 -33.99 20.10 -11.01
N ARG C 107 -33.81 20.82 -9.91
CA ARG C 107 -34.78 21.80 -9.46
C ARG C 107 -34.20 23.20 -9.54
N ASN C 108 -35.09 24.18 -9.55
CA ASN C 108 -34.68 25.58 -9.52
C ASN C 108 -33.96 25.86 -8.22
N LEU C 109 -32.76 26.41 -8.32
CA LEU C 109 -31.98 26.70 -7.12
C LEU C 109 -32.78 27.57 -6.15
N LEU C 110 -33.52 28.56 -6.67
CA LEU C 110 -34.28 29.43 -5.79
C LEU C 110 -35.47 28.74 -5.13
N ASP C 111 -35.82 27.53 -5.54
CA ASP C 111 -36.92 26.81 -4.93
C ASP C 111 -36.48 25.87 -3.82
N LEU C 112 -35.19 25.68 -3.63
CA LEU C 112 -34.73 24.73 -2.64
C LEU C 112 -34.94 25.29 -1.23
N SER C 113 -34.87 24.41 -0.25
CA SER C 113 -35.02 24.89 1.12
C SER C 113 -33.71 25.49 1.61
N LYS C 114 -33.76 26.11 2.77
CA LYS C 114 -32.58 26.75 3.32
C LYS C 114 -31.49 25.74 3.57
N GLU C 115 -31.85 24.52 3.97
CA GLU C 115 -30.89 23.45 4.20
C GLU C 115 -30.34 22.91 2.88
N GLU C 116 -31.22 22.64 1.91
CA GLU C 116 -30.75 22.13 0.64
C GLU C 116 -29.86 23.13 -0.07
N LYS C 117 -30.13 24.43 0.08
CA LYS C 117 -29.27 25.42 -0.54
C LYS C 117 -27.89 25.39 0.07
N ASN C 118 -27.83 25.32 1.40
CA ASN C 118 -26.54 25.24 2.08
C ASN C 118 -25.84 23.94 1.75
N HIS C 119 -26.58 22.86 1.56
CA HIS C 119 -25.96 21.60 1.16
C HIS C 119 -25.27 21.73 -0.19
N PHE C 120 -25.97 22.29 -1.17
CA PHE C 120 -25.42 22.40 -2.51
C PHE C 120 -24.18 23.29 -2.53
N VAL C 121 -24.17 24.35 -1.75
CA VAL C 121 -23.04 25.27 -1.79
C VAL C 121 -21.80 24.61 -1.21
N ARG C 122 -21.95 23.82 -0.17
CA ARG C 122 -20.80 23.21 0.44
C ARG C 122 -20.36 21.96 -0.32
N ALA C 123 -21.32 21.28 -0.93
CA ALA C 123 -20.97 20.29 -1.93
C ALA C 123 -20.03 20.88 -2.96
N LEU C 124 -20.42 22.00 -3.57
CA LEU C 124 -19.56 22.62 -4.58
C LEU C 124 -18.20 22.95 -4.01
N ASP C 125 -18.14 23.52 -2.83
CA ASP C 125 -16.85 23.84 -2.24
C ASP C 125 -16.05 22.57 -1.96
N MET C 126 -16.72 21.51 -1.54
CA MET C 126 -15.98 20.30 -1.27
C MET C 126 -15.44 19.69 -2.56
N ALA C 127 -16.19 19.78 -3.65
CA ALA C 127 -15.67 19.35 -4.95
C ALA C 127 -14.47 20.16 -5.37
N LYS C 128 -14.43 21.44 -5.05
CA LYS C 128 -13.26 22.22 -5.43
C LYS C 128 -11.99 21.76 -4.70
N ARG C 129 -12.12 21.08 -3.57
CA ARG C 129 -10.98 20.75 -2.73
C ARG C 129 -10.61 19.27 -2.75
N THR C 130 -11.49 18.41 -3.24
CA THR C 130 -11.28 16.97 -3.20
C THR C 130 -10.63 16.49 -4.48
N THR C 131 -9.54 15.71 -4.35
CA THR C 131 -8.84 15.22 -5.52
C THR C 131 -9.74 14.28 -6.30
N HIS C 132 -9.73 14.42 -7.62
CA HIS C 132 -10.53 13.52 -8.43
C HIS C 132 -9.99 12.11 -8.28
N PRO C 133 -10.79 11.17 -7.82
CA PRO C 133 -10.27 9.83 -7.55
C PRO C 133 -9.82 9.10 -8.80
N LEU C 134 -10.33 9.47 -9.95
CA LEU C 134 -10.19 8.59 -11.08
C LEU C 134 -9.40 9.17 -12.23
N PHE C 135 -9.53 10.45 -12.55
CA PHE C 135 -8.90 11.02 -13.73
C PHE C 135 -7.76 11.93 -13.35
N VAL C 136 -6.67 11.86 -14.10
CA VAL C 136 -5.58 12.80 -13.94
C VAL C 136 -5.48 13.56 -15.25
N ILE C 137 -4.83 14.71 -15.23
CA ILE C 137 -4.77 15.54 -16.42
C ILE C 137 -3.34 15.68 -16.86
N ALA C 138 -3.15 15.81 -18.17
CA ALA C 138 -1.83 15.99 -18.76
C ALA C 138 -1.44 17.45 -18.77
N THR C 139 -0.17 17.72 -18.50
CA THR C 139 0.32 19.08 -18.50
C THR C 139 1.15 19.41 -19.73
N ARG C 140 1.36 18.46 -20.63
CA ARG C 140 2.09 18.67 -21.86
C ARG C 140 1.34 18.01 -23.01
N ARG C 141 1.68 18.41 -24.22
CA ARG C 141 1.09 17.76 -25.39
C ARG C 141 1.70 16.37 -25.56
N SER C 142 1.15 15.61 -26.52
CA SER C 142 1.52 14.20 -26.65
C SER C 142 2.99 14.04 -26.95
N GLU C 143 3.53 14.92 -27.78
CA GLU C 143 4.94 14.85 -28.13
C GLU C 143 5.88 15.02 -26.94
N GLU C 144 5.39 15.49 -25.79
CA GLU C 144 6.22 15.64 -24.62
C GLU C 144 5.65 14.89 -23.42
N ILE C 145 4.65 14.05 -23.63
CA ILE C 145 3.85 13.51 -22.55
C ILE C 145 4.67 12.62 -21.63
N LEU C 146 5.74 12.03 -22.13
CA LEU C 146 6.50 11.07 -21.34
C LEU C 146 7.64 11.72 -20.57
N GLY C 147 7.85 13.00 -20.70
CA GLY C 147 8.77 13.70 -19.86
C GLY C 147 10.12 13.86 -20.52
N PRO C 148 11.01 14.60 -19.86
CA PRO C 148 12.33 14.80 -20.46
C PRO C 148 13.08 13.50 -20.65
N ASP C 149 13.10 12.64 -19.64
CA ASP C 149 13.80 11.38 -19.76
C ASP C 149 13.00 10.33 -20.50
N GLY C 150 11.89 10.70 -21.13
CA GLY C 150 11.06 9.76 -21.84
C GLY C 150 10.53 8.64 -20.96
N ASN C 151 10.61 8.81 -19.64
CA ASN C 151 10.08 7.77 -18.77
C ASN C 151 9.35 8.36 -17.55
N THR C 152 8.83 9.57 -17.65
CA THR C 152 8.08 10.16 -16.55
C THR C 152 6.80 10.79 -17.08
N PRO C 153 5.66 10.14 -16.90
CA PRO C 153 4.40 10.68 -17.43
C PRO C 153 4.11 12.06 -16.85
N GLN C 154 3.73 12.99 -17.73
CA GLN C 154 3.48 14.38 -17.38
C GLN C 154 2.01 14.62 -17.06
N PHE C 155 1.54 13.94 -16.03
CA PHE C 155 0.16 14.09 -15.58
C PHE C 155 0.16 14.51 -14.13
N GLU C 156 -0.83 15.32 -13.76
CA GLU C 156 -1.01 15.73 -12.38
C GLU C 156 -2.39 15.30 -11.90
N ASN C 157 -2.49 15.09 -10.60
CA ASN C 157 -3.80 14.96 -9.96
C ASN C 157 -4.55 16.29 -10.05
N ILE C 158 -5.86 16.24 -9.89
CA ILE C 158 -6.66 17.46 -9.98
C ILE C 158 -7.91 17.26 -9.16
N SER C 159 -8.54 18.36 -8.76
CA SER C 159 -9.73 18.22 -7.96
C SER C 159 -10.95 18.01 -8.84
N ILE C 160 -12.01 17.50 -8.22
CA ILE C 160 -13.24 17.19 -8.95
C ILE C 160 -13.72 18.42 -9.72
N TYR C 161 -13.78 19.56 -9.07
CA TYR C 161 -14.29 20.72 -9.77
C TYR C 161 -13.28 21.25 -10.76
N ASN C 162 -11.99 21.18 -10.44
CA ASN C 162 -10.99 21.70 -11.37
C ASN C 162 -10.87 20.84 -12.62
N TYR C 163 -11.19 19.55 -12.53
CA TYR C 163 -11.27 18.71 -13.72
C TYR C 163 -12.39 19.18 -14.64
N PHE C 164 -13.55 19.48 -14.05
CA PHE C 164 -14.67 20.12 -14.73
C PHE C 164 -14.22 21.39 -15.47
N VAL C 165 -13.37 22.20 -14.84
CA VAL C 165 -12.82 23.37 -15.52
C VAL C 165 -11.89 22.93 -16.64
N TRP C 166 -11.05 21.92 -16.38
CA TRP C 166 -9.95 21.58 -17.27
C TRP C 166 -10.43 21.00 -18.60
N THR C 167 -11.43 20.13 -18.57
CA THR C 167 -11.92 19.54 -19.80
C THR C 167 -12.50 20.60 -20.71
N HIS C 168 -13.21 21.56 -20.14
CA HIS C 168 -13.74 22.68 -20.90
C HIS C 168 -12.62 23.48 -21.54
N TYR C 169 -11.54 23.76 -20.80
CA TYR C 169 -10.45 24.52 -21.38
C TYR C 169 -9.83 23.77 -22.55
N TYR C 170 -9.58 22.47 -22.36
CA TYR C 170 -8.88 21.68 -23.36
C TYR C 170 -9.64 21.64 -24.67
N SER C 171 -10.96 21.65 -24.60
CA SER C 171 -11.79 21.62 -25.79
C SER C 171 -11.81 22.92 -26.56
N VAL C 172 -11.39 24.04 -25.95
CA VAL C 172 -11.44 25.34 -26.61
C VAL C 172 -10.09 25.91 -26.89
N LYS C 173 -9.02 25.35 -26.35
CA LYS C 173 -7.71 25.96 -26.47
C LYS C 173 -7.21 25.90 -27.91
N LYS C 174 -6.18 26.70 -28.15
CA LYS C 174 -5.67 26.85 -29.49
C LYS C 174 -4.72 25.72 -29.84
N THR C 175 -4.73 25.34 -31.12
CA THR C 175 -3.78 24.36 -31.64
C THR C 175 -2.38 24.92 -31.63
N PHE C 176 -1.46 24.23 -30.97
CA PHE C 176 -0.07 24.68 -30.92
C PHE C 176 0.65 24.27 -32.19
N LEU C 177 1.23 25.26 -32.87
CA LEU C 177 1.94 25.01 -34.12
C LEU C 177 3.45 25.08 -33.99
N GLY C 178 3.98 25.47 -32.85
CA GLY C 178 5.41 25.50 -32.69
C GLY C 178 5.93 26.81 -32.15
N VAL C 179 6.87 26.73 -31.22
CA VAL C 179 7.48 27.92 -30.63
C VAL C 179 7.91 28.85 -31.73
N GLY C 180 7.54 30.12 -31.60
CA GLY C 180 7.86 31.10 -32.61
C GLY C 180 6.76 31.34 -33.63
N GLN C 181 5.60 30.72 -33.47
CA GLN C 181 4.49 30.99 -34.38
C GLN C 181 3.20 31.21 -33.60
N GLU C 182 2.27 31.91 -34.23
CA GLU C 182 1.00 32.20 -33.62
C GLU C 182 0.12 30.97 -33.68
N SER C 183 -0.31 30.50 -32.51
CA SER C 183 -1.17 29.32 -32.44
C SER C 183 -2.48 29.59 -33.17
N PHE C 184 -3.13 28.51 -33.60
CA PHE C 184 -4.30 28.59 -34.46
C PHE C 184 -5.56 28.55 -33.62
N GLY C 185 -6.47 29.49 -33.88
CA GLY C 185 -7.62 29.67 -33.05
C GLY C 185 -8.96 29.35 -33.66
N GLU C 186 -9.04 29.16 -34.97
CA GLU C 186 -10.35 28.96 -35.57
C GLU C 186 -10.81 27.53 -35.38
N VAL C 187 -10.73 27.06 -34.14
CA VAL C 187 -11.07 25.68 -33.82
C VAL C 187 -11.67 25.67 -32.42
N ASP C 188 -12.70 24.87 -32.23
CA ASP C 188 -13.40 24.80 -30.96
C ASP C 188 -14.27 23.56 -30.91
N PHE C 189 -13.94 22.63 -30.02
CA PHE C 189 -14.62 21.34 -29.99
C PHE C 189 -15.91 21.34 -29.19
N SER C 190 -16.27 22.43 -28.50
CA SER C 190 -17.46 22.43 -27.68
C SER C 190 -18.38 23.62 -27.89
N HIS C 191 -17.98 24.61 -28.68
CA HIS C 191 -18.81 25.77 -28.95
C HIS C 191 -18.86 26.03 -30.45
N GLU C 192 -19.87 26.78 -30.89
CA GLU C 192 -20.06 27.19 -32.29
C GLU C 192 -20.14 25.99 -33.22
N GLY C 193 -21.19 25.22 -33.04
CA GLY C 193 -21.42 24.05 -33.84
C GLY C 193 -22.42 23.17 -33.15
N PRO C 194 -22.89 22.13 -33.81
CA PRO C 194 -23.93 21.29 -33.20
C PRO C 194 -23.49 20.53 -31.96
N ALA C 195 -22.20 20.42 -31.70
CA ALA C 195 -21.83 19.68 -30.50
C ALA C 195 -21.97 20.52 -29.25
N PHE C 196 -22.34 21.79 -29.37
CA PHE C 196 -22.48 22.67 -28.22
C PHE C 196 -23.37 22.03 -27.16
N LEU C 197 -24.55 21.59 -27.53
CA LEU C 197 -25.48 21.15 -26.52
C LEU C 197 -25.15 19.79 -25.97
N THR C 198 -24.62 18.89 -26.78
CA THR C 198 -24.38 17.54 -26.28
C THR C 198 -23.10 17.48 -25.48
N TRP C 199 -22.11 18.26 -25.85
CA TRP C 199 -20.88 18.34 -25.08
C TRP C 199 -21.16 18.84 -23.67
N HIS C 200 -21.87 19.95 -23.57
CA HIS C 200 -22.13 20.58 -22.29
C HIS C 200 -23.11 19.76 -21.46
N ARG C 201 -23.93 18.93 -22.08
CA ARG C 201 -24.80 18.04 -21.33
C ARG C 201 -24.01 16.92 -20.66
N TYR C 202 -23.01 16.37 -21.34
CA TYR C 202 -22.19 15.34 -20.74
C TYR C 202 -21.26 15.92 -19.69
N HIS C 203 -20.68 17.10 -19.96
CA HIS C 203 -19.94 17.86 -18.96
C HIS C 203 -20.67 17.85 -17.63
N LEU C 204 -21.97 18.13 -17.66
CA LEU C 204 -22.77 18.21 -16.45
C LEU C 204 -23.05 16.85 -15.84
N LEU C 205 -23.33 15.87 -16.70
CA LEU C 205 -23.60 14.52 -16.24
C LEU C 205 -22.38 13.92 -15.53
N ARG C 206 -21.19 14.29 -15.98
CA ARG C 206 -19.96 13.82 -15.37
C ARG C 206 -19.69 14.48 -14.03
N LEU C 207 -20.01 15.76 -13.89
CA LEU C 207 -19.83 16.44 -12.62
C LEU C 207 -20.85 15.97 -11.59
N GLU C 208 -22.09 15.76 -12.03
CA GLU C 208 -23.10 15.22 -11.14
C GLU C 208 -22.66 13.87 -10.62
N LYS C 209 -22.24 12.97 -11.50
CA LYS C 209 -21.81 11.63 -11.09
C LYS C 209 -20.64 11.70 -10.11
N ASP C 210 -19.68 12.57 -10.37
CA ASP C 210 -18.54 12.68 -9.48
C ASP C 210 -18.97 13.19 -8.11
N MET C 211 -19.88 14.17 -8.06
CA MET C 211 -20.37 14.67 -6.79
C MET C 211 -21.28 13.69 -6.11
N GLN C 212 -22.04 12.88 -6.85
CA GLN C 212 -22.81 11.83 -6.21
C GLN C 212 -21.91 10.88 -5.45
N GLU C 213 -20.80 10.49 -6.06
CA GLU C 213 -19.88 9.57 -5.40
C GLU C 213 -19.19 10.22 -4.21
N MET C 214 -18.79 11.48 -4.34
CA MET C 214 -18.09 12.16 -3.26
C MET C 214 -18.97 12.38 -2.05
N LEU C 215 -20.23 12.76 -2.26
CA LEU C 215 -21.17 12.96 -1.17
C LEU C 215 -21.78 11.66 -0.69
N GLN C 216 -21.57 10.57 -1.40
CA GLN C 216 -22.26 9.30 -1.13
C GLN C 216 -23.76 9.52 -1.07
N GLU C 217 -24.26 10.37 -1.95
CA GLU C 217 -25.69 10.53 -2.18
C GLU C 217 -26.00 10.04 -3.57
N PRO C 218 -26.46 8.84 -3.74
CA PRO C 218 -26.87 8.38 -5.06
C PRO C 218 -27.80 9.32 -5.80
N SER C 219 -28.52 10.18 -5.07
CA SER C 219 -29.61 10.95 -5.66
C SER C 219 -29.36 12.45 -5.62
N PHE C 220 -28.15 12.89 -5.32
CA PHE C 220 -27.83 14.30 -5.45
C PHE C 220 -27.97 14.75 -6.89
N SER C 221 -28.45 15.97 -7.09
CA SER C 221 -28.67 16.47 -8.44
C SER C 221 -28.24 17.92 -8.53
N LEU C 222 -27.83 18.32 -9.71
CA LEU C 222 -27.44 19.71 -9.92
C LEU C 222 -28.67 20.59 -10.14
N PRO C 223 -28.82 21.68 -9.41
CA PRO C 223 -29.96 22.58 -9.60
C PRO C 223 -29.66 23.54 -10.76
N TYR C 224 -30.64 24.38 -11.08
CA TYR C 224 -30.46 25.31 -12.18
C TYR C 224 -30.84 26.73 -11.81
N TRP C 225 -30.34 27.66 -12.61
CA TRP C 225 -30.58 29.08 -12.50
C TRP C 225 -31.43 29.54 -13.67
N ASN C 226 -32.70 29.84 -13.43
CA ASN C 226 -33.51 30.45 -14.48
C ASN C 226 -33.03 31.86 -14.70
N PHE C 227 -32.14 32.06 -15.67
CA PHE C 227 -31.62 33.38 -15.97
C PHE C 227 -32.49 34.16 -16.95
N ALA C 228 -33.57 33.58 -17.45
CA ALA C 228 -34.43 34.26 -18.44
C ALA C 228 -35.54 35.03 -17.73
N THR C 229 -35.11 36.06 -17.01
CA THR C 229 -36.01 36.86 -16.19
C THR C 229 -35.96 38.33 -16.53
N GLY C 230 -35.22 38.72 -17.56
CA GLY C 230 -35.09 40.12 -17.90
C GLY C 230 -34.45 40.99 -16.85
N LYS C 231 -33.80 40.41 -15.85
CA LYS C 231 -33.41 41.20 -14.70
C LYS C 231 -32.11 41.98 -14.95
N ASN C 232 -32.04 43.12 -14.28
CA ASN C 232 -30.88 44.00 -14.19
C ASN C 232 -29.78 43.41 -13.32
N VAL C 233 -30.08 42.37 -12.54
CA VAL C 233 -29.20 41.89 -11.48
C VAL C 233 -29.23 40.37 -11.46
N CYS C 234 -28.27 39.80 -10.75
CA CYS C 234 -28.12 38.35 -10.63
C CYS C 234 -28.87 37.89 -9.39
N ASP C 235 -30.05 37.31 -9.57
CA ASP C 235 -30.88 36.95 -8.43
C ASP C 235 -30.34 35.77 -7.62
N ILE C 236 -29.23 35.17 -8.01
CA ILE C 236 -28.62 34.10 -7.25
C ILE C 236 -27.30 34.55 -6.64
N CYS C 237 -26.97 35.82 -6.75
CA CYS C 237 -25.69 36.32 -6.27
C CYS C 237 -25.84 36.89 -4.86
N THR C 238 -26.17 35.99 -3.95
CA THR C 238 -26.33 36.30 -2.54
C THR C 238 -25.37 35.45 -1.73
N ASP C 239 -25.11 35.87 -0.49
CA ASP C 239 -24.12 35.16 0.28
C ASP C 239 -24.61 33.83 0.82
N ASP C 240 -25.88 33.50 0.69
CA ASP C 240 -26.32 32.16 1.03
C ASP C 240 -26.28 31.21 -0.16
N LEU C 241 -25.89 31.70 -1.33
CA LEU C 241 -25.71 30.87 -2.51
C LEU C 241 -25.00 31.65 -3.61
N MET C 242 -23.76 31.30 -3.90
CA MET C 242 -23.01 31.81 -5.05
C MET C 242 -22.32 33.14 -4.79
N GLY C 243 -22.78 33.92 -3.84
CA GLY C 243 -22.01 35.08 -3.41
C GLY C 243 -22.42 36.43 -3.96
N SER C 244 -22.50 37.42 -3.10
CA SER C 244 -22.82 38.76 -3.54
C SER C 244 -21.53 39.53 -3.78
N ARG C 245 -21.66 40.80 -4.11
CA ARG C 245 -20.49 41.59 -4.45
C ARG C 245 -19.69 41.90 -3.19
N SER C 246 -18.39 42.05 -3.36
CA SER C 246 -17.55 42.43 -2.24
C SER C 246 -17.67 43.93 -2.02
N ASN C 247 -17.75 44.33 -0.76
CA ASN C 247 -17.82 45.75 -0.45
C ASN C 247 -16.48 46.45 -0.55
N PHE C 248 -15.38 45.71 -0.65
CA PHE C 248 -14.07 46.31 -0.71
C PHE C 248 -13.46 46.30 -2.11
N ASP C 249 -13.97 45.50 -3.03
CA ASP C 249 -13.59 45.56 -4.44
C ASP C 249 -14.84 45.14 -5.22
N SER C 250 -15.26 45.97 -6.14
CA SER C 250 -16.55 45.73 -6.78
C SER C 250 -16.53 44.56 -7.76
N THR C 251 -15.36 44.02 -8.09
CA THR C 251 -15.28 42.91 -9.02
C THR C 251 -14.89 41.60 -8.36
N LEU C 252 -14.92 41.53 -7.04
CA LEU C 252 -14.66 40.29 -6.34
C LEU C 252 -15.92 39.83 -5.65
N ILE C 253 -15.84 38.68 -5.04
CA ILE C 253 -16.96 38.07 -4.35
C ILE C 253 -16.86 38.38 -2.87
N SER C 254 -18.01 38.62 -2.26
CA SER C 254 -18.22 38.79 -0.84
C SER C 254 -17.38 37.86 0.02
N PRO C 255 -16.51 38.40 0.86
CA PRO C 255 -15.77 37.55 1.81
C PRO C 255 -16.64 36.70 2.72
N ASN C 256 -17.95 36.92 2.75
CA ASN C 256 -18.83 36.08 3.53
C ASN C 256 -19.36 34.88 2.74
N SER C 257 -18.81 34.62 1.56
CA SER C 257 -19.14 33.44 0.76
C SER C 257 -17.87 32.64 0.49
N VAL C 258 -17.98 31.30 0.51
CA VAL C 258 -16.82 30.44 0.28
C VAL C 258 -16.20 30.68 -1.08
N PHE C 259 -17.02 31.01 -2.08
CA PHE C 259 -16.51 31.13 -3.43
C PHE C 259 -15.52 32.26 -3.58
N SER C 260 -15.47 33.19 -2.63
CA SER C 260 -14.41 34.20 -2.60
C SER C 260 -13.07 33.61 -2.24
N GLN C 261 -13.03 32.39 -1.72
CA GLN C 261 -11.76 31.77 -1.42
C GLN C 261 -11.23 30.91 -2.56
N TRP C 262 -12.10 30.49 -3.47
CA TRP C 262 -11.71 29.75 -4.66
C TRP C 262 -10.59 30.45 -5.41
N ARG C 263 -9.73 29.67 -6.04
CA ARG C 263 -8.64 30.17 -6.87
C ARG C 263 -8.63 29.43 -8.19
N VAL C 264 -8.48 30.18 -9.28
CA VAL C 264 -8.78 29.66 -10.62
C VAL C 264 -7.62 28.87 -11.20
N VAL C 265 -7.96 27.95 -12.10
CA VAL C 265 -7.00 27.24 -12.91
C VAL C 265 -7.15 27.71 -14.36
N CYS C 266 -6.09 27.48 -15.14
CA CYS C 266 -6.06 27.69 -16.59
C CYS C 266 -6.01 29.14 -16.99
N ASP C 267 -5.55 30.05 -16.14
CA ASP C 267 -5.55 31.45 -16.50
C ASP C 267 -4.20 31.92 -17.03
N SER C 268 -3.44 31.04 -17.66
CA SER C 268 -2.17 31.46 -18.21
C SER C 268 -2.10 31.21 -19.70
N LEU C 269 -3.06 31.76 -20.44
CA LEU C 269 -3.12 31.51 -21.89
C LEU C 269 -1.82 31.83 -22.60
N GLU C 270 -1.07 32.82 -22.14
CA GLU C 270 0.10 33.19 -22.92
C GLU C 270 1.29 32.30 -22.63
N ASP C 271 1.28 31.53 -21.54
CA ASP C 271 2.23 30.42 -21.45
C ASP C 271 1.82 29.30 -22.40
N TYR C 272 0.60 28.78 -22.22
CA TYR C 272 0.16 27.65 -23.02
C TYR C 272 0.29 27.92 -24.51
N ASP C 273 0.05 29.15 -24.92
CA ASP C 273 0.02 29.44 -26.35
C ASP C 273 1.37 29.84 -26.92
N THR C 274 2.38 30.04 -26.08
CA THR C 274 3.73 30.22 -26.60
C THR C 274 4.66 29.08 -26.24
N LEU C 275 4.57 28.54 -25.03
CA LEU C 275 5.43 27.44 -24.64
C LEU C 275 4.95 26.08 -25.13
N GLY C 276 3.72 25.98 -25.59
CA GLY C 276 3.18 24.69 -25.99
C GLY C 276 2.74 23.79 -24.88
N THR C 277 2.53 24.32 -23.67
CA THR C 277 2.08 23.51 -22.55
C THR C 277 0.56 23.50 -22.45
N LEU C 278 0.06 22.83 -21.42
CA LEU C 278 -1.35 22.78 -21.14
C LEU C 278 -1.63 23.29 -19.72
N CYS C 279 -2.87 23.69 -19.51
CA CYS C 279 -3.33 24.03 -18.17
C CYS C 279 -3.00 22.90 -17.20
N ASN C 280 -2.36 23.25 -16.09
CA ASN C 280 -2.03 22.30 -15.04
C ASN C 280 -2.86 22.62 -13.80
N SER C 281 -2.57 21.92 -12.72
CA SER C 281 -3.45 21.95 -11.56
C SER C 281 -3.13 23.07 -10.58
N THR C 282 -2.14 23.89 -10.86
CA THR C 282 -1.79 24.98 -9.96
C THR C 282 -2.78 26.11 -10.11
N GLU C 283 -3.40 26.53 -9.00
CA GLU C 283 -4.35 27.61 -8.97
C GLU C 283 -3.65 28.96 -8.85
N ASP C 284 -4.32 30.01 -9.33
CA ASP C 284 -3.73 31.33 -9.35
C ASP C 284 -4.62 32.38 -8.70
N GLY C 285 -5.28 33.20 -9.51
CA GLY C 285 -6.05 34.32 -9.00
C GLY C 285 -7.42 33.96 -8.46
N PRO C 286 -8.20 34.98 -8.11
CA PRO C 286 -9.58 34.73 -7.66
C PRO C 286 -10.60 34.90 -8.76
N ILE C 287 -11.84 34.50 -8.49
CA ILE C 287 -12.93 34.71 -9.43
C ILE C 287 -13.22 36.19 -9.53
N ARG C 288 -13.46 36.65 -10.74
CA ARG C 288 -13.92 38.01 -11.00
C ARG C 288 -15.35 37.96 -11.48
N ARG C 289 -16.21 38.73 -10.85
CA ARG C 289 -17.60 38.76 -11.24
C ARG C 289 -18.07 40.18 -10.99
N ASN C 290 -18.91 40.67 -11.88
CA ASN C 290 -19.43 42.01 -11.80
C ASN C 290 -20.73 42.08 -12.57
N PRO C 291 -21.79 41.45 -12.08
CA PRO C 291 -23.01 41.35 -12.87
C PRO C 291 -23.52 42.71 -13.26
N ALA C 292 -23.82 42.85 -14.55
CA ALA C 292 -24.20 44.10 -15.20
C ALA C 292 -23.07 45.12 -15.22
N GLY C 293 -21.84 44.70 -14.95
CA GLY C 293 -20.77 45.66 -14.81
C GLY C 293 -20.16 46.14 -16.10
N ASN C 294 -20.55 45.57 -17.23
CA ASN C 294 -19.95 45.94 -18.50
C ASN C 294 -20.61 47.23 -18.96
N VAL C 295 -20.06 48.36 -18.53
CA VAL C 295 -20.64 49.63 -18.94
C VAL C 295 -20.38 49.89 -20.42
N ALA C 296 -19.21 49.53 -20.91
CA ALA C 296 -18.84 49.83 -22.28
C ALA C 296 -19.72 49.12 -23.31
N ARG C 297 -20.49 48.13 -22.91
CA ARG C 297 -21.22 47.27 -23.84
C ARG C 297 -22.63 47.11 -23.33
N PRO C 298 -23.49 48.10 -23.56
CA PRO C 298 -24.83 48.09 -22.97
C PRO C 298 -25.63 46.83 -23.21
N MET C 299 -25.45 46.16 -24.35
CA MET C 299 -26.34 45.05 -24.68
C MET C 299 -26.22 43.89 -23.69
N VAL C 300 -25.09 43.78 -23.00
CA VAL C 300 -24.85 42.66 -22.10
C VAL C 300 -25.06 43.08 -20.64
N GLN C 301 -25.92 44.08 -20.41
CA GLN C 301 -26.20 44.55 -19.07
C GLN C 301 -27.60 44.19 -18.58
N ARG C 302 -28.35 43.42 -19.35
CA ARG C 302 -29.60 42.84 -18.86
C ARG C 302 -29.67 41.39 -19.34
N LEU C 303 -30.33 40.56 -18.55
CA LEU C 303 -30.41 39.14 -18.85
C LEU C 303 -31.48 38.88 -19.90
N PRO C 304 -31.47 37.69 -20.51
CA PRO C 304 -32.54 37.32 -21.43
C PRO C 304 -33.92 37.52 -20.81
N GLU C 305 -34.87 37.76 -21.66
CA GLU C 305 -36.27 37.96 -21.30
C GLU C 305 -37.03 36.63 -21.33
N PRO C 306 -38.10 36.52 -20.55
CA PRO C 306 -38.82 35.25 -20.48
C PRO C 306 -39.34 34.77 -21.82
N GLN C 307 -39.59 35.69 -22.75
CA GLN C 307 -40.10 35.31 -24.07
C GLN C 307 -39.00 34.79 -24.98
N ASP C 308 -37.75 35.20 -24.74
CA ASP C 308 -36.64 34.68 -25.50
C ASP C 308 -36.53 33.17 -25.40
N VAL C 309 -36.98 32.59 -24.29
CA VAL C 309 -36.97 31.14 -24.19
C VAL C 309 -38.16 30.56 -24.94
N ALA C 310 -39.30 31.25 -24.90
CA ALA C 310 -40.47 30.80 -25.62
C ALA C 310 -40.25 30.81 -27.13
N GLN C 311 -39.57 31.84 -27.63
CA GLN C 311 -39.42 31.97 -29.07
C GLN C 311 -38.46 30.94 -29.64
N CYS C 312 -37.34 30.69 -28.94
CA CYS C 312 -36.37 29.74 -29.46
C CYS C 312 -36.92 28.33 -29.47
N LEU C 313 -37.80 27.99 -28.56
CA LEU C 313 -38.45 26.69 -28.62
C LEU C 313 -39.40 26.54 -29.79
N GLU C 314 -39.61 27.60 -30.58
CA GLU C 314 -40.37 27.49 -31.82
C GLU C 314 -39.49 27.25 -33.03
N VAL C 315 -38.17 27.37 -32.88
CA VAL C 315 -37.25 26.99 -33.94
C VAL C 315 -37.20 25.48 -34.02
N GLY C 316 -37.58 24.92 -35.16
CA GLY C 316 -37.84 23.50 -35.24
C GLY C 316 -36.78 22.64 -35.88
N LEU C 317 -35.74 23.27 -36.44
CA LEU C 317 -34.58 22.54 -36.92
C LEU C 317 -33.45 22.67 -35.91
N PHE C 318 -32.89 21.54 -35.50
CA PHE C 318 -31.84 21.59 -34.48
C PHE C 318 -30.63 22.39 -34.96
N ASP C 319 -30.26 22.24 -36.22
CA ASP C 319 -29.13 23.00 -36.74
C ASP C 319 -29.24 23.08 -38.25
N THR C 320 -28.48 23.99 -38.84
CA THR C 320 -28.48 24.31 -40.25
C THR C 320 -27.06 24.62 -40.70
N PRO C 321 -26.75 24.38 -41.99
CA PRO C 321 -25.45 24.73 -42.57
C PRO C 321 -25.17 26.20 -42.47
N PRO C 322 -23.91 26.59 -42.36
CA PRO C 322 -22.71 25.76 -42.37
C PRO C 322 -22.39 25.07 -41.04
N PHE C 323 -23.38 24.96 -40.17
CA PHE C 323 -23.23 24.33 -38.85
C PHE C 323 -22.17 25.05 -38.04
N TYR C 324 -22.40 26.35 -37.86
CA TYR C 324 -21.42 27.23 -37.25
C TYR C 324 -22.18 28.32 -36.53
N SER C 325 -21.43 29.27 -35.96
CA SER C 325 -22.06 30.32 -35.17
C SER C 325 -22.70 31.40 -36.02
N ASN C 326 -22.56 31.36 -37.35
CA ASN C 326 -23.36 32.20 -38.22
C ASN C 326 -24.49 31.43 -38.90
N SER C 327 -24.93 30.32 -38.33
CA SER C 327 -26.08 29.61 -38.84
C SER C 327 -27.36 30.36 -38.52
N THR C 328 -28.36 30.20 -39.37
CA THR C 328 -29.62 30.89 -39.20
C THR C 328 -30.74 29.88 -39.18
N ASN C 329 -31.77 30.16 -38.37
CA ASN C 329 -32.90 29.26 -38.16
C ASN C 329 -32.49 27.97 -37.48
N SER C 330 -31.41 28.02 -36.73
CA SER C 330 -30.87 26.85 -36.02
C SER C 330 -31.20 26.95 -34.54
N PHE C 331 -31.91 25.95 -34.01
CA PHE C 331 -32.17 25.94 -32.59
C PHE C 331 -30.89 25.94 -31.78
N ARG C 332 -29.92 25.13 -32.19
CA ARG C 332 -28.64 25.15 -31.50
C ARG C 332 -28.06 26.55 -31.45
N ASN C 333 -27.96 27.21 -32.60
CA ASN C 333 -27.29 28.50 -32.62
C ASN C 333 -28.08 29.57 -31.89
N THR C 334 -29.38 29.37 -31.75
CA THR C 334 -30.22 30.34 -31.05
C THR C 334 -30.01 30.25 -29.54
N VAL C 335 -30.29 29.08 -28.96
CA VAL C 335 -30.07 28.86 -27.54
C VAL C 335 -28.62 29.07 -27.17
N GLU C 336 -27.69 28.76 -28.06
CA GLU C 336 -26.31 29.10 -27.76
C GLU C 336 -26.15 30.61 -27.69
N GLY C 337 -26.91 31.34 -28.51
CA GLY C 337 -26.99 32.78 -28.38
C GLY C 337 -26.23 33.58 -29.41
N TYR C 338 -26.02 33.00 -30.58
CA TYR C 338 -25.47 33.75 -31.69
C TYR C 338 -26.53 34.26 -32.64
N SER C 339 -27.69 33.61 -32.69
CA SER C 339 -28.90 34.12 -33.31
C SER C 339 -29.76 34.83 -32.28
N ASP C 340 -30.78 35.54 -32.74
CA ASP C 340 -31.75 36.11 -31.82
C ASP C 340 -32.84 35.09 -31.56
N PRO C 341 -33.67 35.30 -30.53
CA PRO C 341 -34.60 34.25 -30.10
C PRO C 341 -35.53 33.72 -31.18
N THR C 342 -35.70 34.44 -32.28
CA THR C 342 -36.55 33.97 -33.36
C THR C 342 -35.84 33.03 -34.31
N GLY C 343 -34.52 33.11 -34.38
CA GLY C 343 -33.73 32.28 -35.26
C GLY C 343 -32.88 33.06 -36.23
N LYS C 344 -33.00 34.38 -36.28
CA LYS C 344 -32.34 35.16 -37.33
C LYS C 344 -30.95 35.55 -36.88
N TYR C 345 -29.94 35.13 -37.64
CA TYR C 345 -28.57 35.46 -37.29
C TYR C 345 -28.31 36.94 -37.51
N ASP C 346 -27.44 37.48 -36.69
CA ASP C 346 -26.97 38.85 -36.75
C ASP C 346 -25.68 38.91 -35.95
N PRO C 347 -24.58 39.35 -36.56
CA PRO C 347 -23.31 39.34 -35.83
C PRO C 347 -23.30 40.21 -34.59
N ALA C 348 -24.24 41.14 -34.46
CA ALA C 348 -24.25 42.01 -33.31
C ALA C 348 -24.99 41.41 -32.12
N VAL C 349 -25.89 40.46 -32.36
CA VAL C 349 -26.69 39.92 -31.28
C VAL C 349 -25.85 39.06 -30.35
N ARG C 350 -26.18 39.12 -29.08
CA ARG C 350 -25.77 38.13 -28.09
C ARG C 350 -26.99 37.85 -27.25
N SER C 351 -27.59 36.68 -27.39
CA SER C 351 -28.79 36.34 -26.65
C SER C 351 -28.55 35.08 -25.81
N LEU C 352 -29.62 34.66 -25.13
CA LEU C 352 -29.70 33.48 -24.27
C LEU C 352 -28.38 33.07 -23.61
N HIS C 353 -27.86 31.87 -23.92
CA HIS C 353 -26.71 31.32 -23.20
C HIS C 353 -25.52 32.26 -23.24
N ASN C 354 -25.21 32.81 -24.40
CA ASN C 354 -24.05 33.70 -24.49
C ASN C 354 -24.25 34.95 -23.66
N LEU C 355 -25.47 35.48 -23.65
CA LEU C 355 -25.78 36.71 -22.91
C LEU C 355 -25.63 36.47 -21.41
N ALA C 356 -26.21 35.39 -20.91
CA ALA C 356 -26.00 35.02 -19.52
C ALA C 356 -24.53 35.04 -19.16
N HIS C 357 -23.65 34.57 -20.00
CA HIS C 357 -22.26 34.53 -19.69
C HIS C 357 -21.65 35.91 -19.65
N LEU C 358 -22.01 36.76 -20.59
CA LEU C 358 -21.39 38.07 -20.68
C LEU C 358 -21.97 39.06 -19.69
N PHE C 359 -23.19 38.78 -19.24
CA PHE C 359 -23.82 39.54 -18.18
C PHE C 359 -22.97 39.61 -16.92
N LEU C 360 -22.17 38.57 -16.66
CA LEU C 360 -21.40 38.53 -15.44
C LEU C 360 -20.15 39.38 -15.49
N ASN C 361 -19.72 39.80 -16.68
CA ASN C 361 -18.60 40.72 -16.84
C ASN C 361 -17.42 40.33 -15.94
N GLY C 362 -16.95 39.12 -16.13
CA GLY C 362 -15.83 38.65 -15.36
C GLY C 362 -15.38 37.29 -15.82
N THR C 363 -14.90 36.48 -14.90
CA THR C 363 -14.38 35.16 -15.23
C THR C 363 -15.37 34.35 -16.04
N GLY C 364 -16.64 34.39 -15.66
CA GLY C 364 -17.65 33.56 -16.27
C GLY C 364 -17.96 33.92 -17.70
N GLY C 365 -17.34 34.98 -18.20
CA GLY C 365 -17.53 35.43 -19.57
C GLY C 365 -16.36 35.20 -20.50
N GLN C 366 -15.30 34.56 -20.05
CA GLN C 366 -14.14 34.25 -20.88
C GLN C 366 -14.14 32.76 -21.16
N THR C 367 -13.96 32.40 -22.43
CA THR C 367 -14.25 31.02 -22.85
C THR C 367 -13.28 30.02 -22.23
N HIS C 368 -12.01 30.37 -22.09
CA HIS C 368 -11.10 29.42 -21.49
C HIS C 368 -11.24 29.32 -19.98
N LEU C 369 -12.00 30.22 -19.34
CA LEU C 369 -12.06 30.27 -17.89
C LEU C 369 -13.42 30.03 -17.31
N SER C 370 -14.49 30.20 -18.07
CA SER C 370 -15.80 30.43 -17.50
C SER C 370 -16.27 29.43 -16.45
N PRO C 371 -15.92 28.14 -16.50
CA PRO C 371 -16.36 27.24 -15.42
C PRO C 371 -15.71 27.52 -14.08
N ASN C 372 -14.64 28.33 -14.05
CA ASN C 372 -14.02 28.66 -12.77
C ASN C 372 -15.01 29.31 -11.83
N ASP C 373 -15.96 30.08 -12.37
CA ASP C 373 -17.09 30.62 -11.65
C ASP C 373 -18.20 29.60 -11.58
N PRO C 374 -18.53 29.10 -10.39
CA PRO C 374 -19.51 28.02 -10.30
C PRO C 374 -20.90 28.37 -10.79
N ILE C 375 -21.21 29.64 -11.07
CA ILE C 375 -22.49 29.96 -11.71
C ILE C 375 -22.64 29.20 -13.02
N PHE C 376 -21.55 28.97 -13.74
CA PHE C 376 -21.49 28.16 -14.96
C PHE C 376 -22.34 26.92 -14.86
N VAL C 377 -22.34 26.29 -13.70
CA VAL C 377 -23.05 25.02 -13.54
C VAL C 377 -24.55 25.24 -13.70
N LEU C 378 -25.05 26.29 -13.07
CA LEU C 378 -26.47 26.56 -13.05
C LEU C 378 -26.93 27.19 -14.33
N LEU C 379 -26.05 27.96 -14.96
CA LEU C 379 -26.28 28.49 -16.28
C LEU C 379 -26.50 27.36 -17.27
N HIS C 380 -25.73 26.29 -17.16
CA HIS C 380 -25.78 25.26 -18.18
C HIS C 380 -26.80 24.18 -17.87
N THR C 381 -27.15 23.92 -16.62
CA THR C 381 -28.28 23.02 -16.39
C THR C 381 -29.57 23.64 -16.89
N PHE C 382 -29.64 24.96 -16.92
CA PHE C 382 -30.80 25.62 -17.50
C PHE C 382 -30.76 25.54 -19.02
N THR C 383 -29.62 25.83 -19.63
CA THR C 383 -29.44 25.57 -21.05
C THR C 383 -29.78 24.13 -21.39
N ASP C 384 -29.35 23.18 -20.57
CA ASP C 384 -29.66 21.78 -20.82
C ASP C 384 -31.14 21.50 -20.69
N ALA C 385 -31.84 22.23 -19.81
CA ALA C 385 -33.29 22.03 -19.68
C ALA C 385 -34.03 22.59 -20.89
N VAL C 386 -33.54 23.68 -21.47
CA VAL C 386 -34.12 24.13 -22.73
C VAL C 386 -33.91 23.08 -23.80
N PHE C 387 -32.71 22.53 -23.87
CA PHE C 387 -32.40 21.46 -24.81
C PHE C 387 -33.33 20.28 -24.60
N ASP C 388 -33.52 19.87 -23.37
CA ASP C 388 -34.34 18.70 -23.14
C ASP C 388 -35.78 18.94 -23.56
N GLU C 389 -36.28 20.16 -23.38
CA GLU C 389 -37.65 20.47 -23.77
C GLU C 389 -37.79 20.48 -25.28
N TRP C 390 -36.80 21.00 -25.99
CA TRP C 390 -36.75 20.88 -27.44
C TRP C 390 -36.80 19.41 -27.85
N LEU C 391 -36.09 18.55 -27.13
CA LEU C 391 -36.09 17.14 -27.49
C LEU C 391 -37.47 16.54 -27.29
N ARG C 392 -38.13 16.86 -26.18
CA ARG C 392 -39.48 16.34 -25.97
C ARG C 392 -40.43 16.84 -27.04
N ARG C 393 -40.35 18.13 -27.35
CA ARG C 393 -41.34 18.76 -28.21
C ARG C 393 -41.25 18.28 -29.64
N TYR C 394 -40.05 17.94 -30.12
CA TYR C 394 -39.83 17.60 -31.52
C TYR C 394 -39.34 16.18 -31.68
N ASN C 395 -39.68 15.33 -30.72
CA ASN C 395 -39.45 13.89 -30.82
C ASN C 395 -37.99 13.55 -31.10
N ALA C 396 -37.07 14.35 -30.56
CA ALA C 396 -35.65 14.07 -30.61
C ALA C 396 -35.16 13.84 -32.04
N ASP C 397 -35.57 14.71 -32.95
CA ASP C 397 -35.25 14.55 -34.36
C ASP C 397 -33.80 14.95 -34.59
N ILE C 398 -32.95 13.95 -34.84
CA ILE C 398 -31.51 14.13 -35.01
C ILE C 398 -31.10 14.31 -36.46
N SER C 399 -32.06 14.34 -37.39
CA SER C 399 -31.76 14.36 -38.82
C SER C 399 -30.90 15.54 -39.24
N THR C 400 -31.08 16.69 -38.62
CA THR C 400 -30.29 17.86 -38.99
C THR C 400 -28.90 17.88 -38.38
N PHE C 401 -28.63 17.04 -37.38
CA PHE C 401 -27.30 16.96 -36.80
C PHE C 401 -26.36 16.37 -37.84
N PRO C 402 -25.43 17.14 -38.38
CA PRO C 402 -24.68 16.67 -39.55
C PRO C 402 -23.72 15.53 -39.22
N LEU C 403 -23.63 14.57 -40.15
CA LEU C 403 -22.65 13.51 -40.06
C LEU C 403 -21.31 13.88 -40.67
N GLU C 404 -21.25 14.87 -41.55
CA GLU C 404 -19.96 15.33 -42.03
C GLU C 404 -20.05 16.81 -42.33
N ASN C 405 -18.89 17.44 -42.43
CA ASN C 405 -18.67 18.83 -42.80
C ASN C 405 -18.98 19.81 -41.69
N ALA C 406 -19.36 19.37 -40.50
CA ALA C 406 -19.42 20.25 -39.35
C ALA C 406 -18.00 20.67 -39.01
N PRO C 407 -17.83 21.68 -38.14
CA PRO C 407 -16.48 22.02 -37.71
C PRO C 407 -15.88 20.87 -36.92
N ILE C 408 -14.55 20.77 -36.97
CA ILE C 408 -13.87 19.63 -36.36
C ILE C 408 -14.27 19.51 -34.90
N GLY C 409 -14.76 18.33 -34.54
CA GLY C 409 -15.33 18.08 -33.25
C GLY C 409 -16.83 17.97 -33.25
N HIS C 410 -17.51 18.54 -34.22
CA HIS C 410 -18.95 18.66 -34.16
C HIS C 410 -19.69 17.70 -35.08
N ASN C 411 -19.00 16.79 -35.76
CA ASN C 411 -19.71 15.75 -36.49
C ASN C 411 -20.50 14.87 -35.52
N ARG C 412 -21.57 14.28 -36.01
CA ARG C 412 -22.46 13.57 -35.10
C ARG C 412 -21.79 12.40 -34.41
N GLN C 413 -20.85 11.73 -35.06
CA GLN C 413 -20.24 10.54 -34.49
C GLN C 413 -18.85 10.81 -33.95
N TYR C 414 -18.49 12.07 -33.80
CA TYR C 414 -17.24 12.40 -33.14
C TYR C 414 -17.33 12.07 -31.65
N ASN C 415 -16.26 11.54 -31.10
CA ASN C 415 -16.18 11.37 -29.66
C ASN C 415 -15.87 12.70 -29.02
N MET C 416 -16.75 13.17 -28.13
CA MET C 416 -16.63 14.52 -27.57
C MET C 416 -15.33 14.67 -26.79
N VAL C 417 -14.56 15.70 -27.10
CA VAL C 417 -13.22 15.86 -26.56
C VAL C 417 -13.20 16.60 -25.23
N PRO C 418 -12.50 16.06 -24.22
CA PRO C 418 -11.79 14.82 -24.03
C PRO C 418 -12.42 13.94 -23.00
N PHE C 419 -13.68 13.59 -23.13
CA PHE C 419 -14.31 12.76 -22.13
C PHE C 419 -13.87 11.31 -22.29
N TRP C 420 -13.78 10.62 -21.16
CA TRP C 420 -13.35 9.25 -21.14
C TRP C 420 -14.29 8.43 -20.32
N PRO C 421 -14.66 7.24 -20.78
CA PRO C 421 -14.43 6.57 -22.06
C PRO C 421 -15.00 7.36 -23.23
N PRO C 422 -14.63 7.04 -24.47
CA PRO C 422 -15.15 7.78 -25.62
C PRO C 422 -16.68 7.77 -25.68
N VAL C 423 -17.26 8.91 -26.01
CA VAL C 423 -18.71 9.05 -26.01
C VAL C 423 -19.09 10.07 -27.07
N THR C 424 -20.02 9.68 -27.95
CA THR C 424 -20.34 10.49 -29.12
C THR C 424 -21.49 11.44 -28.84
N ASN C 425 -21.62 12.44 -29.69
CA ASN C 425 -22.77 13.34 -29.63
C ASN C 425 -24.07 12.56 -29.69
N THR C 426 -24.11 11.49 -30.47
CA THR C 426 -25.34 10.73 -30.62
C THR C 426 -25.85 10.19 -29.30
N GLU C 427 -24.93 9.77 -28.42
CA GLU C 427 -25.36 9.16 -27.17
C GLU C 427 -26.05 10.15 -26.23
N MET C 428 -25.86 11.45 -26.42
CA MET C 428 -26.50 12.48 -25.62
C MET C 428 -27.76 13.06 -26.27
N PHE C 429 -28.00 12.81 -27.55
CA PHE C 429 -29.17 13.33 -28.24
C PHE C 429 -30.38 12.44 -27.99
N VAL C 430 -30.80 12.39 -26.72
CA VAL C 430 -31.97 11.61 -26.31
C VAL C 430 -32.69 12.38 -25.22
N THR C 431 -33.97 12.06 -25.03
CA THR C 431 -34.70 12.76 -23.98
C THR C 431 -34.24 12.25 -22.62
N ALA C 432 -33.94 13.16 -21.73
CA ALA C 432 -33.23 12.84 -20.50
C ALA C 432 -34.02 11.94 -19.55
N PRO C 433 -35.31 12.17 -19.30
CA PRO C 433 -35.99 11.30 -18.32
C PRO C 433 -35.98 9.84 -18.68
N ASP C 434 -36.25 9.50 -19.94
CA ASP C 434 -36.35 8.11 -20.31
C ASP C 434 -35.00 7.43 -20.47
N ASN C 435 -33.94 8.19 -20.74
CA ASN C 435 -32.69 7.61 -21.23
C ASN C 435 -31.46 7.93 -20.40
N LEU C 436 -31.46 9.01 -19.62
CA LEU C 436 -30.26 9.41 -18.90
C LEU C 436 -30.51 9.58 -17.40
N GLY C 437 -31.68 9.24 -16.90
CA GLY C 437 -31.92 9.25 -15.48
C GLY C 437 -32.17 10.59 -14.82
N TYR C 438 -32.53 11.64 -15.57
CA TYR C 438 -32.81 12.89 -14.89
C TYR C 438 -33.89 13.66 -15.62
N THR C 439 -34.53 14.56 -14.88
CA THR C 439 -35.61 15.37 -15.41
C THR C 439 -35.60 16.73 -14.73
N TYR C 440 -36.34 17.65 -15.31
CA TYR C 440 -36.39 19.04 -14.84
C TYR C 440 -37.77 19.37 -14.34
N GLU C 441 -37.85 19.80 -13.08
CA GLU C 441 -38.99 20.51 -12.54
C GLU C 441 -38.95 21.92 -13.08
N ILE C 442 -39.69 22.18 -14.15
CA ILE C 442 -39.64 23.48 -14.79
C ILE C 442 -40.96 23.66 -15.52
N GLN C 443 -41.32 24.89 -15.81
CA GLN C 443 -42.52 25.14 -16.58
C GLN C 443 -42.24 26.26 -17.58
N TRP C 444 -42.74 26.10 -18.69
CA TRP C 444 -42.31 26.97 -19.77
C TRP C 444 -43.36 28.04 -20.06
N PRO C 445 -42.92 29.20 -20.53
CA PRO C 445 -43.87 30.27 -20.85
C PRO C 445 -44.74 29.93 -22.05
N SER C 446 -45.85 30.64 -22.16
CA SER C 446 -46.75 30.49 -23.31
C SER C 446 -47.78 31.61 -23.37
N GLN D 1 35.00 14.56 5.52
CA GLN D 1 36.43 14.56 5.19
C GLN D 1 37.03 13.24 5.59
N PHE D 2 38.33 13.17 5.79
CA PHE D 2 38.93 11.85 5.68
C PHE D 2 39.55 11.40 6.98
N PRO D 3 39.49 10.10 7.26
CA PRO D 3 40.20 9.55 8.41
C PRO D 3 41.65 9.97 8.40
N ARG D 4 42.22 10.21 9.57
CA ARG D 4 43.57 10.72 9.60
C ARG D 4 44.55 9.73 9.00
N GLN D 5 44.24 8.44 9.04
CA GLN D 5 45.15 7.46 8.48
C GLN D 5 44.98 7.26 6.98
N CYS D 6 43.98 7.88 6.37
CA CYS D 6 43.90 8.03 4.93
C CYS D 6 44.46 9.36 4.45
N ALA D 7 44.86 10.23 5.36
CA ALA D 7 45.42 11.52 4.97
C ALA D 7 46.94 11.45 4.89
N THR D 8 47.42 10.44 4.17
CA THR D 8 48.83 10.25 3.92
C THR D 8 49.08 10.37 2.42
N VAL D 9 50.36 10.43 2.05
CA VAL D 9 50.71 10.41 0.63
C VAL D 9 50.49 9.02 0.05
N GLU D 10 50.82 8.00 0.83
CA GLU D 10 50.64 6.62 0.38
C GLU D 10 49.19 6.37 0.03
N ALA D 11 48.27 6.81 0.90
CA ALA D 11 46.86 6.55 0.68
C ALA D 11 46.32 7.36 -0.48
N LEU D 12 46.73 8.62 -0.59
CA LEU D 12 46.18 9.47 -1.64
C LEU D 12 46.65 9.05 -3.02
N ARG D 13 47.89 8.57 -3.13
CA ARG D 13 48.37 8.12 -4.42
C ARG D 13 47.75 6.79 -4.83
N SER D 14 47.36 5.95 -3.86
CA SER D 14 46.74 4.68 -4.18
C SER D 14 45.26 4.80 -4.52
N GLY D 15 44.61 5.90 -4.15
CA GLY D 15 43.18 6.01 -4.31
C GLY D 15 42.36 5.21 -3.33
N MET D 16 42.98 4.65 -2.29
CA MET D 16 42.33 3.71 -1.39
C MET D 16 42.29 4.26 0.03
N CYS D 17 41.09 4.33 0.61
CA CYS D 17 40.87 4.73 1.99
C CYS D 17 40.17 3.59 2.71
N CYS D 18 40.93 2.56 3.04
CA CYS D 18 40.42 1.37 3.71
C CYS D 18 41.34 1.07 4.89
N PRO D 19 41.19 1.78 6.00
CA PRO D 19 42.14 1.62 7.10
C PRO D 19 41.94 0.32 7.84
N ASP D 20 42.98 -0.09 8.55
CA ASP D 20 42.88 -1.28 9.38
C ASP D 20 41.89 -1.06 10.52
N LEU D 21 41.40 -2.17 11.07
CA LEU D 21 40.61 -2.15 12.29
C LEU D 21 41.44 -2.64 13.47
N SER D 22 41.79 -3.92 13.50
CA SER D 22 42.66 -4.49 14.53
C SER D 22 43.77 -5.24 13.84
N PRO D 23 44.73 -4.60 13.43
CA PRO D 23 45.76 -5.17 12.54
C PRO D 23 46.84 -5.96 13.29
N VAL D 24 46.47 -7.16 13.74
CA VAL D 24 47.37 -7.93 14.58
C VAL D 24 48.63 -8.32 13.81
N SER D 25 48.46 -8.82 12.59
CA SER D 25 49.60 -9.30 11.82
C SER D 25 50.32 -8.19 11.06
N GLY D 26 49.92 -6.94 11.22
CA GLY D 26 50.61 -5.85 10.57
C GLY D 26 49.71 -5.07 9.63
N PRO D 27 50.21 -3.93 9.13
CA PRO D 27 49.36 -3.05 8.32
C PRO D 27 48.78 -3.79 7.11
N GLY D 28 47.53 -3.46 6.79
CA GLY D 28 46.85 -4.09 5.67
C GLY D 28 46.27 -5.45 5.97
N THR D 29 46.39 -5.93 7.20
CA THR D 29 45.90 -7.25 7.60
C THR D 29 44.47 -7.27 8.04
N ASP D 30 43.90 -6.12 8.38
CA ASP D 30 42.52 -6.06 8.82
C ASP D 30 41.83 -4.87 8.22
N ARG D 31 42.10 -4.58 6.96
CA ARG D 31 41.40 -3.51 6.27
C ARG D 31 39.90 -3.70 6.42
N CYS D 32 39.23 -2.68 6.93
CA CYS D 32 37.79 -2.70 7.12
C CYS D 32 37.33 -3.79 8.05
N GLY D 33 38.22 -4.31 8.89
CA GLY D 33 37.82 -5.34 9.82
C GLY D 33 37.39 -6.62 9.15
N SER D 34 38.11 -7.06 8.13
CA SER D 34 37.72 -8.22 7.34
C SER D 34 38.16 -9.52 7.98
N SER D 35 39.16 -9.50 8.86
CA SER D 35 39.44 -10.69 9.66
C SER D 35 38.18 -11.19 10.34
N SER D 36 37.48 -10.32 11.05
CA SER D 36 36.11 -10.62 11.47
C SER D 36 35.17 -10.40 10.29
N GLY D 37 33.89 -10.63 10.50
CA GLY D 37 33.01 -10.53 9.35
C GLY D 37 32.52 -9.13 9.05
N ARG D 38 33.27 -8.12 9.45
CA ARG D 38 32.69 -6.80 9.63
C ARG D 38 32.56 -6.02 8.33
N GLY D 39 33.48 -6.19 7.39
CA GLY D 39 33.34 -5.50 6.13
C GLY D 39 34.52 -5.76 5.22
N ARG D 40 34.55 -5.03 4.12
CA ARG D 40 35.61 -5.22 3.13
C ARG D 40 35.84 -3.95 2.34
N CYS D 41 37.03 -3.84 1.78
CA CYS D 41 37.40 -2.73 0.92
C CYS D 41 36.90 -3.02 -0.49
N GLU D 42 36.05 -2.15 -1.03
CA GLU D 42 35.53 -2.37 -2.37
C GLU D 42 35.46 -1.04 -3.08
N ALA D 43 35.09 -1.09 -4.35
CA ALA D 43 35.12 0.10 -5.16
C ALA D 43 34.02 1.07 -4.76
N VAL D 44 34.27 2.35 -4.99
CA VAL D 44 33.30 3.38 -4.64
C VAL D 44 32.27 3.48 -5.75
N THR D 45 31.00 3.51 -5.37
CA THR D 45 29.94 3.79 -6.31
C THR D 45 29.56 5.26 -6.19
N ALA D 46 29.54 5.97 -7.31
CA ALA D 46 29.22 7.39 -7.31
C ALA D 46 28.20 7.68 -8.39
N ASP D 47 27.43 8.74 -8.19
CA ASP D 47 26.39 9.11 -9.13
C ASP D 47 27.03 9.64 -10.41
N SER D 48 26.75 8.97 -11.52
CA SER D 48 27.28 9.42 -12.81
C SER D 48 26.28 10.25 -13.59
N ARG D 49 25.00 10.20 -13.23
CA ARG D 49 23.91 10.80 -13.98
C ARG D 49 24.10 12.30 -14.16
N PRO D 50 23.35 12.93 -15.07
CA PRO D 50 23.53 14.37 -15.29
C PRO D 50 22.89 15.21 -14.19
N HIS D 51 23.42 16.42 -14.06
CA HIS D 51 22.88 17.43 -13.17
C HIS D 51 22.39 18.60 -14.00
N SER D 52 21.68 19.51 -13.33
CA SER D 52 21.15 20.72 -13.95
C SER D 52 22.26 21.46 -14.67
N PRO D 53 21.96 22.17 -15.77
CA PRO D 53 23.03 22.86 -16.51
C PRO D 53 23.64 24.02 -15.74
N GLN D 54 23.13 24.36 -14.55
CA GLN D 54 23.48 25.60 -13.88
C GLN D 54 24.96 25.69 -13.51
N TYR D 55 25.69 24.55 -13.50
CA TYR D 55 27.04 24.46 -13.03
C TYR D 55 28.05 24.42 -14.20
N PRO D 56 29.00 25.21 -14.12
CA PRO D 56 29.69 25.66 -15.46
C PRO D 56 30.87 24.80 -15.87
N HIS D 57 31.55 24.19 -14.89
CA HIS D 57 32.92 23.81 -14.85
C HIS D 57 33.09 22.36 -14.39
N ASP D 58 32.26 21.45 -14.89
CA ASP D 58 32.53 20.04 -14.67
C ASP D 58 33.95 19.74 -15.11
N GLY D 59 34.76 19.27 -14.16
CA GLY D 59 36.17 19.06 -14.36
C GLY D 59 37.06 20.00 -13.59
N ARG D 60 36.50 20.98 -12.89
CA ARG D 60 37.31 21.94 -12.16
C ARG D 60 37.29 21.75 -10.64
N ASP D 61 36.20 21.23 -10.08
CA ASP D 61 36.01 21.22 -8.64
C ASP D 61 36.08 19.81 -8.07
N ASP D 62 36.78 19.67 -6.95
CA ASP D 62 36.97 18.40 -6.28
C ASP D 62 35.69 17.81 -5.70
N ARG D 63 34.61 18.57 -5.63
CA ARG D 63 33.39 18.02 -5.06
C ARG D 63 32.57 17.24 -6.07
N GLU D 64 32.94 17.29 -7.34
CA GLU D 64 32.20 16.58 -8.37
C GLU D 64 32.38 15.08 -8.22
N VAL D 65 31.30 14.34 -8.50
CA VAL D 65 31.22 12.89 -8.36
C VAL D 65 31.92 12.44 -7.09
N TRP D 66 31.57 13.06 -5.97
CA TRP D 66 32.14 12.76 -4.67
C TRP D 66 31.98 11.27 -4.35
N PRO D 67 33.05 10.64 -3.86
CA PRO D 67 34.33 11.24 -3.53
C PRO D 67 35.40 10.90 -4.53
N LEU D 68 35.05 10.69 -5.80
CA LEU D 68 35.98 10.00 -6.70
C LEU D 68 37.24 10.80 -6.95
N ARG D 69 37.18 12.11 -6.78
CA ARG D 69 38.37 12.93 -6.93
C ARG D 69 39.48 12.50 -5.99
N PHE D 70 39.16 11.95 -4.82
CA PHE D 70 40.21 11.62 -3.86
C PHE D 70 40.42 10.13 -3.69
N PHE D 71 39.37 9.33 -3.71
CA PHE D 71 39.49 7.90 -3.45
C PHE D 71 38.46 7.17 -4.29
N ASN D 72 38.84 6.00 -4.81
CA ASN D 72 37.90 5.15 -5.53
C ASN D 72 37.71 3.79 -4.87
N ARG D 73 38.20 3.60 -3.65
CA ARG D 73 37.92 2.41 -2.87
C ARG D 73 37.72 2.79 -1.41
N THR D 74 36.55 2.45 -0.86
CA THR D 74 36.18 2.66 0.54
C THR D 74 36.11 1.32 1.25
N CYS D 75 35.88 1.38 2.56
CA CYS D 75 35.35 0.24 3.28
C CYS D 75 33.84 0.23 3.14
N HIS D 76 33.29 -0.95 2.91
CA HIS D 76 31.86 -1.19 2.93
C HIS D 76 31.62 -2.23 4.00
N CYS D 77 30.66 -1.98 4.87
CA CYS D 77 30.52 -2.77 6.08
C CYS D 77 29.33 -3.69 5.96
N ASN D 78 29.50 -4.91 6.46
CA ASN D 78 28.45 -5.90 6.40
C ASN D 78 27.39 -5.62 7.46
N GLY D 79 26.18 -6.09 7.19
CA GLY D 79 25.15 -6.15 8.20
C GLY D 79 24.88 -4.81 8.84
N ASN D 80 24.88 -4.83 10.17
CA ASN D 80 24.60 -3.65 10.97
C ASN D 80 25.87 -3.00 11.52
N PHE D 81 27.05 -3.37 11.01
CA PHE D 81 28.29 -2.69 11.30
C PHE D 81 28.40 -1.41 10.48
N SER D 82 29.36 -0.57 10.83
CA SER D 82 29.44 0.77 10.23
C SER D 82 30.76 1.41 10.62
N GLY D 83 31.07 2.51 9.98
CA GLY D 83 32.26 3.28 10.28
C GLY D 83 33.24 3.30 9.13
N HIS D 84 34.24 4.18 9.28
CA HIS D 84 35.31 4.34 8.29
C HIS D 84 36.12 3.06 8.10
N ASN D 85 36.29 2.28 9.16
CA ASN D 85 36.92 0.97 9.07
C ASN D 85 36.02 -0.13 9.60
N CYS D 86 34.72 0.11 9.60
CA CYS D 86 33.69 -0.83 10.04
C CYS D 86 33.81 -1.22 11.51
N GLY D 87 34.40 -0.38 12.34
CA GLY D 87 34.55 -0.75 13.73
C GLY D 87 33.45 -0.35 14.68
N THR D 88 32.38 0.28 14.21
CA THR D 88 31.28 0.67 15.08
C THR D 88 29.99 0.12 14.47
N CYS D 89 28.84 0.62 14.88
CA CYS D 89 27.57 0.11 14.42
C CYS D 89 26.79 1.15 13.63
N ARG D 90 25.71 0.69 13.00
CA ARG D 90 24.73 1.59 12.41
C ARG D 90 24.00 2.36 13.49
N PRO D 91 23.45 3.52 13.14
CA PRO D 91 22.64 4.27 14.12
C PRO D 91 21.47 3.45 14.60
N GLY D 92 21.35 3.31 15.92
CA GLY D 92 20.33 2.51 16.55
C GLY D 92 20.78 1.14 17.03
N TRP D 93 22.05 0.80 16.89
CA TRP D 93 22.53 -0.53 17.19
C TRP D 93 23.80 -0.42 18.01
N ARG D 94 23.95 -1.31 18.98
CA ARG D 94 25.16 -1.32 19.79
C ARG D 94 25.46 -2.73 20.24
N GLY D 95 26.72 -2.94 20.61
CA GLY D 95 27.22 -4.25 21.01
C GLY D 95 28.42 -4.53 20.13
N ALA D 96 29.32 -5.38 20.64
CA ALA D 96 30.45 -5.76 19.81
C ALA D 96 30.00 -6.42 18.52
N ALA D 97 28.85 -7.07 18.53
CA ALA D 97 28.25 -7.65 17.35
C ALA D 97 27.20 -6.76 16.71
N CYS D 98 26.95 -5.58 17.27
CA CYS D 98 25.93 -4.66 16.80
C CYS D 98 24.56 -5.30 16.74
N ASP D 99 24.20 -6.00 17.82
CA ASP D 99 22.94 -6.72 17.84
C ASP D 99 21.96 -6.26 18.91
N GLN D 100 22.23 -5.16 19.60
CA GLN D 100 21.28 -4.65 20.59
C GLN D 100 20.81 -3.25 20.18
N ARG D 101 19.50 -3.05 20.19
CA ARG D 101 18.90 -1.82 19.71
C ARG D 101 18.94 -0.74 20.79
N VAL D 102 19.21 0.48 20.38
CA VAL D 102 19.00 1.67 21.21
C VAL D 102 18.00 2.58 20.51
N LEU D 103 17.22 3.30 21.31
CA LEU D 103 16.36 4.34 20.78
C LEU D 103 16.55 5.58 21.62
N ILE D 104 17.05 6.64 21.03
CA ILE D 104 17.30 7.87 21.76
C ILE D 104 16.24 8.89 21.36
N VAL D 105 15.91 9.78 22.30
CA VAL D 105 14.80 10.71 22.12
C VAL D 105 15.36 12.12 22.08
N ARG D 106 15.08 12.82 21.00
CA ARG D 106 15.42 14.24 20.89
C ARG D 106 14.22 15.04 21.37
N ARG D 107 14.38 15.72 22.50
CA ARG D 107 13.30 16.44 23.17
C ARG D 107 13.48 17.94 23.04
N ASN D 108 12.43 18.67 23.38
CA ASN D 108 12.50 20.13 23.38
C ASN D 108 13.54 20.60 24.39
N LEU D 109 14.37 21.57 23.98
CA LEU D 109 15.40 22.07 24.88
C LEU D 109 14.78 22.68 26.14
N LEU D 110 13.67 23.40 25.99
CA LEU D 110 13.04 24.07 27.11
C LEU D 110 12.36 23.10 28.08
N ASP D 111 12.24 21.82 27.72
CA ASP D 111 11.63 20.82 28.57
C ASP D 111 12.64 20.04 29.40
N LEU D 112 13.93 20.32 29.27
CA LEU D 112 14.90 19.54 30.00
C LEU D 112 15.04 20.05 31.42
N SER D 113 15.58 19.20 32.28
CA SER D 113 15.77 19.57 33.66
C SER D 113 16.90 20.57 33.81
N LYS D 114 17.02 21.14 35.01
CA LYS D 114 18.09 22.07 35.29
C LYS D 114 19.44 21.45 34.96
N GLU D 115 19.60 20.17 35.27
CA GLU D 115 20.88 19.48 35.14
C GLU D 115 21.14 19.09 33.69
N GLU D 116 20.13 18.58 33.01
CA GLU D 116 20.27 18.26 31.60
C GLU D 116 20.72 19.47 30.80
N LYS D 117 20.19 20.65 31.13
CA LYS D 117 20.55 21.84 30.38
C LYS D 117 22.02 22.17 30.57
N ASN D 118 22.48 22.21 31.81
CA ASN D 118 23.89 22.44 32.07
C ASN D 118 24.74 21.37 31.41
N HIS D 119 24.21 20.15 31.31
CA HIS D 119 24.97 19.05 30.72
C HIS D 119 25.08 19.22 29.21
N PHE D 120 24.01 19.65 28.54
CA PHE D 120 24.08 19.90 27.11
C PHE D 120 25.01 21.08 26.80
N VAL D 121 24.88 22.16 27.56
CA VAL D 121 25.71 23.33 27.30
C VAL D 121 27.18 22.98 27.46
N ARG D 122 27.52 22.31 28.56
CA ARG D 122 28.90 21.97 28.83
C ARG D 122 29.46 21.03 27.77
N ALA D 123 28.65 20.09 27.29
CA ALA D 123 29.10 19.15 26.26
C ALA D 123 29.42 19.85 24.96
N LEU D 124 28.52 20.71 24.49
CA LEU D 124 28.83 21.51 23.31
C LEU D 124 30.14 22.25 23.48
N ASP D 125 30.33 22.87 24.63
CA ASP D 125 31.56 23.60 24.87
C ASP D 125 32.78 22.69 24.82
N MET D 126 32.62 21.45 25.27
CA MET D 126 33.72 20.50 25.24
C MET D 126 34.03 20.06 23.81
N ALA D 127 33.00 19.85 23.00
CA ALA D 127 33.22 19.53 21.60
C ALA D 127 33.90 20.67 20.86
N LYS D 128 33.71 21.91 21.31
CA LYS D 128 34.37 23.02 20.63
C LYS D 128 35.87 23.01 20.86
N ARG D 129 36.34 22.35 21.89
CA ARG D 129 37.76 22.38 22.22
C ARG D 129 38.44 21.03 22.12
N THR D 130 37.71 19.93 22.15
CA THR D 130 38.31 18.62 21.98
C THR D 130 38.55 18.30 20.51
N THR D 131 39.73 17.76 20.23
CA THR D 131 40.13 17.42 18.87
C THR D 131 39.38 16.21 18.36
N HIS D 132 38.89 16.28 17.14
CA HIS D 132 38.22 15.14 16.56
C HIS D 132 39.21 13.99 16.45
N PRO D 133 38.90 12.83 17.01
CA PRO D 133 39.86 11.73 17.00
C PRO D 133 40.05 11.07 15.65
N LEU D 134 39.14 11.28 14.71
CA LEU D 134 39.15 10.51 13.48
C LEU D 134 39.38 11.36 12.25
N PHE D 135 38.63 12.42 12.06
CA PHE D 135 38.72 13.19 10.84
C PHE D 135 39.75 14.30 10.96
N VAL D 136 40.40 14.57 9.83
CA VAL D 136 41.25 15.73 9.62
C VAL D 136 40.70 16.48 8.42
N ILE D 137 40.95 17.76 8.36
CA ILE D 137 40.36 18.56 7.29
C ILE D 137 41.46 19.13 6.42
N ALA D 138 41.15 19.29 5.14
CA ALA D 138 42.10 19.77 4.15
C ALA D 138 42.08 21.28 4.09
N THR D 139 43.29 21.86 4.05
CA THR D 139 43.42 23.30 3.91
C THR D 139 43.71 23.74 2.48
N ARG D 140 44.02 22.81 1.59
CA ARG D 140 44.27 23.10 0.18
C ARG D 140 43.35 22.25 -0.68
N ARG D 141 43.16 22.69 -1.92
CA ARG D 141 42.44 21.89 -2.90
C ARG D 141 43.30 20.72 -3.38
N SER D 142 42.67 19.81 -4.13
CA SER D 142 43.34 18.58 -4.51
C SER D 142 44.62 18.83 -5.30
N GLU D 143 44.64 19.87 -6.11
CA GLU D 143 45.81 20.14 -6.93
C GLU D 143 47.03 20.52 -6.11
N GLU D 144 46.84 21.00 -4.87
CA GLU D 144 47.92 21.38 -3.97
C GLU D 144 47.95 20.50 -2.73
N ILE D 145 47.13 19.44 -2.72
CA ILE D 145 46.89 18.63 -1.54
C ILE D 145 48.14 18.06 -0.91
N LEU D 146 49.19 17.81 -1.69
CA LEU D 146 50.39 17.16 -1.18
C LEU D 146 51.49 18.15 -0.90
N GLY D 147 51.16 19.43 -0.98
CA GLY D 147 52.03 20.47 -0.49
C GLY D 147 53.15 20.76 -1.44
N PRO D 148 53.95 21.76 -1.09
CA PRO D 148 55.04 22.18 -2.00
C PRO D 148 56.00 21.05 -2.33
N ASP D 149 56.58 20.40 -1.32
CA ASP D 149 57.52 19.34 -1.61
C ASP D 149 56.85 18.05 -2.02
N GLY D 150 55.56 18.10 -2.39
CA GLY D 150 54.84 16.95 -2.91
C GLY D 150 54.79 15.74 -1.98
N ASN D 151 55.31 15.89 -0.76
CA ASN D 151 55.39 14.79 0.19
C ASN D 151 54.84 15.19 1.56
N THR D 152 54.09 16.29 1.63
CA THR D 152 53.49 16.74 2.89
C THR D 152 52.00 17.00 2.70
N PRO D 153 51.13 16.15 3.25
CA PRO D 153 49.69 16.32 3.05
C PRO D 153 49.19 17.57 3.77
N GLN D 154 48.35 18.35 3.08
CA GLN D 154 47.89 19.64 3.56
C GLN D 154 46.62 19.48 4.39
N PHE D 155 46.77 18.81 5.52
CA PHE D 155 45.65 18.51 6.39
C PHE D 155 45.94 19.01 7.79
N GLU D 156 44.92 19.57 8.43
CA GLU D 156 45.02 19.97 9.82
C GLU D 156 44.07 19.15 10.68
N ASN D 157 44.46 18.96 11.93
CA ASN D 157 43.53 18.52 12.94
C ASN D 157 42.48 19.60 13.20
N ILE D 158 41.34 19.18 13.74
CA ILE D 158 40.22 20.09 13.97
C ILE D 158 39.39 19.55 15.11
N SER D 159 38.64 20.43 15.76
CA SER D 159 37.89 20.00 16.93
C SER D 159 36.54 19.44 16.51
N ILE D 160 35.95 18.63 17.38
CA ILE D 160 34.69 17.97 17.05
C ILE D 160 33.69 18.98 16.51
N TYR D 161 33.44 20.05 17.25
CA TYR D 161 32.44 21.01 16.78
C TYR D 161 32.93 21.82 15.60
N ASN D 162 34.24 22.04 15.46
CA ASN D 162 34.70 22.78 14.29
C ASN D 162 34.59 21.95 13.02
N TYR D 163 34.75 20.62 13.13
CA TYR D 163 34.51 19.74 11.99
C TYR D 163 33.09 19.87 11.48
N PHE D 164 32.12 19.90 12.40
CA PHE D 164 30.72 20.20 12.10
C PHE D 164 30.57 21.48 11.29
N VAL D 165 31.39 22.49 11.59
CA VAL D 165 31.30 23.77 10.88
C VAL D 165 31.93 23.67 9.51
N TRP D 166 33.04 22.93 9.42
CA TRP D 166 33.84 22.89 8.21
C TRP D 166 33.12 22.14 7.09
N THR D 167 32.47 21.04 7.42
CA THR D 167 31.76 20.30 6.40
C THR D 167 30.65 21.13 5.79
N HIS D 168 29.87 21.81 6.62
CA HIS D 168 28.82 22.68 6.10
C HIS D 168 29.40 23.75 5.18
N TYR D 169 30.53 24.33 5.57
CA TYR D 169 31.19 25.31 4.74
C TYR D 169 31.59 24.70 3.40
N TYR D 170 32.33 23.59 3.44
CA TYR D 170 32.84 22.98 2.23
C TYR D 170 31.73 22.64 1.25
N SER D 171 30.52 22.39 1.74
CA SER D 171 29.40 22.07 0.88
C SER D 171 28.72 23.29 0.28
N VAL D 172 29.08 24.50 0.69
CA VAL D 172 28.43 25.70 0.16
C VAL D 172 29.40 26.63 -0.53
N LYS D 173 30.69 26.38 -0.42
CA LYS D 173 31.71 27.27 -0.93
C LYS D 173 31.59 27.45 -2.44
N LYS D 174 32.41 28.34 -2.97
CA LYS D 174 32.42 28.63 -4.38
C LYS D 174 33.49 27.81 -5.08
N THR D 175 33.30 27.62 -6.39
CA THR D 175 34.25 26.86 -7.21
C THR D 175 35.39 27.77 -7.64
N PHE D 176 36.60 27.42 -7.26
CA PHE D 176 37.76 28.23 -7.63
C PHE D 176 38.11 27.98 -9.08
N LEU D 177 38.13 29.04 -9.86
CA LEU D 177 38.44 28.94 -11.28
C LEU D 177 39.86 29.33 -11.61
N GLY D 178 40.59 29.88 -10.66
CA GLY D 178 41.96 30.23 -10.90
C GLY D 178 42.29 31.61 -10.40
N VAL D 179 43.57 31.85 -10.14
CA VAL D 179 44.02 33.13 -9.64
C VAL D 179 43.61 34.21 -10.62
N GLY D 180 42.94 35.23 -10.11
CA GLY D 180 42.61 36.38 -10.91
C GLY D 180 41.24 36.36 -11.55
N GLN D 181 40.42 35.33 -11.31
CA GLN D 181 39.09 35.28 -11.89
C GLN D 181 38.06 34.94 -10.84
N GLU D 182 36.88 35.54 -10.99
CA GLU D 182 35.86 35.45 -9.95
C GLU D 182 35.38 34.02 -9.81
N SER D 183 35.50 33.48 -8.60
CA SER D 183 35.04 32.12 -8.35
C SER D 183 33.53 32.05 -8.54
N PHE D 184 33.07 30.85 -8.91
CA PHE D 184 31.68 30.65 -9.31
C PHE D 184 30.84 30.28 -8.09
N GLY D 185 29.65 30.88 -8.02
CA GLY D 185 28.90 30.83 -6.78
C GLY D 185 27.53 30.20 -6.83
N GLU D 186 27.01 29.90 -8.01
CA GLU D 186 25.69 29.27 -8.08
C GLU D 186 25.87 27.75 -8.09
N VAL D 187 26.36 27.27 -6.95
CA VAL D 187 26.58 25.86 -6.70
C VAL D 187 26.54 25.66 -5.21
N ASP D 188 25.73 24.71 -4.75
CA ASP D 188 25.52 24.53 -3.31
C ASP D 188 25.09 23.09 -3.10
N PHE D 189 26.00 22.28 -2.57
CA PHE D 189 25.75 20.86 -2.43
C PHE D 189 24.84 20.51 -1.26
N SER D 190 24.46 21.47 -0.41
CA SER D 190 23.58 21.17 0.71
C SER D 190 22.34 22.05 0.81
N HIS D 191 22.21 23.11 0.02
CA HIS D 191 21.03 23.96 0.09
C HIS D 191 20.45 24.16 -1.31
N GLU D 192 19.22 24.66 -1.35
CA GLU D 192 18.56 25.01 -2.60
C GLU D 192 18.53 23.80 -3.55
N GLY D 193 17.74 22.82 -3.14
CA GLY D 193 17.68 21.55 -3.83
C GLY D 193 17.25 20.42 -2.92
N PRO D 194 16.83 19.31 -3.50
CA PRO D 194 16.19 18.26 -2.68
C PRO D 194 17.06 17.71 -1.57
N ALA D 195 18.37 17.75 -1.71
CA ALA D 195 19.22 17.18 -0.69
C ALA D 195 19.31 18.06 0.57
N PHE D 196 18.56 19.14 0.66
CA PHE D 196 18.70 20.04 1.79
C PHE D 196 18.42 19.34 3.10
N LEU D 197 17.38 18.50 3.14
CA LEU D 197 16.97 17.87 4.38
C LEU D 197 17.82 16.64 4.71
N THR D 198 18.14 15.82 3.71
CA THR D 198 18.92 14.62 3.99
C THR D 198 20.36 14.97 4.33
N TRP D 199 20.90 16.04 3.76
CA TRP D 199 22.25 16.46 4.09
C TRP D 199 22.34 16.89 5.54
N HIS D 200 21.44 17.76 5.96
CA HIS D 200 21.47 18.26 7.31
C HIS D 200 21.07 17.20 8.32
N ARG D 201 20.33 16.17 7.91
CA ARG D 201 20.03 15.07 8.83
C ARG D 201 21.28 14.25 9.14
N TYR D 202 22.09 13.96 8.13
CA TYR D 202 23.32 13.24 8.39
C TYR D 202 24.30 14.11 9.17
N HIS D 203 24.38 15.39 8.80
CA HIS D 203 25.20 16.38 9.51
C HIS D 203 24.94 16.33 11.01
N LEU D 204 23.67 16.30 11.41
CA LEU D 204 23.35 16.22 12.83
C LEU D 204 23.73 14.87 13.41
N LEU D 205 23.40 13.80 12.69
CA LEU D 205 23.66 12.44 13.15
C LEU D 205 25.15 12.22 13.40
N ARG D 206 26.00 12.83 12.58
CA ARG D 206 27.43 12.70 12.78
C ARG D 206 27.89 13.45 14.01
N LEU D 207 27.30 14.61 14.28
CA LEU D 207 27.63 15.35 15.49
C LEU D 207 27.13 14.61 16.72
N GLU D 208 25.91 14.12 16.66
CA GLU D 208 25.38 13.33 17.76
C GLU D 208 26.31 12.17 18.10
N LYS D 209 26.75 11.43 17.10
CA LYS D 209 27.59 10.28 17.35
C LYS D 209 28.95 10.70 17.89
N ASP D 210 29.54 11.75 17.33
CA ASP D 210 30.82 12.23 17.82
C ASP D 210 30.74 12.58 19.30
N MET D 211 29.62 13.17 19.71
CA MET D 211 29.51 13.61 21.09
C MET D 211 29.22 12.46 22.03
N GLN D 212 28.47 11.46 21.58
CA GLN D 212 28.26 10.27 22.40
C GLN D 212 29.59 9.62 22.77
N GLU D 213 30.51 9.54 21.81
CA GLU D 213 31.80 8.91 22.06
C GLU D 213 32.69 9.77 22.94
N MET D 214 32.61 11.10 22.78
CA MET D 214 33.40 12.01 23.59
C MET D 214 32.94 12.02 25.04
N LEU D 215 31.64 12.03 25.27
CA LEU D 215 31.11 11.94 26.61
C LEU D 215 31.06 10.51 27.10
N GLN D 216 31.24 9.53 26.23
CA GLN D 216 31.08 8.12 26.56
C GLN D 216 29.70 7.86 27.16
N GLU D 217 28.69 8.43 26.52
CA GLU D 217 27.30 8.26 26.94
C GLU D 217 26.54 7.81 25.72
N PRO D 218 26.25 6.51 25.58
CA PRO D 218 25.59 6.02 24.37
C PRO D 218 24.26 6.69 24.08
N SER D 219 23.60 7.24 25.07
CA SER D 219 22.23 7.71 24.91
C SER D 219 22.11 9.22 24.81
N PHE D 220 23.22 9.95 24.83
CA PHE D 220 23.16 11.39 24.61
C PHE D 220 22.45 11.72 23.29
N SER D 221 21.66 12.78 23.30
CA SER D 221 20.89 13.16 22.13
C SER D 221 20.80 14.67 22.05
N LEU D 222 20.65 15.16 20.84
CA LEU D 222 20.56 16.59 20.60
C LEU D 222 19.15 17.10 20.84
N PRO D 223 18.96 18.11 21.64
CA PRO D 223 17.61 18.67 21.81
C PRO D 223 17.22 19.51 20.61
N TYR D 224 16.04 20.12 20.65
CA TYR D 224 15.64 20.99 19.55
C TYR D 224 15.03 22.26 20.09
N TRP D 225 15.01 23.27 19.23
CA TRP D 225 14.44 24.58 19.51
C TRP D 225 13.22 24.74 18.61
N ASN D 226 12.04 24.77 19.21
CA ASN D 226 10.82 25.07 18.46
C ASN D 226 10.78 26.56 18.18
N PHE D 227 11.20 26.95 16.98
CA PHE D 227 11.19 28.34 16.58
C PHE D 227 9.90 28.74 15.86
N ALA D 228 8.85 27.94 15.99
CA ALA D 228 7.56 28.27 15.38
C ALA D 228 6.59 28.80 16.43
N THR D 229 7.04 29.86 17.08
CA THR D 229 6.27 30.53 18.12
C THR D 229 5.84 31.92 17.73
N GLY D 230 6.31 32.43 16.58
CA GLY D 230 5.97 33.77 16.16
C GLY D 230 6.50 34.85 17.05
N LYS D 231 7.51 34.56 17.85
CA LYS D 231 7.91 35.48 18.90
C LYS D 231 8.83 36.56 18.35
N ASN D 232 8.91 37.64 19.13
CA ASN D 232 9.74 38.79 18.86
C ASN D 232 11.16 38.56 19.35
N VAL D 233 11.36 37.56 20.19
CA VAL D 233 12.62 37.34 20.89
C VAL D 233 13.04 35.89 20.72
N CYS D 234 14.28 35.62 21.11
CA CYS D 234 14.89 34.30 21.06
C CYS D 234 14.71 33.64 22.43
N ASP D 235 13.70 32.77 22.56
CA ASP D 235 13.37 32.29 23.89
C ASP D 235 14.37 31.31 24.46
N ILE D 236 15.39 30.91 23.69
CA ILE D 236 16.47 30.11 24.22
C ILE D 236 17.75 30.90 24.34
N CYS D 237 17.67 32.22 24.21
CA CYS D 237 18.85 33.07 24.33
C CYS D 237 18.98 33.56 25.76
N THR D 238 19.26 32.63 26.67
CA THR D 238 19.44 32.95 28.07
C THR D 238 20.76 32.36 28.54
N ASP D 239 21.25 32.80 29.69
CA ASP D 239 22.60 32.37 30.04
C ASP D 239 22.68 30.97 30.60
N ASP D 240 21.54 30.32 30.87
CA ASP D 240 21.59 28.92 31.26
C ASP D 240 21.61 28.01 30.04
N LEU D 241 21.40 28.55 28.85
CA LEU D 241 21.47 27.81 27.61
C LEU D 241 21.56 28.72 26.39
N MET D 242 22.67 28.69 25.67
CA MET D 242 22.82 29.35 24.35
C MET D 242 23.17 30.82 24.49
N GLY D 243 22.95 31.41 25.65
CA GLY D 243 23.47 32.74 25.85
C GLY D 243 22.52 33.86 25.51
N SER D 244 22.52 34.89 26.34
CA SER D 244 21.70 36.06 26.12
C SER D 244 22.57 37.17 25.54
N ARG D 245 21.96 38.33 25.36
CA ARG D 245 22.65 39.45 24.73
C ARG D 245 23.61 40.11 25.71
N SER D 246 24.77 40.48 25.20
CA SER D 246 25.75 41.19 26.01
C SER D 246 25.29 42.62 26.26
N ASN D 247 25.52 43.09 27.48
CA ASN D 247 25.16 44.44 27.85
C ASN D 247 26.23 45.45 27.50
N PHE D 248 27.37 45.01 26.98
CA PHE D 248 28.41 45.92 26.52
C PHE D 248 28.50 46.00 25.01
N ASP D 249 27.77 45.17 24.27
CA ASP D 249 27.76 45.17 22.82
C ASP D 249 26.51 44.43 22.37
N SER D 250 25.63 45.11 21.64
CA SER D 250 24.32 44.54 21.33
C SER D 250 24.40 43.32 20.44
N THR D 251 25.50 43.13 19.72
CA THR D 251 25.63 42.03 18.78
C THR D 251 26.53 40.93 19.30
N LEU D 252 26.95 40.97 20.54
CA LEU D 252 27.73 39.88 21.10
C LEU D 252 26.88 39.10 22.09
N ILE D 253 27.47 38.06 22.62
CA ILE D 253 26.83 37.16 23.56
C ILE D 253 27.31 37.53 24.95
N SER D 254 26.41 37.41 25.92
CA SER D 254 26.64 37.67 27.32
C SER D 254 27.94 37.06 27.81
N PRO D 255 28.82 37.82 28.41
CA PRO D 255 30.04 37.23 28.97
C PRO D 255 29.78 36.24 30.09
N ASN D 256 28.53 36.06 30.50
CA ASN D 256 28.17 35.07 31.50
C ASN D 256 27.84 33.73 30.86
N SER D 257 28.02 33.60 29.56
CA SER D 257 27.75 32.38 28.83
C SER D 257 29.04 31.88 28.21
N VAL D 258 29.23 30.56 28.18
CA VAL D 258 30.47 30.02 27.61
C VAL D 258 30.59 30.37 26.13
N PHE D 259 29.47 30.47 25.43
CA PHE D 259 29.52 30.73 23.99
C PHE D 259 30.03 32.12 23.66
N SER D 260 30.13 33.02 24.64
CA SER D 260 30.84 34.27 24.44
C SER D 260 32.34 34.05 24.26
N GLN D 261 32.84 32.87 24.62
CA GLN D 261 34.25 32.55 24.49
C GLN D 261 34.59 31.89 23.16
N TRP D 262 33.61 31.35 22.45
CA TRP D 262 33.90 30.68 21.19
C TRP D 262 34.44 31.67 20.18
N ARG D 263 35.37 31.21 19.36
CA ARG D 263 35.85 31.95 18.21
C ARG D 263 35.59 31.14 16.95
N VAL D 264 35.16 31.83 15.89
CA VAL D 264 34.61 31.15 14.73
C VAL D 264 35.71 30.70 13.78
N VAL D 265 35.37 29.74 12.92
CA VAL D 265 36.22 29.29 11.82
C VAL D 265 35.51 29.57 10.51
N CYS D 266 36.32 29.66 9.45
CA CYS D 266 35.89 29.76 8.05
C CYS D 266 35.37 31.13 7.69
N ASP D 267 35.93 32.19 8.29
CA ASP D 267 35.45 33.54 8.06
C ASP D 267 36.34 34.32 7.11
N SER D 268 37.19 33.64 6.34
CA SER D 268 38.09 34.33 5.43
C SER D 268 37.72 34.05 3.97
N LEU D 269 36.49 34.34 3.59
CA LEU D 269 36.06 34.11 2.22
C LEU D 269 36.99 34.78 1.21
N GLU D 270 37.52 35.96 1.53
CA GLU D 270 38.35 36.66 0.56
C GLU D 270 39.63 35.87 0.26
N ASP D 271 40.19 35.21 1.25
CA ASP D 271 41.39 34.42 0.99
C ASP D 271 41.05 33.18 0.19
N TYR D 272 40.06 32.43 0.63
CA TYR D 272 39.71 31.18 -0.02
C TYR D 272 39.30 31.43 -1.48
N ASP D 273 38.49 32.46 -1.71
CA ASP D 273 37.95 32.75 -3.03
C ASP D 273 38.90 33.54 -3.91
N THR D 274 40.08 33.90 -3.43
CA THR D 274 41.09 34.49 -4.29
C THR D 274 42.41 33.74 -4.28
N LEU D 275 42.83 33.21 -3.13
CA LEU D 275 44.06 32.44 -3.09
C LEU D 275 43.88 30.99 -3.50
N GLY D 276 42.65 30.48 -3.57
CA GLY D 276 42.42 29.09 -3.89
C GLY D 276 42.64 28.13 -2.74
N THR D 277 42.60 28.61 -1.50
CA THR D 277 42.77 27.78 -0.33
C THR D 277 41.42 27.45 0.30
N LEU D 278 41.47 26.75 1.43
CA LEU D 278 40.27 26.31 2.12
C LEU D 278 40.26 26.82 3.56
N CYS D 279 39.08 26.83 4.15
CA CYS D 279 38.94 27.13 5.57
C CYS D 279 39.75 26.13 6.38
N ASN D 280 40.63 26.63 7.23
CA ASN D 280 41.44 25.77 8.07
C ASN D 280 40.99 25.89 9.52
N SER D 281 41.75 25.27 10.42
CA SER D 281 41.34 25.14 11.80
C SER D 281 41.70 26.34 12.66
N THR D 282 42.07 27.46 12.06
CA THR D 282 42.52 28.62 12.84
C THR D 282 41.32 29.53 13.09
N GLU D 283 40.98 29.71 14.36
CA GLU D 283 39.82 30.48 14.74
C GLU D 283 40.17 31.97 14.74
N ASP D 284 39.14 32.80 14.60
CA ASP D 284 39.36 34.24 14.62
C ASP D 284 38.33 34.97 15.48
N GLY D 285 37.35 35.62 14.85
CA GLY D 285 36.47 36.50 15.56
C GLY D 285 35.53 35.76 16.50
N PRO D 286 34.62 36.50 17.13
CA PRO D 286 33.62 35.87 17.99
C PRO D 286 32.29 35.66 17.30
N ILE D 287 31.39 34.87 17.90
CA ILE D 287 30.04 34.79 17.39
C ILE D 287 29.37 36.16 17.49
N ARG D 288 28.66 36.54 16.43
CA ARG D 288 27.80 37.72 16.44
C ARG D 288 26.35 37.24 16.43
N ARG D 289 25.54 37.80 17.30
CA ARG D 289 24.12 37.47 17.37
C ARG D 289 23.39 38.71 17.85
N ASN D 290 22.16 38.87 17.36
CA ASN D 290 21.35 40.05 17.64
C ASN D 290 19.91 39.76 17.24
N PRO D 291 19.20 38.91 17.97
CA PRO D 291 17.88 38.48 17.51
C PRO D 291 16.91 39.64 17.34
N ALA D 292 16.13 39.60 16.26
CA ALA D 292 15.22 40.66 15.87
C ALA D 292 15.92 41.98 15.61
N GLY D 293 17.23 41.95 15.45
CA GLY D 293 18.00 43.17 15.31
C GLY D 293 18.10 43.72 13.93
N ASN D 294 17.55 43.06 12.92
CA ASN D 294 17.64 43.59 11.55
C ASN D 294 16.51 44.59 11.38
N VAL D 295 16.78 45.84 11.78
CA VAL D 295 15.79 46.88 11.61
C VAL D 295 15.53 47.15 10.14
N ALA D 296 16.55 46.94 9.30
CA ALA D 296 16.43 47.33 7.89
C ALA D 296 15.42 46.48 7.15
N ARG D 297 15.21 45.23 7.56
CA ARG D 297 14.23 44.35 6.94
C ARG D 297 13.25 43.88 8.00
N PRO D 298 12.10 44.52 8.13
CA PRO D 298 11.14 44.10 9.16
C PRO D 298 10.68 42.67 9.05
N MET D 299 10.84 42.04 7.89
CA MET D 299 10.25 40.72 7.70
C MET D 299 10.99 39.63 8.46
N VAL D 300 12.28 39.83 8.76
CA VAL D 300 13.05 38.83 9.48
C VAL D 300 13.20 39.24 10.94
N GLN D 301 12.24 39.99 11.45
CA GLN D 301 12.24 40.42 12.85
C GLN D 301 11.20 39.70 13.68
N ARG D 302 10.60 38.64 13.15
CA ARG D 302 9.66 37.84 13.90
C ARG D 302 9.72 36.42 13.36
N LEU D 303 9.61 35.45 14.26
CA LEU D 303 9.79 34.05 13.92
C LEU D 303 8.54 33.51 13.22
N PRO D 304 8.66 32.35 12.58
CA PRO D 304 7.50 31.71 11.96
C PRO D 304 6.35 31.46 12.93
N GLU D 305 5.16 31.46 12.40
CA GLU D 305 3.96 31.26 13.21
C GLU D 305 3.63 29.78 13.32
N PRO D 306 3.08 29.35 14.46
CA PRO D 306 2.80 27.92 14.65
C PRO D 306 2.07 27.27 13.50
N GLN D 307 1.23 27.99 12.80
CA GLN D 307 0.51 27.37 11.70
C GLN D 307 1.30 27.38 10.39
N ASP D 308 2.47 28.04 10.37
CA ASP D 308 3.37 27.86 9.24
C ASP D 308 3.91 26.44 9.18
N VAL D 309 3.99 25.77 10.32
CA VAL D 309 4.41 24.37 10.30
C VAL D 309 3.27 23.49 9.84
N ALA D 310 2.07 23.69 10.39
CA ALA D 310 0.94 22.85 10.04
C ALA D 310 0.61 22.95 8.55
N GLN D 311 0.73 24.14 7.98
CA GLN D 311 0.39 24.32 6.58
C GLN D 311 1.38 23.62 5.67
N CYS D 312 2.66 23.67 6.00
CA CYS D 312 3.65 23.11 5.09
C CYS D 312 3.65 21.58 5.11
N LEU D 313 3.25 20.98 6.23
CA LEU D 313 3.12 19.53 6.30
C LEU D 313 1.97 18.98 5.45
N GLU D 314 1.19 19.85 4.82
CA GLU D 314 0.16 19.43 3.88
C GLU D 314 0.60 19.61 2.44
N VAL D 315 1.82 20.08 2.21
CA VAL D 315 2.41 20.07 0.87
C VAL D 315 2.88 18.65 0.58
N GLY D 316 2.20 17.99 -0.36
CA GLY D 316 2.34 16.57 -0.54
C GLY D 316 3.48 16.08 -1.40
N LEU D 317 3.99 16.89 -2.30
CA LEU D 317 5.15 16.51 -3.11
C LEU D 317 6.41 16.89 -2.36
N PHE D 318 7.32 15.93 -2.18
CA PHE D 318 8.57 16.26 -1.51
C PHE D 318 9.35 17.30 -2.29
N ASP D 319 9.28 17.26 -3.62
CA ASP D 319 9.95 18.28 -4.40
C ASP D 319 9.37 18.30 -5.80
N THR D 320 9.57 19.42 -6.48
CA THR D 320 9.09 19.63 -7.83
C THR D 320 10.22 20.25 -8.63
N PRO D 321 10.17 20.15 -9.97
CA PRO D 321 11.15 20.83 -10.80
C PRO D 321 11.07 22.34 -10.64
N PRO D 322 12.14 23.05 -10.95
CA PRO D 322 13.43 22.54 -11.39
C PRO D 322 14.34 22.06 -10.25
N PHE D 323 13.74 21.67 -9.13
CA PHE D 323 14.47 21.17 -7.98
C PHE D 323 15.49 22.21 -7.51
N TYR D 324 14.99 23.40 -7.22
CA TYR D 324 15.84 24.55 -6.90
C TYR D 324 15.09 25.40 -5.88
N SER D 325 15.66 26.57 -5.57
CA SER D 325 15.06 27.47 -4.62
C SER D 325 13.83 28.19 -5.16
N ASN D 326 13.53 28.06 -6.46
CA ASN D 326 12.29 28.62 -7.00
C ASN D 326 11.28 27.54 -7.36
N SER D 327 11.36 26.37 -6.71
CA SER D 327 10.33 25.36 -6.87
C SER D 327 9.03 25.82 -6.23
N THR D 328 7.93 25.31 -6.75
CA THR D 328 6.60 25.59 -6.23
C THR D 328 5.93 24.28 -5.86
N ASN D 329 5.04 24.33 -4.88
CA ASN D 329 4.35 23.14 -4.38
C ASN D 329 5.35 22.05 -4.03
N SER D 330 6.47 22.45 -3.46
CA SER D 330 7.54 21.55 -3.05
C SER D 330 7.70 21.63 -1.54
N PHE D 331 7.47 20.51 -0.85
CA PHE D 331 7.66 20.48 0.59
C PHE D 331 9.08 20.87 0.97
N ARG D 332 10.06 20.40 0.21
CA ARG D 332 11.46 20.73 0.50
C ARG D 332 11.69 22.22 0.41
N ASN D 333 11.32 22.83 -0.71
CA ASN D 333 11.51 24.27 -0.86
C ASN D 333 10.66 25.05 0.13
N THR D 334 9.56 24.48 0.61
CA THR D 334 8.74 25.15 1.60
C THR D 334 9.40 25.12 2.97
N VAL D 335 9.72 23.93 3.47
CA VAL D 335 10.28 23.87 4.81
C VAL D 335 11.64 24.54 4.88
N GLU D 336 12.38 24.54 3.77
CA GLU D 336 13.62 25.31 3.77
C GLU D 336 13.33 26.79 3.87
N GLY D 337 12.24 27.24 3.28
CA GLY D 337 11.77 28.59 3.51
C GLY D 337 11.95 29.58 2.38
N TYR D 338 11.95 29.10 1.14
CA TYR D 338 11.93 29.99 -0.01
C TYR D 338 10.54 30.15 -0.61
N SER D 339 9.64 29.20 -0.36
CA SER D 339 8.22 29.35 -0.61
C SER D 339 7.54 29.73 0.70
N ASP D 340 6.28 30.11 0.61
CA ASP D 340 5.54 30.41 1.82
C ASP D 340 4.99 29.11 2.38
N PRO D 341 4.42 29.14 3.59
CA PRO D 341 3.97 27.88 4.23
C PRO D 341 2.94 27.08 3.47
N THR D 342 2.26 27.64 2.47
CA THR D 342 1.31 26.85 1.70
C THR D 342 1.93 26.22 0.48
N GLY D 343 3.06 26.73 0.01
CA GLY D 343 3.81 26.13 -1.07
C GLY D 343 3.94 27.01 -2.27
N LYS D 344 3.74 28.31 -2.13
CA LYS D 344 3.75 29.22 -3.26
C LYS D 344 5.06 30.00 -3.25
N TYR D 345 5.89 29.78 -4.25
CA TYR D 345 7.15 30.52 -4.33
C TYR D 345 6.88 32.01 -4.51
N ASP D 346 7.79 32.82 -3.99
CA ASP D 346 7.78 34.27 -4.02
C ASP D 346 9.18 34.76 -3.67
N PRO D 347 9.87 35.44 -4.59
CA PRO D 347 11.28 35.77 -4.34
C PRO D 347 11.52 36.66 -3.15
N ALA D 348 10.48 37.27 -2.60
CA ALA D 348 10.63 38.09 -1.40
C ALA D 348 10.47 37.29 -0.13
N VAL D 349 9.73 36.18 -0.18
CA VAL D 349 9.33 35.49 1.05
C VAL D 349 10.52 34.78 1.66
N ARG D 350 10.69 34.96 2.97
CA ARG D 350 11.62 34.20 3.78
C ARG D 350 10.84 33.64 4.95
N SER D 351 10.60 32.34 4.96
CA SER D 351 9.84 31.72 6.05
C SER D 351 10.64 30.57 6.65
N LEU D 352 10.06 29.98 7.68
CA LEU D 352 10.60 28.84 8.42
C LEU D 352 12.12 28.81 8.51
N HIS D 353 12.74 27.69 8.12
CA HIS D 353 14.16 27.48 8.36
C HIS D 353 15.00 28.69 7.99
N ASN D 354 14.80 29.25 6.79
CA ASN D 354 15.57 30.41 6.39
C ASN D 354 15.30 31.60 7.29
N LEU D 355 14.04 31.80 7.66
CA LEU D 355 13.69 32.93 8.49
C LEU D 355 14.33 32.81 9.86
N ALA D 356 14.17 31.65 10.50
CA ALA D 356 14.82 31.41 11.79
C ALA D 356 16.30 31.71 11.71
N HIS D 357 16.93 31.40 10.59
CA HIS D 357 18.31 31.75 10.43
C HIS D 357 18.49 33.25 10.39
N LEU D 358 17.71 33.95 9.58
CA LEU D 358 17.90 35.37 9.38
C LEU D 358 17.41 36.18 10.57
N PHE D 359 16.46 35.65 11.32
CA PHE D 359 16.00 36.28 12.55
C PHE D 359 17.14 36.60 13.51
N LEU D 360 18.21 35.82 13.49
CA LEU D 360 19.30 36.00 14.43
C LEU D 360 20.20 37.15 14.04
N ASN D 361 20.16 37.62 12.80
CA ASN D 361 20.88 38.81 12.37
C ASN D 361 22.33 38.76 12.83
N GLY D 362 23.05 37.81 12.26
CA GLY D 362 24.46 37.70 12.60
C GLY D 362 25.07 36.45 12.03
N THR D 363 26.02 35.89 12.78
CA THR D 363 26.77 34.73 12.29
C THR D 363 25.84 33.61 11.84
N GLY D 364 24.72 33.42 12.53
CA GLY D 364 23.80 32.38 12.14
C GLY D 364 23.05 32.62 10.84
N GLY D 365 23.10 33.84 10.30
CA GLY D 365 22.43 34.15 9.07
C GLY D 365 23.31 34.12 7.84
N GLN D 366 24.57 33.73 7.97
CA GLN D 366 25.51 33.71 6.85
C GLN D 366 25.94 32.28 6.56
N THR D 367 25.74 31.85 5.31
CA THR D 367 25.71 30.44 4.97
C THR D 367 27.07 29.76 5.13
N HIS D 368 28.15 30.49 4.96
CA HIS D 368 29.42 29.82 5.17
C HIS D 368 29.78 29.67 6.63
N LEU D 369 29.10 30.37 7.54
CA LEU D 369 29.48 30.37 8.94
C LEU D 369 28.39 29.93 9.88
N SER D 370 27.18 29.74 9.42
CA SER D 370 26.05 29.62 10.33
C SER D 370 26.18 28.55 11.40
N PRO D 371 26.94 27.47 11.21
CA PRO D 371 27.12 26.54 12.35
C PRO D 371 28.02 27.09 13.47
N ASN D 372 28.78 28.14 13.22
CA ASN D 372 29.58 28.72 14.29
C ASN D 372 28.71 29.15 15.47
N ASP D 373 27.45 29.46 15.22
CA ASP D 373 26.51 29.81 16.27
C ASP D 373 25.77 28.55 16.67
N PRO D 374 25.95 28.05 17.89
CA PRO D 374 25.43 26.73 18.23
C PRO D 374 23.92 26.63 18.23
N ILE D 375 23.20 27.73 18.04
CA ILE D 375 21.77 27.61 17.84
C ILE D 375 21.49 26.76 16.61
N PHE D 376 22.40 26.79 15.63
CA PHE D 376 22.29 25.99 14.41
C PHE D 376 21.86 24.56 14.68
N VAL D 377 22.50 23.93 15.66
CA VAL D 377 22.15 22.56 16.03
C VAL D 377 20.67 22.46 16.39
N LEU D 378 20.17 23.38 17.20
CA LEU D 378 18.80 23.31 17.65
C LEU D 378 17.81 23.75 16.57
N LEU D 379 18.19 24.74 15.77
CA LEU D 379 17.40 25.07 14.60
C LEU D 379 17.26 23.86 13.68
N HIS D 380 18.31 23.07 13.56
CA HIS D 380 18.25 22.03 12.55
C HIS D 380 17.70 20.71 13.04
N THR D 381 17.83 20.41 14.32
CA THR D 381 17.06 19.28 14.83
C THR D 381 15.57 19.54 14.74
N PHE D 382 15.13 20.78 14.92
CA PHE D 382 13.71 21.05 14.78
C PHE D 382 13.28 20.92 13.33
N THR D 383 14.06 21.46 12.39
CA THR D 383 13.81 21.20 10.97
C THR D 383 13.71 19.71 10.70
N ASP D 384 14.67 18.94 11.20
CA ASP D 384 14.66 17.52 10.98
C ASP D 384 13.38 16.87 11.49
N ALA D 385 12.89 17.29 12.66
CA ALA D 385 11.65 16.72 13.15
C ALA D 385 10.49 16.95 12.19
N VAL D 386 10.43 18.13 11.59
CA VAL D 386 9.42 18.41 10.58
C VAL D 386 9.58 17.43 9.42
N PHE D 387 10.81 17.27 8.95
CA PHE D 387 11.12 16.32 7.89
C PHE D 387 10.67 14.92 8.26
N ASP D 388 10.97 14.49 9.47
CA ASP D 388 10.62 13.13 9.86
C ASP D 388 9.13 12.95 10.02
N GLU D 389 8.40 14.01 10.37
CA GLU D 389 6.95 13.88 10.42
C GLU D 389 6.37 13.76 9.01
N TRP D 390 6.88 14.56 8.08
CA TRP D 390 6.46 14.42 6.68
C TRP D 390 6.69 13.00 6.18
N LEU D 391 7.88 12.44 6.45
CA LEU D 391 8.15 11.06 6.06
C LEU D 391 7.15 10.11 6.69
N ARG D 392 6.86 10.27 7.97
CA ARG D 392 5.93 9.36 8.62
C ARG D 392 4.58 9.40 7.93
N ARG D 393 4.16 10.59 7.56
CA ARG D 393 2.78 10.78 7.14
C ARG D 393 2.55 10.53 5.66
N TYR D 394 3.58 10.70 4.83
CA TYR D 394 3.45 10.42 3.40
C TYR D 394 4.15 9.12 3.01
N ASN D 395 4.42 8.24 3.97
CA ASN D 395 4.89 6.89 3.70
C ASN D 395 6.26 6.88 3.01
N ALA D 396 7.11 7.85 3.32
CA ALA D 396 8.48 7.88 2.81
C ALA D 396 8.50 7.85 1.29
N ASP D 397 7.64 8.63 0.66
CA ASP D 397 7.45 8.58 -0.78
C ASP D 397 8.60 9.31 -1.46
N ILE D 398 9.60 8.55 -1.91
CA ILE D 398 10.80 9.11 -2.51
C ILE D 398 10.66 9.40 -4.00
N SER D 399 9.49 9.16 -4.59
CA SER D 399 9.37 9.20 -6.05
C SER D 399 9.70 10.56 -6.64
N THR D 400 9.38 11.64 -5.94
CA THR D 400 9.65 12.98 -6.46
C THR D 400 11.10 13.39 -6.33
N PHE D 401 11.91 12.62 -5.62
CA PHE D 401 13.32 12.95 -5.46
C PHE D 401 14.03 12.60 -6.75
N PRO D 402 14.44 13.59 -7.53
CA PRO D 402 14.92 13.30 -8.88
C PRO D 402 16.18 12.46 -8.86
N LEU D 403 16.27 11.53 -9.82
CA LEU D 403 17.49 10.78 -10.04
C LEU D 403 18.48 11.51 -10.91
N GLU D 404 18.06 12.58 -11.59
CA GLU D 404 18.91 13.31 -12.51
C GLU D 404 18.34 14.69 -12.72
N ASN D 405 19.20 15.61 -13.16
CA ASN D 405 18.89 16.97 -13.57
C ASN D 405 18.72 17.92 -12.40
N ALA D 406 18.88 17.46 -11.16
CA ALA D 406 18.92 18.36 -10.02
C ALA D 406 20.22 19.16 -10.06
N PRO D 407 20.31 20.25 -9.32
CA PRO D 407 21.59 20.97 -9.23
C PRO D 407 22.65 20.02 -8.73
N ILE D 408 23.88 20.23 -9.19
CA ILE D 408 24.92 19.29 -8.85
C ILE D 408 24.98 19.13 -7.36
N GLY D 409 25.01 17.87 -6.91
CA GLY D 409 24.99 17.52 -5.52
C GLY D 409 23.65 17.05 -4.98
N HIS D 410 22.56 17.23 -5.72
CA HIS D 410 21.24 16.89 -5.19
C HIS D 410 20.56 15.74 -5.90
N ASN D 411 21.20 15.11 -6.90
CA ASN D 411 20.66 13.88 -7.47
C ASN D 411 20.52 12.83 -6.38
N ARG D 412 19.50 11.98 -6.51
CA ARG D 412 19.12 11.12 -5.40
C ARG D 412 20.26 10.21 -4.94
N GLN D 413 21.13 9.79 -5.84
CA GLN D 413 22.19 8.85 -5.52
C GLN D 413 23.55 9.52 -5.41
N TYR D 414 23.58 10.84 -5.38
CA TYR D 414 24.79 11.57 -5.05
C TYR D 414 25.28 11.22 -3.65
N ASN D 415 26.60 11.11 -3.50
CA ASN D 415 27.19 10.98 -2.18
C ASN D 415 27.29 12.36 -1.55
N MET D 416 26.64 12.53 -0.39
CA MET D 416 26.52 13.86 0.20
C MET D 416 27.88 14.42 0.56
N VAL D 417 28.12 15.65 0.18
CA VAL D 417 29.42 16.26 0.25
C VAL D 417 29.61 17.07 1.54
N PRO D 418 30.70 16.80 2.27
CA PRO D 418 31.81 15.89 2.08
C PRO D 418 31.90 14.73 3.06
N PHE D 419 30.85 13.95 3.21
CA PHE D 419 30.82 13.00 4.29
C PHE D 419 31.59 11.73 3.94
N TRP D 420 32.19 11.15 4.97
CA TRP D 420 32.91 9.91 4.82
C TRP D 420 32.52 8.93 5.90
N PRO D 421 32.38 7.66 5.54
CA PRO D 421 32.43 7.05 4.21
C PRO D 421 31.26 7.55 3.38
N PRO D 422 31.27 7.30 2.07
CA PRO D 422 30.21 7.83 1.22
C PRO D 422 28.84 7.40 1.71
N VAL D 423 27.91 8.35 1.70
CA VAL D 423 26.53 8.13 2.10
C VAL D 423 25.65 8.88 1.12
N THR D 424 24.63 8.21 0.60
CA THR D 424 23.79 8.80 -0.42
C THR D 424 22.58 9.46 0.21
N ASN D 425 21.96 10.35 -0.55
CA ASN D 425 20.72 10.96 -0.09
C ASN D 425 19.65 9.91 0.17
N THR D 426 19.65 8.83 -0.58
CA THR D 426 18.67 7.78 -0.34
C THR D 426 18.80 7.20 1.05
N GLU D 427 20.02 7.07 1.55
CA GLU D 427 20.22 6.43 2.84
C GLU D 427 19.62 7.22 4.00
N MET D 428 19.37 8.52 3.84
CA MET D 428 18.75 9.32 4.89
C MET D 428 17.24 9.46 4.75
N PHE D 429 16.66 9.09 3.60
CA PHE D 429 15.23 9.29 3.34
C PHE D 429 14.41 8.16 3.96
N VAL D 430 14.55 7.98 5.26
CA VAL D 430 13.88 6.91 5.97
C VAL D 430 13.30 7.47 7.26
N THR D 431 12.23 6.86 7.74
CA THR D 431 11.65 7.29 8.98
C THR D 431 12.64 7.02 10.12
N ALA D 432 12.90 8.04 10.93
CA ALA D 432 14.00 7.95 11.88
C ALA D 432 13.83 6.85 12.93
N PRO D 433 12.68 6.67 13.58
CA PRO D 433 12.66 5.76 14.73
C PRO D 433 12.98 4.33 14.37
N ASP D 434 12.49 3.87 13.23
CA ASP D 434 12.64 2.49 12.83
C ASP D 434 13.98 2.20 12.16
N ASN D 435 14.64 3.20 11.61
CA ASN D 435 15.81 2.96 10.80
C ASN D 435 17.07 3.64 11.30
N LEU D 436 16.98 4.79 11.95
CA LEU D 436 18.16 5.56 12.33
C LEU D 436 18.35 5.63 13.83
N GLY D 437 17.44 5.07 14.62
CA GLY D 437 17.70 4.94 16.03
C GLY D 437 17.34 6.13 16.88
N TYR D 438 16.54 7.07 16.39
CA TYR D 438 16.11 8.18 17.23
C TYR D 438 14.70 8.58 16.86
N THR D 439 14.13 9.43 17.70
CA THR D 439 12.76 9.92 17.51
C THR D 439 12.62 11.22 18.28
N TYR D 440 11.58 11.98 17.95
CA TYR D 440 11.34 13.27 18.56
C TYR D 440 10.18 13.21 19.52
N GLU D 441 10.34 13.84 20.68
CA GLU D 441 9.25 14.06 21.62
C GLU D 441 8.63 15.41 21.26
N ILE D 442 7.54 15.39 20.50
CA ILE D 442 7.01 16.61 19.91
C ILE D 442 5.57 16.37 19.50
N GLN D 443 4.77 17.42 19.53
CA GLN D 443 3.39 17.39 19.07
C GLN D 443 3.15 18.57 18.15
N TRP D 444 2.51 18.30 17.06
CA TRP D 444 2.33 19.23 15.96
C TRP D 444 0.94 19.87 15.99
N PRO D 445 0.81 21.11 15.54
CA PRO D 445 -0.48 21.80 15.66
C PRO D 445 -1.45 21.39 14.57
N SER D 446 -2.73 21.65 14.85
CA SER D 446 -3.81 21.79 13.85
C SER D 446 -5.15 21.91 14.53
#